data_6S0U
#
_entry.id   6S0U
#
_cell.length_a   49.825
_cell.length_b   183.691
_cell.length_c   110.169
_cell.angle_alpha   90.00
_cell.angle_beta   96.55
_cell.angle_gamma   90.00
#
_symmetry.space_group_name_H-M   'P 1 21 1'
#
loop_
_entity.id
_entity.type
_entity.pdbx_description
1 polymer 'Kanamycin B dioxygenase'
2 non-polymer '2-OXOGLUTARIC ACID'
3 non-polymer 'NICKEL (II) ION'
4 non-polymer DI(HYDROXYETHYL)ETHER
5 non-polymer 'CHLORIDE ION'
6 non-polymer 'SODIUM ION'
7 water water
#
_entity_poly.entity_id   1
_entity_poly.type   'polypeptide(L)'
_entity_poly.pdbx_seq_one_letter_code
;NAMALAAPPGELTLALTPDDKTLDPASLDRALAILAEHGILVLTGMLRTRLTDQLRTAMLDDLPEVLRQQDVPTNFVPGH
VQQDPPVRESLLFPDVLLNPVVYQITHAVLGADARNAVYSGNMNLPGSHEQPVHLDEPHLWPGISHPPYCLCVDVPLIDF
TLENGSTEYWPGSHVLNPDECYDERGCVLPAELERRRAVAPPVRFPIPVGSVVIRDGRLWHRGVPNLSAAPRPLLAMTHY
TEWFDMPPIQLPDTVKSWVDGSDRHTHAHFVAGDVDHLT
;
_entity_poly.pdbx_strand_id   A,B,C,D,E,F
#
# COMPACT_ATOMS: atom_id res chain seq x y z
N ALA A 4 -5.96 7.02 -43.65
CA ALA A 4 -4.64 6.35 -43.98
C ALA A 4 -3.47 7.27 -43.60
N LEU A 5 -2.41 6.71 -43.01
CA LEU A 5 -1.21 7.49 -42.60
C LEU A 5 -0.20 7.51 -43.76
N ALA A 6 0.51 8.63 -43.93
CA ALA A 6 1.49 8.89 -45.01
C ALA A 6 2.91 8.56 -44.56
N ALA A 7 3.15 8.48 -43.25
CA ALA A 7 4.48 8.27 -42.64
C ALA A 7 4.31 7.67 -41.24
N PRO A 8 5.40 7.14 -40.63
CA PRO A 8 5.32 6.67 -39.26
C PRO A 8 4.85 7.78 -38.34
N PRO A 9 3.90 7.53 -37.43
CA PRO A 9 3.40 8.58 -36.54
C PRO A 9 4.56 9.14 -35.71
N GLY A 10 4.58 10.46 -35.51
CA GLY A 10 5.60 11.18 -34.74
C GLY A 10 5.80 10.62 -33.35
N GLU A 11 4.69 10.24 -32.68
CA GLU A 11 4.73 9.78 -31.26
C GLU A 11 5.42 8.42 -31.13
N LEU A 12 5.60 7.69 -32.24
CA LEU A 12 6.26 6.35 -32.25
C LEU A 12 7.68 6.44 -32.81
N THR A 13 8.12 7.59 -33.29
CA THR A 13 9.28 7.67 -34.20
C THR A 13 10.42 8.50 -33.58
N LEU A 14 11.65 8.03 -33.79
CA LEU A 14 12.91 8.74 -33.51
C LEU A 14 13.70 8.75 -34.82
N ALA A 15 14.09 9.93 -35.30
CA ALA A 15 14.80 10.10 -36.58
C ALA A 15 16.31 10.08 -36.31
N LEU A 16 17.02 9.14 -36.93
CA LEU A 16 18.51 9.06 -36.86
C LEU A 16 19.10 9.14 -38.26
N THR A 17 20.43 9.14 -38.31
CA THR A 17 21.27 8.94 -39.51
C THR A 17 22.07 7.68 -39.24
N PRO A 18 22.59 6.98 -40.28
CA PRO A 18 23.39 5.77 -40.05
C PRO A 18 24.69 6.04 -39.26
N ASP A 19 25.16 7.29 -39.20
CA ASP A 19 26.38 7.67 -38.46
C ASP A 19 26.13 7.60 -36.94
N ASP A 20 24.88 7.74 -36.50
CA ASP A 20 24.51 7.72 -35.06
C ASP A 20 24.87 6.35 -34.47
N LYS A 21 25.69 6.36 -33.40
CA LYS A 21 26.19 5.17 -32.66
C LYS A 21 25.46 5.04 -31.31
N THR A 22 24.93 6.14 -30.80
CA THR A 22 24.26 6.16 -29.46
C THR A 22 23.24 7.28 -29.45
N LEU A 23 22.13 7.09 -28.75
CA LEU A 23 21.15 8.15 -28.44
C LEU A 23 21.69 8.95 -27.26
N ASP A 24 21.54 10.27 -27.30
CA ASP A 24 21.81 11.17 -26.13
C ASP A 24 20.80 10.79 -25.04
N PRO A 25 21.08 11.13 -23.76
CA PRO A 25 20.20 10.77 -22.66
C PRO A 25 18.71 11.07 -22.86
N ALA A 26 18.38 12.24 -23.44
CA ALA A 26 16.99 12.71 -23.65
C ALA A 26 16.30 11.82 -24.70
N SER A 27 17.01 11.50 -25.79
CA SER A 27 16.53 10.62 -26.87
C SER A 27 16.27 9.21 -26.32
N LEU A 28 17.22 8.67 -25.55
CA LEU A 28 17.07 7.34 -24.93
C LEU A 28 15.83 7.33 -24.03
N ASP A 29 15.69 8.35 -23.18
CA ASP A 29 14.51 8.45 -22.27
C ASP A 29 13.23 8.35 -23.11
N ARG A 30 13.18 9.04 -24.25
CA ARG A 30 11.97 9.11 -25.13
C ARG A 30 11.77 7.73 -25.79
N ALA A 31 12.82 7.10 -26.31
CA ALA A 31 12.76 5.74 -26.89
C ALA A 31 12.12 4.81 -25.87
N LEU A 32 12.57 4.85 -24.61
CA LEU A 32 12.08 3.96 -23.54
C LEU A 32 10.63 4.31 -23.17
N ALA A 33 10.29 5.60 -23.09
CA ALA A 33 8.91 6.04 -22.78
C ALA A 33 7.95 5.50 -23.86
N ILE A 34 8.36 5.58 -25.13
CA ILE A 34 7.56 5.09 -26.30
C ILE A 34 7.38 3.58 -26.21
N LEU A 35 8.48 2.84 -25.98
CA LEU A 35 8.38 1.36 -25.85
C LEU A 35 7.47 0.98 -24.69
N ALA A 36 7.53 1.70 -23.58
CA ALA A 36 6.76 1.37 -22.35
C ALA A 36 5.28 1.68 -22.62
N GLU A 37 4.98 2.84 -23.19
CA GLU A 37 3.57 3.29 -23.38
C GLU A 37 2.95 2.55 -24.56
N HIS A 38 3.63 2.57 -25.71
CA HIS A 38 3.09 2.14 -27.02
C HIS A 38 3.55 0.73 -27.40
N GLY A 39 4.71 0.31 -26.91
CA GLY A 39 5.25 -1.04 -27.15
C GLY A 39 5.78 -1.21 -28.56
N ILE A 40 5.91 -0.10 -29.29
CA ILE A 40 6.49 -0.09 -30.66
C ILE A 40 7.17 1.25 -30.89
N LEU A 41 8.36 1.18 -31.46
CA LEU A 41 9.26 2.33 -31.68
C LEU A 41 9.80 2.18 -33.10
N VAL A 42 9.65 3.22 -33.91
CA VAL A 42 10.21 3.28 -35.30
C VAL A 42 11.45 4.18 -35.30
N LEU A 43 12.58 3.62 -35.66
CA LEU A 43 13.88 4.34 -35.84
C LEU A 43 14.11 4.50 -37.33
N THR A 44 13.99 5.71 -37.87
CA THR A 44 14.27 6.01 -39.29
C THR A 44 15.76 6.33 -39.46
N GLY A 45 16.30 5.98 -40.63
CA GLY A 45 17.62 6.40 -41.11
C GLY A 45 18.73 5.69 -40.37
N MET A 46 18.56 4.39 -40.10
CA MET A 46 19.49 3.59 -39.26
C MET A 46 20.52 2.90 -40.16
N LEU A 47 20.07 2.27 -41.24
CA LEU A 47 20.88 1.32 -42.05
C LEU A 47 21.19 1.93 -43.43
N ARG A 48 22.43 1.78 -43.89
CA ARG A 48 22.87 2.25 -45.22
C ARG A 48 22.22 1.39 -46.31
N THR A 49 22.00 2.01 -47.47
CA THR A 49 21.37 1.42 -48.67
C THR A 49 22.19 0.19 -49.10
N ARG A 50 23.51 0.25 -48.99
CA ARG A 50 24.42 -0.83 -49.40
C ARG A 50 24.10 -2.11 -48.64
N LEU A 51 23.75 -2.03 -47.34
CA LEU A 51 23.42 -3.24 -46.53
C LEU A 51 22.04 -3.77 -46.96
N THR A 52 21.04 -2.88 -47.02
CA THR A 52 19.64 -3.29 -47.26
C THR A 52 19.51 -3.84 -48.69
N ASP A 53 20.20 -3.23 -49.66
CA ASP A 53 20.24 -3.73 -51.06
C ASP A 53 20.74 -5.18 -51.07
N GLN A 54 21.83 -5.46 -50.37
CA GLN A 54 22.48 -6.81 -50.41
C GLN A 54 21.55 -7.85 -49.77
N LEU A 55 20.91 -7.49 -48.65
CA LEU A 55 20.03 -8.43 -47.91
C LEU A 55 18.75 -8.67 -48.69
N ARG A 56 18.19 -7.61 -49.29
CA ARG A 56 16.99 -7.70 -50.16
C ARG A 56 17.29 -8.65 -51.31
N THR A 57 18.39 -8.42 -52.03
CA THR A 57 18.76 -9.23 -53.24
C THR A 57 18.86 -10.69 -52.80
N ALA A 58 19.52 -10.94 -51.67
CA ALA A 58 19.82 -12.32 -51.22
C ALA A 58 18.49 -13.03 -50.90
N MET A 59 17.56 -12.35 -50.22
CA MET A 59 16.27 -12.97 -49.81
C MET A 59 15.39 -13.21 -51.05
N LEU A 60 15.34 -12.27 -52.00
CA LEU A 60 14.58 -12.46 -53.26
C LEU A 60 15.20 -13.60 -54.08
N ASP A 61 16.52 -13.69 -54.14
CA ASP A 61 17.24 -14.78 -54.86
C ASP A 61 16.92 -16.14 -54.22
N ASP A 62 16.70 -16.19 -52.91
CA ASP A 62 16.47 -17.44 -52.14
C ASP A 62 14.99 -17.86 -52.20
N LEU A 63 14.08 -16.94 -52.51
CA LEU A 63 12.62 -17.20 -52.43
C LEU A 63 12.22 -18.43 -53.26
N PRO A 64 12.68 -18.62 -54.52
CA PRO A 64 12.31 -19.81 -55.30
C PRO A 64 12.65 -21.13 -54.61
N GLU A 65 13.84 -21.23 -53.99
CA GLU A 65 14.24 -22.45 -53.24
C GLU A 65 13.25 -22.67 -52.09
N VAL A 66 12.86 -21.61 -51.40
CA VAL A 66 11.86 -21.69 -50.29
C VAL A 66 10.51 -22.21 -50.82
N LEU A 67 10.07 -21.71 -51.98
CA LEU A 67 8.74 -22.04 -52.55
C LEU A 67 8.71 -23.48 -53.06
N ARG A 68 9.86 -24.08 -53.43
CA ARG A 68 9.85 -25.46 -54.01
C ARG A 68 10.02 -26.50 -52.90
N GLN A 69 10.12 -26.11 -51.63
CA GLN A 69 10.23 -27.08 -50.49
C GLN A 69 8.91 -27.84 -50.38
N GLN A 70 9.00 -29.08 -49.88
CA GLN A 70 7.88 -30.05 -49.72
C GLN A 70 6.75 -29.38 -48.93
N ASP A 71 7.10 -28.78 -47.78
CA ASP A 71 6.16 -28.00 -46.94
C ASP A 71 6.67 -26.57 -46.87
N VAL A 72 6.02 -25.63 -47.58
CA VAL A 72 6.41 -24.19 -47.55
C VAL A 72 5.99 -23.66 -46.18
N PRO A 73 6.93 -23.17 -45.33
CA PRO A 73 6.59 -22.83 -43.97
C PRO A 73 5.84 -21.49 -44.00
N THR A 74 4.57 -21.47 -43.62
CA THR A 74 3.69 -20.28 -43.76
C THR A 74 3.16 -19.92 -42.38
N ASN A 75 3.01 -18.62 -42.15
CA ASN A 75 2.62 -18.05 -40.83
C ASN A 75 1.11 -17.81 -40.88
N PHE A 76 0.34 -18.76 -40.30
CA PHE A 76 -1.12 -18.65 -40.06
C PHE A 76 -1.94 -18.82 -41.34
N VAL A 77 -1.63 -18.07 -42.39
CA VAL A 77 -2.47 -18.00 -43.63
C VAL A 77 -1.60 -17.94 -44.88
N PRO A 78 -2.16 -18.32 -46.05
CA PRO A 78 -1.40 -18.31 -47.29
C PRO A 78 -0.70 -16.97 -47.58
N GLY A 79 0.53 -17.04 -48.07
CA GLY A 79 1.28 -15.90 -48.62
C GLY A 79 2.22 -15.27 -47.59
N HIS A 80 2.16 -15.67 -46.32
CA HIS A 80 3.08 -15.19 -45.23
C HIS A 80 4.16 -16.25 -44.97
N VAL A 81 5.27 -16.14 -45.69
CA VAL A 81 6.30 -17.22 -45.74
C VAL A 81 7.38 -16.94 -44.70
N GLN A 82 7.74 -17.92 -43.89
CA GLN A 82 8.92 -17.84 -42.98
C GLN A 82 10.15 -18.07 -43.87
N GLN A 83 11.09 -17.14 -43.89
CA GLN A 83 12.35 -17.30 -44.67
C GLN A 83 13.52 -16.70 -43.88
N ASP A 84 14.51 -17.53 -43.57
CA ASP A 84 15.76 -17.09 -42.89
C ASP A 84 16.64 -16.42 -43.95
N PRO A 85 17.20 -15.23 -43.67
CA PRO A 85 18.20 -14.64 -44.52
C PRO A 85 19.45 -15.48 -44.43
N PRO A 86 20.37 -15.42 -45.42
CA PRO A 86 21.58 -16.22 -45.38
C PRO A 86 22.47 -15.86 -44.17
N VAL A 87 23.17 -16.86 -43.66
CA VAL A 87 24.23 -16.71 -42.63
C VAL A 87 25.57 -17.08 -43.26
N ARG A 88 25.76 -16.69 -44.52
CA ARG A 88 27.10 -16.59 -45.18
C ARG A 88 27.83 -15.38 -44.61
N GLU A 89 29.15 -15.49 -44.42
CA GLU A 89 29.97 -14.40 -43.82
C GLU A 89 29.74 -13.07 -44.55
N SER A 90 29.69 -13.08 -45.89
CA SER A 90 29.54 -11.88 -46.77
C SER A 90 28.20 -11.16 -46.55
N LEU A 91 27.20 -11.79 -45.91
CA LEU A 91 25.86 -11.16 -45.67
C LEU A 91 25.56 -11.01 -44.17
N LEU A 92 26.58 -11.15 -43.31
CA LEU A 92 26.41 -10.92 -41.86
C LEU A 92 27.13 -9.63 -41.50
N PHE A 93 26.35 -8.59 -41.23
CA PHE A 93 26.83 -7.20 -41.08
C PHE A 93 26.72 -6.79 -39.61
N PRO A 94 27.83 -6.36 -38.97
CA PRO A 94 27.76 -5.86 -37.59
C PRO A 94 26.64 -4.84 -37.36
N ASP A 95 26.38 -3.92 -38.32
CA ASP A 95 25.34 -2.86 -38.11
C ASP A 95 23.93 -3.44 -38.14
N VAL A 96 23.77 -4.70 -38.58
CA VAL A 96 22.48 -5.42 -38.60
C VAL A 96 22.41 -6.33 -37.37
N LEU A 97 23.37 -7.23 -37.18
CA LEU A 97 23.34 -8.20 -36.03
C LEU A 97 23.55 -7.48 -34.70
N LEU A 98 24.47 -6.51 -34.68
CA LEU A 98 25.01 -5.88 -33.44
C LEU A 98 24.86 -4.36 -33.56
N ASN A 99 23.67 -3.89 -33.90
CA ASN A 99 23.48 -2.43 -34.11
C ASN A 99 23.67 -1.75 -32.76
N PRO A 100 24.54 -0.72 -32.68
CA PRO A 100 24.82 -0.07 -31.39
C PRO A 100 23.58 0.63 -30.82
N VAL A 101 22.74 1.23 -31.66
CA VAL A 101 21.54 1.96 -31.16
C VAL A 101 20.55 0.93 -30.65
N VAL A 102 20.34 -0.13 -31.42
CA VAL A 102 19.35 -1.21 -31.07
C VAL A 102 19.75 -1.75 -29.68
N TYR A 103 21.02 -2.10 -29.50
CA TYR A 103 21.48 -2.72 -28.24
C TYR A 103 21.49 -1.69 -27.11
N GLN A 104 21.75 -0.42 -27.40
CA GLN A 104 21.62 0.63 -26.36
C GLN A 104 20.19 0.55 -25.81
N ILE A 105 19.19 0.39 -26.68
CA ILE A 105 17.77 0.38 -26.24
C ILE A 105 17.47 -0.93 -25.50
N THR A 106 17.86 -2.07 -26.07
CA THR A 106 17.51 -3.40 -25.50
C THR A 106 18.24 -3.57 -24.16
N HIS A 107 19.50 -3.13 -24.05
CA HIS A 107 20.22 -3.18 -22.76
C HIS A 107 19.45 -2.37 -21.69
N ALA A 108 18.96 -1.19 -22.04
CA ALA A 108 18.24 -0.30 -21.11
C ALA A 108 16.91 -0.93 -20.70
N VAL A 109 16.25 -1.64 -21.62
CA VAL A 109 14.89 -2.21 -21.32
C VAL A 109 15.07 -3.53 -20.60
N LEU A 110 15.91 -4.42 -21.14
CA LEU A 110 15.96 -5.86 -20.75
C LEU A 110 17.22 -6.16 -19.94
N GLY A 111 18.22 -5.26 -19.88
CA GLY A 111 19.43 -5.46 -19.06
C GLY A 111 20.62 -5.84 -19.90
N ALA A 112 21.82 -5.72 -19.32
CA ALA A 112 23.14 -5.86 -19.97
C ALA A 112 23.31 -7.25 -20.59
N ASP A 113 22.60 -8.26 -20.07
CA ASP A 113 22.78 -9.67 -20.49
C ASP A 113 21.69 -10.09 -21.48
N ALA A 114 20.86 -9.16 -21.92
CA ALA A 114 19.91 -9.40 -23.04
C ALA A 114 20.69 -9.91 -24.25
N ARG A 115 20.12 -10.81 -25.03
CA ARG A 115 20.82 -11.46 -26.15
C ARG A 115 19.87 -11.60 -27.33
N ASN A 116 20.39 -11.36 -28.53
CA ASN A 116 19.70 -11.75 -29.76
C ASN A 116 19.68 -13.28 -29.86
N ALA A 117 18.50 -13.88 -30.04
CA ALA A 117 18.38 -15.34 -30.25
C ALA A 117 17.60 -15.65 -31.52
N VAL A 118 17.31 -14.66 -32.38
CA VAL A 118 16.62 -14.94 -33.67
C VAL A 118 17.30 -14.15 -34.80
N TYR A 119 17.55 -14.84 -35.91
CA TYR A 119 17.98 -14.24 -37.18
C TYR A 119 17.15 -14.91 -38.28
N SER A 120 15.96 -14.37 -38.49
CA SER A 120 14.96 -14.97 -39.40
C SER A 120 14.36 -13.88 -40.31
N GLY A 121 13.17 -14.12 -40.85
CA GLY A 121 12.55 -13.16 -41.78
C GLY A 121 11.19 -13.63 -42.25
N ASN A 122 10.47 -12.73 -42.86
CA ASN A 122 9.06 -12.89 -43.31
C ASN A 122 8.96 -12.37 -44.74
N MET A 123 8.68 -13.26 -45.69
CA MET A 123 8.43 -12.92 -47.12
C MET A 123 6.92 -12.85 -47.32
N ASN A 124 6.38 -11.65 -47.49
CA ASN A 124 4.93 -11.42 -47.70
C ASN A 124 4.67 -11.41 -49.23
N LEU A 125 4.00 -12.43 -49.76
CA LEU A 125 3.87 -12.66 -51.23
C LEU A 125 2.71 -11.86 -51.80
N PRO A 126 2.81 -11.43 -53.07
CA PRO A 126 1.64 -10.88 -53.76
C PRO A 126 0.40 -11.79 -53.68
N GLY A 127 -0.73 -11.21 -53.26
CA GLY A 127 -2.03 -11.85 -53.05
C GLY A 127 -2.16 -12.56 -51.72
N SER A 128 -1.25 -12.28 -50.78
CA SER A 128 -1.26 -12.90 -49.43
C SER A 128 -2.59 -12.57 -48.74
N HIS A 129 -2.98 -13.42 -47.79
CA HIS A 129 -4.20 -13.27 -46.95
C HIS A 129 -3.89 -12.42 -45.72
N GLU A 130 -4.92 -12.16 -44.93
CA GLU A 130 -4.85 -11.38 -43.67
C GLU A 130 -4.55 -12.37 -42.53
N GLN A 131 -3.43 -12.17 -41.85
CA GLN A 131 -3.10 -12.97 -40.65
C GLN A 131 -4.09 -12.61 -39.56
N PRO A 132 -4.41 -13.52 -38.64
CA PRO A 132 -5.12 -13.15 -37.42
C PRO A 132 -4.19 -12.27 -36.57
N VAL A 133 -4.79 -11.37 -35.80
CA VAL A 133 -4.01 -10.58 -34.81
C VAL A 133 -3.45 -11.53 -33.76
N HIS A 134 -2.16 -11.41 -33.48
CA HIS A 134 -1.42 -12.34 -32.60
C HIS A 134 -0.30 -11.60 -31.89
N LEU A 135 0.25 -12.24 -30.86
CA LEU A 135 1.58 -11.85 -30.32
C LEU A 135 2.58 -12.93 -30.69
N ASP A 136 3.80 -12.52 -31.00
CA ASP A 136 4.91 -13.46 -31.38
C ASP A 136 5.42 -14.16 -30.13
N GLU A 137 5.37 -13.52 -28.96
CA GLU A 137 5.84 -14.15 -27.68
C GLU A 137 4.81 -13.90 -26.59
N PRO A 138 4.46 -14.94 -25.82
CA PRO A 138 3.39 -14.84 -24.84
C PRO A 138 3.80 -14.11 -23.56
N HIS A 139 2.80 -13.67 -22.79
CA HIS A 139 2.94 -13.37 -21.35
C HIS A 139 3.41 -14.65 -20.65
N LEU A 140 4.16 -14.53 -19.55
CA LEU A 140 4.84 -15.71 -18.94
C LEU A 140 3.92 -16.43 -17.97
N TRP A 141 2.87 -15.75 -17.48
CA TRP A 141 1.79 -16.36 -16.67
C TRP A 141 0.48 -15.70 -17.09
N PRO A 142 -0.63 -16.46 -17.11
CA PRO A 142 -1.93 -15.89 -17.44
C PRO A 142 -2.40 -14.94 -16.33
N GLY A 143 -2.98 -13.78 -16.71
CA GLY A 143 -3.65 -12.83 -15.79
C GLY A 143 -2.69 -12.05 -14.91
N ILE A 144 -1.41 -11.98 -15.30
CA ILE A 144 -0.34 -11.26 -14.57
C ILE A 144 0.23 -10.14 -15.44
N SER A 145 0.35 -8.94 -14.88
CA SER A 145 1.10 -7.80 -15.47
C SER A 145 2.57 -7.97 -15.13
N HIS A 146 3.42 -8.08 -16.14
CA HIS A 146 4.89 -8.13 -15.91
C HIS A 146 5.59 -7.35 -16.99
N PRO A 147 6.83 -6.92 -16.74
CA PRO A 147 7.63 -6.17 -17.70
C PRO A 147 8.01 -7.03 -18.88
N PRO A 148 8.54 -6.39 -19.95
CA PRO A 148 8.94 -7.10 -21.15
C PRO A 148 10.06 -8.06 -20.82
N TYR A 149 10.10 -9.17 -21.54
CA TYR A 149 11.26 -10.09 -21.55
C TYR A 149 11.83 -10.23 -22.96
N CYS A 150 11.24 -9.58 -23.96
CA CYS A 150 11.79 -9.69 -25.33
C CYS A 150 11.37 -8.51 -26.21
N LEU A 151 12.24 -8.18 -27.14
CA LEU A 151 12.04 -7.07 -28.08
C LEU A 151 12.32 -7.61 -29.47
N CYS A 152 11.31 -7.61 -30.32
CA CYS A 152 11.43 -7.94 -31.76
C CYS A 152 12.05 -6.72 -32.46
N VAL A 153 13.03 -7.00 -33.31
CA VAL A 153 13.77 -5.99 -34.10
C VAL A 153 13.48 -6.32 -35.58
N ASP A 154 12.66 -5.48 -36.21
CA ASP A 154 12.15 -5.69 -37.58
C ASP A 154 12.92 -4.77 -38.52
N VAL A 155 13.46 -5.34 -39.59
CA VAL A 155 14.27 -4.60 -40.61
C VAL A 155 13.58 -4.78 -41.96
N PRO A 156 12.76 -3.80 -42.40
CA PRO A 156 12.20 -3.82 -43.75
C PRO A 156 13.34 -3.83 -44.76
N LEU A 157 13.27 -4.67 -45.81
CA LEU A 157 14.33 -4.72 -46.84
C LEU A 157 13.90 -4.04 -48.14
N ILE A 158 12.65 -3.54 -48.21
CA ILE A 158 12.20 -2.55 -49.22
C ILE A 158 11.37 -1.51 -48.48
N ASP A 159 11.00 -0.42 -49.16
CA ASP A 159 9.99 0.54 -48.67
C ASP A 159 8.71 -0.26 -48.44
N PHE A 160 8.24 -0.26 -47.21
CA PHE A 160 6.94 -0.87 -46.79
C PHE A 160 5.89 0.19 -47.04
N THR A 161 4.81 -0.16 -47.74
CA THR A 161 3.69 0.76 -48.06
C THR A 161 2.39 0.14 -47.53
N LEU A 162 1.30 0.91 -47.55
CA LEU A 162 -0.03 0.34 -47.20
C LEU A 162 -0.38 -0.73 -48.24
N GLU A 163 0.07 -0.53 -49.47
CA GLU A 163 -0.16 -1.46 -50.61
C GLU A 163 0.58 -2.78 -50.39
N ASN A 164 1.86 -2.80 -50.01
CA ASN A 164 2.70 -4.02 -50.14
C ASN A 164 2.82 -4.78 -48.81
N GLY A 165 2.00 -4.44 -47.81
CA GLY A 165 1.84 -5.24 -46.59
C GLY A 165 2.68 -4.76 -45.41
N SER A 166 2.81 -3.45 -45.24
CA SER A 166 3.28 -2.87 -43.97
C SER A 166 2.43 -3.48 -42.84
N THR A 167 3.09 -3.96 -41.78
CA THR A 167 2.49 -4.74 -40.68
C THR A 167 1.48 -3.86 -39.93
N GLU A 168 0.33 -4.42 -39.54
CA GLU A 168 -0.60 -3.71 -38.63
C GLU A 168 -0.14 -3.90 -37.19
N TYR A 169 -0.05 -2.80 -36.44
CA TYR A 169 0.43 -2.77 -35.03
C TYR A 169 -0.68 -2.20 -34.15
N TRP A 170 -0.85 -2.80 -32.98
CA TRP A 170 -1.84 -2.38 -31.96
C TRP A 170 -1.13 -1.67 -30.81
N PRO A 171 -1.00 -0.33 -30.86
CA PRO A 171 -0.27 0.41 -29.84
C PRO A 171 -0.82 0.15 -28.44
N GLY A 172 0.08 -0.06 -27.47
CA GLY A 172 -0.26 -0.23 -26.05
C GLY A 172 -0.73 -1.62 -25.72
N SER A 173 -0.85 -2.52 -26.70
CA SER A 173 -1.47 -3.86 -26.49
C SER A 173 -0.53 -4.79 -25.72
N HIS A 174 0.77 -4.46 -25.67
CA HIS A 174 1.80 -5.34 -25.10
C HIS A 174 1.63 -5.58 -23.57
N VAL A 175 0.94 -4.69 -22.87
CA VAL A 175 0.73 -4.82 -21.40
C VAL A 175 -0.58 -5.56 -21.09
N LEU A 176 -1.40 -5.89 -22.09
CA LEU A 176 -2.74 -6.50 -21.86
C LEU A 176 -2.54 -8.00 -21.67
N ASN A 177 -3.09 -8.59 -20.63
CA ASN A 177 -3.00 -10.06 -20.43
C ASN A 177 -4.27 -10.58 -19.75
N PRO A 178 -5.46 -10.40 -20.38
CA PRO A 178 -6.71 -10.80 -19.73
C PRO A 178 -6.86 -12.32 -19.86
N ASP A 179 -7.70 -12.93 -19.02
CA ASP A 179 -7.83 -14.41 -18.96
C ASP A 179 -8.46 -14.91 -20.26
N GLU A 180 -7.96 -16.02 -20.80
CA GLU A 180 -8.58 -16.82 -21.91
C GLU A 180 -8.56 -16.06 -23.25
N CYS A 181 -7.71 -15.05 -23.38
CA CYS A 181 -7.79 -14.10 -24.53
CA CYS A 181 -7.70 -14.03 -24.46
C CYS A 181 -6.74 -14.45 -25.59
N TYR A 182 -5.77 -15.33 -25.27
CA TYR A 182 -4.76 -15.82 -26.25
C TYR A 182 -4.85 -17.33 -26.39
N ASP A 183 -4.90 -17.84 -27.62
CA ASP A 183 -5.01 -19.30 -27.87
C ASP A 183 -3.59 -19.88 -27.88
N GLU A 184 -3.43 -21.19 -28.11
CA GLU A 184 -2.11 -21.88 -28.09
C GLU A 184 -1.22 -21.38 -29.25
N ARG A 185 -1.77 -20.70 -30.27
CA ARG A 185 -0.94 -20.14 -31.38
C ARG A 185 -0.57 -18.68 -31.09
N GLY A 186 -0.96 -18.13 -29.95
CA GLY A 186 -0.72 -16.71 -29.66
C GLY A 186 -1.69 -15.78 -30.36
N CYS A 187 -2.78 -16.27 -30.95
CA CYS A 187 -3.81 -15.41 -31.57
C CYS A 187 -4.72 -14.78 -30.51
N VAL A 188 -5.05 -13.50 -30.71
CA VAL A 188 -5.90 -12.73 -29.79
C VAL A 188 -7.35 -13.04 -30.18
N LEU A 189 -8.17 -13.34 -29.18
CA LEU A 189 -9.62 -13.56 -29.38
C LEU A 189 -10.26 -12.34 -30.06
N PRO A 190 -11.09 -12.56 -31.11
CA PRO A 190 -11.77 -11.46 -31.80
C PRO A 190 -12.57 -10.55 -30.87
N ALA A 191 -13.23 -11.07 -29.86
CA ALA A 191 -14.03 -10.26 -28.89
C ALA A 191 -13.08 -9.29 -28.16
N GLU A 192 -11.87 -9.74 -27.83
CA GLU A 192 -10.88 -8.90 -27.12
C GLU A 192 -10.33 -7.82 -28.07
N LEU A 193 -10.09 -8.17 -29.33
CA LEU A 193 -9.69 -7.18 -30.38
C LEU A 193 -10.73 -6.05 -30.44
N GLU A 194 -12.02 -6.36 -30.56
CA GLU A 194 -13.09 -5.37 -30.77
C GLU A 194 -13.19 -4.48 -29.52
N ARG A 195 -13.08 -5.07 -28.32
CA ARG A 195 -13.02 -4.30 -27.05
C ARG A 195 -11.85 -3.31 -27.10
N ARG A 196 -10.68 -3.77 -27.50
CA ARG A 196 -9.44 -2.95 -27.49
C ARG A 196 -9.56 -1.88 -28.57
N ARG A 197 -10.12 -2.23 -29.73
CA ARG A 197 -10.21 -1.31 -30.91
C ARG A 197 -10.97 -0.05 -30.50
N ALA A 198 -12.01 -0.14 -29.68
CA ALA A 198 -12.80 1.02 -29.21
C ALA A 198 -11.92 1.98 -28.38
N VAL A 199 -10.96 1.45 -27.62
CA VAL A 199 -10.13 2.22 -26.65
C VAL A 199 -8.83 2.71 -27.33
N ALA A 200 -8.23 1.92 -28.22
CA ALA A 200 -6.94 2.21 -28.88
C ALA A 200 -6.84 1.41 -30.17
N PRO A 201 -7.33 1.96 -31.30
CA PRO A 201 -7.37 1.19 -32.55
C PRO A 201 -5.99 0.92 -33.12
N PRO A 202 -5.85 -0.09 -33.99
CA PRO A 202 -4.57 -0.36 -34.65
C PRO A 202 -4.15 0.76 -35.61
N VAL A 203 -2.87 0.78 -35.95
CA VAL A 203 -2.28 1.71 -36.95
C VAL A 203 -1.49 0.91 -37.97
N ARG A 204 -1.37 1.48 -39.15
CA ARG A 204 -0.59 0.91 -40.25
C ARG A 204 -0.03 2.09 -41.03
N PHE A 205 1.25 2.03 -41.37
CA PHE A 205 1.94 3.20 -41.96
C PHE A 205 3.09 2.71 -42.83
N PRO A 206 3.46 3.52 -43.84
CA PRO A 206 4.66 3.24 -44.63
C PRO A 206 5.90 3.30 -43.71
N ILE A 207 6.86 2.43 -43.99
CA ILE A 207 8.18 2.43 -43.30
C ILE A 207 9.22 2.34 -44.41
N PRO A 208 10.05 3.39 -44.57
CA PRO A 208 11.10 3.39 -45.56
C PRO A 208 12.19 2.37 -45.22
N VAL A 209 12.74 1.75 -46.26
CA VAL A 209 13.93 0.87 -46.13
C VAL A 209 15.04 1.69 -45.46
N GLY A 210 15.77 1.09 -44.53
CA GLY A 210 16.77 1.79 -43.71
C GLY A 210 16.25 2.06 -42.32
N SER A 211 14.95 1.91 -42.11
CA SER A 211 14.31 1.99 -40.77
C SER A 211 14.51 0.68 -40.01
N VAL A 212 14.41 0.76 -38.69
CA VAL A 212 14.37 -0.39 -37.77
C VAL A 212 13.17 -0.19 -36.85
N VAL A 213 12.33 -1.22 -36.73
CA VAL A 213 11.19 -1.23 -35.77
C VAL A 213 11.62 -2.08 -34.56
N ILE A 214 11.50 -1.52 -33.36
CA ILE A 214 11.68 -2.28 -32.10
C ILE A 214 10.32 -2.35 -31.45
N ARG A 215 9.89 -3.54 -31.06
CA ARG A 215 8.56 -3.68 -30.44
C ARG A 215 8.60 -4.81 -29.42
N ASP A 216 7.82 -4.61 -28.38
CA ASP A 216 7.62 -5.67 -27.36
C ASP A 216 7.17 -6.93 -28.10
N GLY A 217 7.76 -8.07 -27.76
CA GLY A 217 7.42 -9.38 -28.37
C GLY A 217 5.96 -9.72 -28.14
N ARG A 218 5.33 -9.06 -27.16
CA ARG A 218 3.93 -9.33 -26.76
C ARG A 218 2.96 -8.38 -27.45
N LEU A 219 3.45 -7.45 -28.28
CA LEU A 219 2.59 -6.49 -29.01
C LEU A 219 1.67 -7.26 -29.96
N TRP A 220 0.38 -6.94 -29.93
CA TRP A 220 -0.56 -7.48 -30.92
C TRP A 220 -0.21 -6.87 -32.29
N HIS A 221 -0.17 -7.69 -33.32
CA HIS A 221 0.11 -7.23 -34.71
C HIS A 221 -0.45 -8.26 -35.68
N ARG A 222 -0.47 -7.95 -36.97
CA ARG A 222 -0.81 -8.96 -38.01
C ARG A 222 -0.17 -8.55 -39.31
N GLY A 223 0.36 -9.53 -40.03
CA GLY A 223 0.62 -9.40 -41.46
C GLY A 223 -0.69 -9.17 -42.19
N VAL A 224 -0.65 -8.32 -43.21
CA VAL A 224 -1.85 -8.03 -44.05
C VAL A 224 -1.49 -8.29 -45.51
N PRO A 225 -2.49 -8.32 -46.40
CA PRO A 225 -2.24 -8.63 -47.81
C PRO A 225 -1.19 -7.70 -48.42
N ASN A 226 -0.29 -8.31 -49.18
CA ASN A 226 0.60 -7.62 -50.13
C ASN A 226 -0.14 -7.53 -51.47
N LEU A 227 -0.60 -6.33 -51.81
CA LEU A 227 -1.41 -6.03 -53.02
C LEU A 227 -0.51 -5.46 -54.10
N SER A 228 0.80 -5.54 -53.93
CA SER A 228 1.80 -5.11 -54.95
C SER A 228 2.10 -6.32 -55.82
N ALA A 229 2.92 -6.13 -56.85
CA ALA A 229 3.30 -7.18 -57.83
C ALA A 229 4.58 -7.90 -57.38
N ALA A 230 5.14 -7.56 -56.20
CA ALA A 230 6.49 -8.00 -55.80
C ALA A 230 6.47 -8.50 -54.36
N PRO A 231 7.22 -9.59 -54.05
CA PRO A 231 7.38 -10.05 -52.66
C PRO A 231 7.99 -8.96 -51.77
N ARG A 232 7.50 -8.84 -50.54
CA ARG A 232 7.91 -7.81 -49.54
C ARG A 232 8.72 -8.51 -48.46
N PRO A 233 10.07 -8.44 -48.52
CA PRO A 233 10.92 -9.08 -47.51
C PRO A 233 11.16 -8.26 -46.23
N LEU A 234 11.02 -8.94 -45.09
CA LEU A 234 11.32 -8.41 -43.74
C LEU A 234 12.41 -9.30 -43.10
N LEU A 235 13.46 -8.70 -42.55
CA LEU A 235 14.46 -9.44 -41.72
C LEU A 235 14.06 -9.24 -40.26
N ALA A 236 14.06 -10.31 -39.48
CA ALA A 236 13.51 -10.36 -38.10
C ALA A 236 14.56 -10.85 -37.12
N MET A 237 14.78 -10.08 -36.05
CA MET A 237 15.60 -10.51 -34.89
C MET A 237 14.76 -10.35 -33.63
N THR A 238 15.12 -11.05 -32.56
CA THR A 238 14.46 -10.90 -31.25
C THR A 238 15.51 -10.97 -30.16
N HIS A 239 15.54 -9.93 -29.33
CA HIS A 239 16.34 -9.82 -28.09
C HIS A 239 15.51 -10.33 -26.92
N TYR A 240 16.08 -11.19 -26.11
CA TYR A 240 15.44 -11.80 -24.93
C TYR A 240 16.29 -11.57 -23.69
N THR A 241 15.67 -11.47 -22.53
CA THR A 241 16.39 -11.56 -21.25
C THR A 241 17.18 -12.87 -21.29
N GLU A 242 18.31 -12.90 -20.59
CA GLU A 242 19.27 -14.02 -20.63
C GLU A 242 18.61 -15.30 -20.13
N TRP A 243 17.62 -15.18 -19.24
CA TRP A 243 17.01 -16.34 -18.54
C TRP A 243 15.89 -16.97 -19.36
N PHE A 244 15.50 -16.42 -20.51
CA PHE A 244 14.44 -17.02 -21.36
C PHE A 244 15.07 -18.06 -22.30
N ASP A 245 14.60 -19.29 -22.24
CA ASP A 245 15.22 -20.42 -22.99
C ASP A 245 14.89 -20.27 -24.48
N MET A 246 15.92 -20.27 -25.31
CA MET A 246 15.81 -20.22 -26.80
C MET A 246 16.95 -21.06 -27.36
N PRO A 247 16.73 -21.79 -28.48
CA PRO A 247 17.83 -22.48 -29.13
C PRO A 247 18.76 -21.43 -29.74
N PRO A 248 20.07 -21.73 -29.87
CA PRO A 248 21.00 -20.74 -30.42
C PRO A 248 20.81 -20.56 -31.94
N ILE A 249 21.20 -19.39 -32.44
CA ILE A 249 21.37 -19.11 -33.90
C ILE A 249 22.63 -19.83 -34.36
N GLN A 250 22.54 -20.63 -35.41
CA GLN A 250 23.69 -21.29 -36.07
C GLN A 250 24.39 -20.24 -36.95
N LEU A 251 25.66 -19.98 -36.70
CA LEU A 251 26.49 -19.02 -37.46
C LEU A 251 27.80 -19.71 -37.85
N PRO A 252 28.41 -19.31 -38.99
CA PRO A 252 29.71 -19.83 -39.38
C PRO A 252 30.77 -19.34 -38.38
N ASP A 253 31.73 -20.19 -38.02
CA ASP A 253 32.79 -19.83 -37.05
C ASP A 253 33.67 -18.71 -37.64
N THR A 254 33.56 -18.43 -38.94
CA THR A 254 34.24 -17.27 -39.57
C THR A 254 33.79 -15.93 -38.96
N VAL A 255 32.62 -15.82 -38.32
CA VAL A 255 32.15 -14.54 -37.69
C VAL A 255 32.28 -14.60 -36.18
N LYS A 256 32.76 -15.71 -35.62
CA LYS A 256 32.99 -15.84 -34.16
C LYS A 256 33.88 -14.69 -33.68
N SER A 257 34.94 -14.36 -34.43
CA SER A 257 35.92 -13.33 -34.03
C SER A 257 35.17 -12.05 -33.60
N TRP A 258 34.13 -11.61 -34.35
CA TRP A 258 33.42 -10.32 -34.08
C TRP A 258 32.07 -10.52 -33.36
N VAL A 259 31.45 -11.69 -33.45
CA VAL A 259 30.14 -11.93 -32.75
C VAL A 259 30.42 -12.27 -31.27
N ASP A 260 31.25 -13.27 -31.01
CA ASP A 260 31.51 -13.78 -29.63
C ASP A 260 32.43 -12.75 -28.97
N GLY A 261 32.18 -12.40 -27.70
CA GLY A 261 33.04 -11.47 -26.95
C GLY A 261 32.62 -10.01 -27.07
N SER A 262 31.67 -9.68 -27.97
CA SER A 262 30.97 -8.37 -27.97
C SER A 262 30.16 -8.23 -26.66
N ASP A 263 30.02 -7.02 -26.13
CA ASP A 263 29.04 -6.69 -25.07
C ASP A 263 27.61 -6.61 -25.65
N ARG A 264 27.44 -6.78 -26.97
CA ARG A 264 26.13 -6.94 -27.63
C ARG A 264 25.95 -8.45 -27.85
N HIS A 265 25.29 -9.12 -26.91
CA HIS A 265 25.31 -10.59 -26.83
C HIS A 265 24.38 -11.16 -27.90
N THR A 266 24.80 -12.30 -28.42
CA THR A 266 24.07 -13.18 -29.32
C THR A 266 24.11 -14.58 -28.73
N HIS A 267 22.96 -15.26 -28.67
CA HIS A 267 22.90 -16.70 -28.34
C HIS A 267 23.20 -17.47 -29.63
N ALA A 268 24.48 -17.80 -29.84
CA ALA A 268 25.00 -18.34 -31.11
C ALA A 268 25.69 -19.68 -30.88
N HIS A 269 25.55 -20.58 -31.84
CA HIS A 269 26.37 -21.80 -31.97
C HIS A 269 27.22 -21.64 -33.23
N PHE A 270 28.54 -21.61 -33.09
CA PHE A 270 29.47 -21.40 -34.23
C PHE A 270 29.82 -22.77 -34.80
N VAL A 271 29.72 -22.84 -36.13
CA VAL A 271 29.77 -24.11 -36.92
C VAL A 271 31.01 -24.03 -37.79
N ALA A 272 31.75 -25.14 -37.90
CA ALA A 272 32.99 -25.25 -38.72
C ALA A 272 32.69 -25.12 -40.22
N GLY A 273 31.66 -25.78 -40.73
CA GLY A 273 31.37 -25.75 -42.18
C GLY A 273 30.57 -24.53 -42.58
N ASP A 274 29.89 -24.64 -43.72
CA ASP A 274 28.76 -23.76 -44.15
C ASP A 274 27.50 -24.11 -43.35
N VAL A 275 26.67 -23.12 -43.08
CA VAL A 275 25.34 -23.32 -42.44
C VAL A 275 24.28 -23.20 -43.54
N ASP A 276 23.43 -24.21 -43.68
CA ASP A 276 22.31 -24.24 -44.68
C ASP A 276 21.03 -23.70 -44.00
N HIS A 277 20.76 -22.40 -44.19
CA HIS A 277 19.67 -21.59 -43.59
C HIS A 277 18.26 -22.00 -44.09
N LEU A 278 18.11 -22.55 -45.31
CA LEU A 278 16.76 -22.79 -45.92
C LEU A 278 16.23 -24.20 -45.55
N THR A 279 17.12 -25.19 -45.51
CA THR A 279 16.83 -26.59 -45.06
C THR A 279 17.17 -26.70 -43.57
N ALA B 4 10.43 -44.83 42.13
CA ALA B 4 9.96 -43.42 41.93
C ALA B 4 10.49 -42.86 40.60
N LEU B 5 9.64 -42.13 39.85
CA LEU B 5 10.02 -41.63 38.50
C LEU B 5 10.69 -40.24 38.62
N ALA B 6 11.66 -39.97 37.73
CA ALA B 6 12.46 -38.72 37.67
C ALA B 6 11.83 -37.72 36.69
N ALA B 7 10.97 -38.17 35.78
CA ALA B 7 10.39 -37.32 34.70
C ALA B 7 9.09 -37.92 34.20
N PRO B 8 8.26 -37.16 33.43
CA PRO B 8 7.08 -37.73 32.81
C PRO B 8 7.49 -38.90 31.92
N PRO B 9 6.79 -40.05 31.99
CA PRO B 9 7.16 -41.19 31.16
C PRO B 9 7.09 -40.80 29.67
N GLY B 10 8.03 -41.26 28.85
CA GLY B 10 8.09 -40.99 27.41
C GLY B 10 6.82 -41.41 26.69
N GLU B 11 6.19 -42.51 27.10
CA GLU B 11 4.99 -43.12 26.47
C GLU B 11 3.77 -42.20 26.69
N LEU B 12 3.83 -41.26 27.65
CA LEU B 12 2.73 -40.31 27.93
C LEU B 12 3.03 -38.90 27.39
N THR B 13 4.22 -38.66 26.85
CA THR B 13 4.76 -37.29 26.74
C THR B 13 5.01 -36.92 25.29
N LEU B 14 4.67 -35.68 24.93
CA LEU B 14 5.06 -34.98 23.68
C LEU B 14 5.79 -33.72 24.09
N ALA B 15 7.06 -33.57 23.66
CA ALA B 15 7.91 -32.43 24.04
C ALA B 15 7.73 -31.33 23.00
N LEU B 16 7.28 -30.15 23.43
CA LEU B 16 7.04 -28.99 22.57
C LEU B 16 7.88 -27.83 23.06
N THR B 17 7.81 -26.74 22.31
CA THR B 17 8.33 -25.40 22.65
C THR B 17 7.10 -24.49 22.63
N PRO B 18 7.15 -23.33 23.31
CA PRO B 18 6.02 -22.40 23.26
C PRO B 18 5.74 -21.84 21.86
N ASP B 19 6.70 -21.92 20.96
CA ASP B 19 6.58 -21.41 19.55
C ASP B 19 5.70 -22.36 18.75
N ASP B 20 5.58 -23.63 19.14
CA ASP B 20 4.74 -24.63 18.43
C ASP B 20 3.26 -24.21 18.52
N LYS B 21 2.60 -24.01 17.36
CA LYS B 21 1.19 -23.54 17.27
C LYS B 21 0.28 -24.69 16.86
N THR B 22 0.78 -25.63 16.06
CA THR B 22 -0.04 -26.79 15.61
C THR B 22 0.90 -27.97 15.41
N LEU B 23 0.45 -29.16 15.81
CA LEU B 23 1.19 -30.41 15.68
C LEU B 23 1.07 -30.87 14.22
N ASP B 24 2.15 -31.37 13.63
CA ASP B 24 2.11 -32.04 12.31
C ASP B 24 1.24 -33.27 12.45
N PRO B 25 0.67 -33.81 11.33
CA PRO B 25 -0.23 -34.95 11.43
C PRO B 25 0.28 -36.14 12.22
N ALA B 26 1.58 -36.49 12.11
CA ALA B 26 2.18 -37.65 12.83
C ALA B 26 2.22 -37.38 14.34
N SER B 27 2.59 -36.17 14.75
CA SER B 27 2.61 -35.73 16.18
C SER B 27 1.19 -35.80 16.77
N LEU B 28 0.22 -35.22 16.05
CA LEU B 28 -1.21 -35.23 16.47
C LEU B 28 -1.67 -36.68 16.61
N ASP B 29 -1.39 -37.54 15.64
CA ASP B 29 -1.76 -38.98 15.68
C ASP B 29 -1.25 -39.58 17.00
N ARG B 30 -0.01 -39.27 17.39
CA ARG B 30 0.63 -39.84 18.62
C ARG B 30 -0.07 -39.26 19.87
N ALA B 31 -0.31 -37.94 19.91
CA ALA B 31 -1.06 -37.30 21.00
C ALA B 31 -2.39 -38.04 21.21
N LEU B 32 -3.13 -38.28 20.12
CA LEU B 32 -4.47 -38.92 20.18
C LEU B 32 -4.34 -40.39 20.56
N ALA B 33 -3.32 -41.11 20.07
CA ALA B 33 -3.12 -42.54 20.42
C ALA B 33 -2.90 -42.64 21.94
N ILE B 34 -2.11 -41.72 22.50
CA ILE B 34 -1.79 -41.67 23.96
C ILE B 34 -3.08 -41.38 24.75
N LEU B 35 -3.84 -40.37 24.34
CA LEU B 35 -5.11 -40.05 25.04
C LEU B 35 -6.07 -41.22 24.99
N ALA B 36 -6.15 -41.93 23.85
CA ALA B 36 -7.11 -43.04 23.68
C ALA B 36 -6.68 -44.21 24.58
N GLU B 37 -5.39 -44.56 24.55
CA GLU B 37 -4.90 -45.78 25.26
C GLU B 37 -4.79 -45.50 26.76
N HIS B 38 -4.12 -44.39 27.12
CA HIS B 38 -3.71 -44.08 28.51
C HIS B 38 -4.66 -43.07 29.17
N GLY B 39 -5.33 -42.24 28.37
CA GLY B 39 -6.31 -41.26 28.88
C GLY B 39 -5.65 -40.09 29.58
N ILE B 40 -4.34 -39.97 29.45
CA ILE B 40 -3.54 -38.84 29.97
C ILE B 40 -2.36 -38.62 29.02
N LEU B 41 -2.13 -37.34 28.72
CA LEU B 41 -1.08 -36.87 27.80
C LEU B 41 -0.38 -35.68 28.45
N VAL B 42 0.94 -35.72 28.54
CA VAL B 42 1.76 -34.62 29.09
C VAL B 42 2.45 -33.90 27.94
N LEU B 43 2.19 -32.60 27.81
CA LEU B 43 2.79 -31.70 26.80
C LEU B 43 3.76 -30.80 27.53
N THR B 44 5.07 -31.02 27.40
CA THR B 44 6.10 -30.20 28.07
C THR B 44 6.45 -29.01 27.18
N GLY B 45 6.80 -27.89 27.80
CA GLY B 45 7.35 -26.71 27.09
C GLY B 45 6.31 -25.99 26.28
N MET B 46 5.08 -25.87 26.77
CA MET B 46 3.93 -25.24 26.04
C MET B 46 3.84 -23.75 26.34
N LEU B 47 4.00 -23.37 27.61
CA LEU B 47 3.72 -21.99 28.10
C LEU B 47 5.03 -21.28 28.48
N ARG B 48 5.12 -20.00 28.12
CA ARG B 48 6.29 -19.15 28.46
C ARG B 48 6.29 -18.87 29.97
N THR B 49 7.47 -18.67 30.54
CA THR B 49 7.71 -18.27 31.95
C THR B 49 6.90 -17.01 32.29
N ARG B 50 6.83 -16.05 31.38
CA ARG B 50 6.08 -14.77 31.57
C ARG B 50 4.62 -15.08 31.99
N LEU B 51 3.99 -16.11 31.40
CA LEU B 51 2.56 -16.42 31.67
C LEU B 51 2.49 -17.14 33.02
N THR B 52 3.29 -18.17 33.22
CA THR B 52 3.18 -19.04 34.42
C THR B 52 3.59 -18.25 35.65
N ASP B 53 4.61 -17.39 35.56
CA ASP B 53 5.03 -16.52 36.68
C ASP B 53 3.86 -15.63 37.10
N GLN B 54 3.16 -15.02 36.13
CA GLN B 54 2.08 -14.04 36.43
C GLN B 54 0.92 -14.76 37.11
N LEU B 55 0.58 -15.96 36.62
CA LEU B 55 -0.59 -16.73 37.13
C LEU B 55 -0.27 -17.25 38.53
N ARG B 56 0.95 -17.74 38.70
CA ARG B 56 1.45 -18.23 40.01
C ARG B 56 1.36 -17.08 41.03
N THR B 57 1.95 -15.93 40.70
CA THR B 57 1.98 -14.74 41.61
C THR B 57 0.55 -14.39 41.98
N ALA B 58 -0.36 -14.36 41.03
CA ALA B 58 -1.74 -13.88 41.25
C ALA B 58 -2.45 -14.86 42.19
N MET B 59 -2.28 -16.15 41.97
CA MET B 59 -2.97 -17.18 42.81
C MET B 59 -2.36 -17.19 44.24
N LEU B 60 -1.06 -17.03 44.40
CA LEU B 60 -0.43 -16.96 45.75
C LEU B 60 -0.88 -15.67 46.43
N ASP B 61 -0.97 -14.55 45.71
CA ASP B 61 -1.46 -13.26 46.25
C ASP B 61 -2.91 -13.39 46.74
N ASP B 62 -3.71 -14.24 46.08
CA ASP B 62 -5.16 -14.41 46.37
C ASP B 62 -5.37 -15.43 47.51
N LEU B 63 -4.38 -16.29 47.78
CA LEU B 63 -4.56 -17.45 48.72
C LEU B 63 -5.05 -16.96 50.09
N PRO B 64 -4.48 -15.88 50.69
CA PRO B 64 -4.94 -15.38 51.98
C PRO B 64 -6.43 -15.07 52.02
N GLU B 65 -6.96 -14.41 50.97
CA GLU B 65 -8.40 -14.05 50.90
C GLU B 65 -9.20 -15.35 50.88
N VAL B 66 -8.74 -16.38 50.15
CA VAL B 66 -9.45 -17.69 50.12
C VAL B 66 -9.46 -18.32 51.54
N LEU B 67 -8.33 -18.25 52.23
CA LEU B 67 -8.15 -18.93 53.55
C LEU B 67 -8.94 -18.22 54.65
N ARG B 68 -9.24 -16.92 54.51
CA ARG B 68 -9.99 -16.20 55.57
C ARG B 68 -11.50 -16.26 55.33
N GLN B 69 -11.98 -16.96 54.32
CA GLN B 69 -13.44 -17.18 54.13
C GLN B 69 -13.96 -18.09 55.27
N GLN B 70 -15.23 -17.91 55.64
CA GLN B 70 -15.91 -18.56 56.80
C GLN B 70 -15.78 -20.09 56.65
N ASP B 71 -16.12 -20.59 55.46
CA ASP B 71 -15.99 -22.02 55.06
C ASP B 71 -15.03 -22.08 53.87
N VAL B 72 -13.80 -22.56 54.10
CA VAL B 72 -12.79 -22.66 53.01
C VAL B 72 -13.22 -23.82 52.12
N PRO B 73 -13.47 -23.59 50.81
CA PRO B 73 -13.93 -24.65 49.93
C PRO B 73 -12.77 -25.63 49.65
N THR B 74 -12.92 -26.88 50.04
CA THR B 74 -11.88 -27.92 49.84
C THR B 74 -12.40 -29.03 48.92
N ASN B 75 -11.49 -29.68 48.21
CA ASN B 75 -11.76 -30.85 47.34
C ASN B 75 -11.51 -32.13 48.15
N PHE B 76 -12.58 -32.71 48.69
CA PHE B 76 -12.61 -34.01 49.40
C PHE B 76 -12.00 -33.89 50.82
N VAL B 77 -10.77 -33.39 50.94
CA VAL B 77 -9.98 -33.53 52.20
C VAL B 77 -9.23 -32.25 52.53
N PRO B 78 -8.84 -32.05 53.80
CA PRO B 78 -8.08 -30.87 54.18
C PRO B 78 -6.83 -30.64 53.32
N GLY B 79 -6.58 -29.38 53.00
CA GLY B 79 -5.34 -28.92 52.34
C GLY B 79 -5.47 -28.87 50.81
N HIS B 80 -6.55 -29.41 50.24
CA HIS B 80 -6.86 -29.34 48.79
C HIS B 80 -7.91 -28.26 48.57
N VAL B 81 -7.46 -27.02 48.33
CA VAL B 81 -8.33 -25.82 48.32
C VAL B 81 -8.78 -25.56 46.88
N GLN B 82 -10.08 -25.36 46.68
CA GLN B 82 -10.62 -24.88 45.38
CA GLN B 82 -10.61 -24.88 45.37
C GLN B 82 -10.32 -23.38 45.30
N GLN B 83 -9.57 -22.96 44.28
CA GLN B 83 -9.24 -21.54 44.10
C GLN B 83 -9.29 -21.20 42.61
N ASP B 84 -10.19 -20.31 42.22
CA ASP B 84 -10.28 -19.79 40.83
C ASP B 84 -9.19 -18.76 40.64
N PRO B 85 -8.42 -18.84 39.54
CA PRO B 85 -7.48 -17.80 39.18
C PRO B 85 -8.29 -16.57 38.80
N PRO B 86 -7.70 -15.38 38.86
CA PRO B 86 -8.42 -14.14 38.53
C PRO B 86 -8.91 -14.15 37.08
N VAL B 87 -10.04 -13.49 36.87
CA VAL B 87 -10.59 -13.18 35.53
C VAL B 87 -10.55 -11.66 35.35
N ARG B 88 -9.46 -11.02 35.78
CA ARG B 88 -9.13 -9.64 35.34
C ARG B 88 -8.52 -9.71 33.94
N GLU B 89 -8.81 -8.75 33.07
CA GLU B 89 -8.30 -8.69 31.67
C GLU B 89 -6.79 -8.94 31.63
N SER B 90 -6.00 -8.31 32.50
CA SER B 90 -4.50 -8.38 32.46
C SER B 90 -3.99 -9.80 32.81
N LEU B 91 -4.82 -10.70 33.35
CA LEU B 91 -4.42 -12.10 33.67
C LEU B 91 -5.18 -13.13 32.85
N LEU B 92 -5.87 -12.70 31.78
CA LEU B 92 -6.53 -13.65 30.85
C LEU B 92 -5.73 -13.66 29.55
N PHE B 93 -5.02 -14.75 29.31
CA PHE B 93 -4.01 -14.88 28.24
C PHE B 93 -4.54 -15.82 27.15
N PRO B 94 -4.61 -15.38 25.88
CA PRO B 94 -5.03 -16.25 24.79
C PRO B 94 -4.29 -17.60 24.77
N ASP B 95 -2.99 -17.63 25.06
CA ASP B 95 -2.20 -18.88 24.96
C ASP B 95 -2.54 -19.82 26.13
N VAL B 96 -3.31 -19.37 27.13
CA VAL B 96 -3.81 -20.23 28.25
C VAL B 96 -5.27 -20.59 27.98
N LEU B 97 -6.15 -19.61 27.78
CA LEU B 97 -7.61 -19.87 27.58
C LEU B 97 -7.85 -20.55 26.24
N LEU B 98 -7.15 -20.12 25.20
CA LEU B 98 -7.40 -20.49 23.78
C LEU B 98 -6.10 -21.05 23.19
N ASN B 99 -5.45 -21.99 23.88
CA ASN B 99 -4.15 -22.52 23.39
C ASN B 99 -4.40 -23.24 22.08
N PRO B 100 -3.66 -22.91 21.00
CA PRO B 100 -3.93 -23.53 19.69
C PRO B 100 -3.65 -25.04 19.72
N VAL B 101 -2.62 -25.49 20.42
CA VAL B 101 -2.27 -26.95 20.45
C VAL B 101 -3.35 -27.68 21.26
N VAL B 102 -3.77 -27.12 22.38
CA VAL B 102 -4.81 -27.73 23.25
C VAL B 102 -6.06 -27.93 22.41
N TYR B 103 -6.52 -26.88 21.74
CA TYR B 103 -7.78 -26.94 20.96
C TYR B 103 -7.60 -27.80 19.71
N GLN B 104 -6.40 -27.85 19.12
CA GLN B 104 -6.14 -28.80 18.01
C GLN B 104 -6.47 -30.21 18.52
N ILE B 105 -6.05 -30.54 19.74
CA ILE B 105 -6.25 -31.92 20.30
C ILE B 105 -7.72 -32.09 20.67
N THR B 106 -8.33 -31.13 21.36
CA THR B 106 -9.73 -31.26 21.84
C THR B 106 -10.68 -31.28 20.63
N HIS B 107 -10.45 -30.45 19.63
CA HIS B 107 -11.25 -30.48 18.37
C HIS B 107 -11.21 -31.89 17.75
N ALA B 108 -10.02 -32.49 17.67
CA ALA B 108 -9.82 -33.82 17.07
C ALA B 108 -10.54 -34.89 17.89
N VAL B 109 -10.53 -34.76 19.21
CA VAL B 109 -11.12 -35.80 20.10
C VAL B 109 -12.63 -35.57 20.20
N LEU B 110 -13.04 -34.35 20.50
CA LEU B 110 -14.43 -34.02 20.94
C LEU B 110 -15.23 -33.30 19.82
N GLY B 111 -14.56 -32.84 18.75
CA GLY B 111 -15.23 -32.14 17.63
C GLY B 111 -15.08 -30.64 17.70
N ALA B 112 -15.39 -29.96 16.58
CA ALA B 112 -15.17 -28.53 16.33
C ALA B 112 -15.97 -27.68 17.32
N ASP B 113 -17.05 -28.24 17.88
CA ASP B 113 -17.96 -27.48 18.77
C ASP B 113 -17.65 -27.71 20.26
N ALA B 114 -16.56 -28.44 20.56
CA ALA B 114 -16.09 -28.60 21.94
C ALA B 114 -15.85 -27.21 22.52
N ARG B 115 -16.12 -27.03 23.82
CA ARG B 115 -16.04 -25.71 24.48
C ARG B 115 -15.39 -25.87 25.83
N ASN B 116 -14.50 -24.94 26.17
CA ASN B 116 -14.02 -24.80 27.56
C ASN B 116 -15.17 -24.28 28.42
N ALA B 117 -15.49 -24.96 29.53
CA ALA B 117 -16.51 -24.49 30.49
C ALA B 117 -15.95 -24.41 31.90
N VAL B 118 -14.65 -24.52 32.09
CA VAL B 118 -14.05 -24.37 33.46
C VAL B 118 -12.80 -23.50 33.36
N TYR B 119 -12.73 -22.54 34.28
CA TYR B 119 -11.51 -21.74 34.52
C TYR B 119 -11.34 -21.66 36.03
N SER B 120 -10.72 -22.69 36.59
CA SER B 120 -10.62 -22.87 38.06
C SER B 120 -9.20 -23.28 38.44
N GLY B 121 -9.03 -23.83 39.62
CA GLY B 121 -7.69 -24.15 40.14
C GLY B 121 -7.77 -24.90 41.47
N ASN B 122 -6.64 -25.48 41.83
CA ASN B 122 -6.45 -26.37 42.99
C ASN B 122 -5.17 -25.94 43.68
N MET B 123 -5.28 -25.33 44.87
CA MET B 123 -4.11 -24.91 45.69
C MET B 123 -3.88 -26.01 46.72
N ASN B 124 -2.80 -26.77 46.56
CA ASN B 124 -2.44 -27.92 47.41
C ASN B 124 -1.51 -27.39 48.50
N LEU B 125 -1.97 -27.31 49.75
CA LEU B 125 -1.25 -26.64 50.85
C LEU B 125 -0.24 -27.59 51.51
N PRO B 126 0.88 -27.04 52.04
CA PRO B 126 1.78 -27.84 52.87
C PRO B 126 1.00 -28.57 53.99
N GLY B 127 1.25 -29.88 54.11
CA GLY B 127 0.66 -30.77 55.11
C GLY B 127 -0.67 -31.35 54.69
N SER B 128 -1.04 -31.18 53.42
CA SER B 128 -2.38 -31.59 52.91
C SER B 128 -2.53 -33.13 53.10
N HIS B 129 -3.77 -33.59 53.16
CA HIS B 129 -4.14 -35.03 53.20
C HIS B 129 -4.18 -35.62 51.76
N GLU B 130 -4.35 -36.92 51.66
CA GLU B 130 -4.55 -37.65 50.41
C GLU B 130 -6.05 -37.66 50.07
N GLN B 131 -6.36 -37.17 48.86
CA GLN B 131 -7.72 -37.26 48.30
C GLN B 131 -7.99 -38.74 48.03
N PRO B 132 -9.26 -39.17 48.07
CA PRO B 132 -9.63 -40.49 47.56
C PRO B 132 -9.43 -40.53 46.06
N VAL B 133 -9.09 -41.69 45.49
CA VAL B 133 -9.08 -41.86 44.01
C VAL B 133 -10.49 -41.62 43.47
N HIS B 134 -10.61 -40.79 42.44
CA HIS B 134 -11.91 -40.35 41.88
C HIS B 134 -11.78 -40.07 40.39
N LEU B 135 -12.92 -39.94 39.71
CA LEU B 135 -12.97 -39.27 38.39
C LEU B 135 -13.67 -37.93 38.57
N ASP B 136 -13.22 -36.91 37.86
CA ASP B 136 -13.78 -35.54 37.93
C ASP B 136 -15.13 -35.51 37.20
N GLU B 137 -15.31 -36.32 36.17
CA GLU B 137 -16.58 -36.34 35.39
C GLU B 137 -16.99 -37.79 35.14
N PRO B 138 -18.29 -38.12 35.34
CA PRO B 138 -18.76 -39.49 35.31
C PRO B 138 -18.92 -40.03 33.90
N HIS B 139 -19.01 -41.35 33.79
CA HIS B 139 -19.62 -42.03 32.61
C HIS B 139 -21.08 -41.58 32.52
N LEU B 140 -21.65 -41.53 31.32
CA LEU B 140 -22.99 -40.93 31.09
C LEU B 140 -24.10 -41.96 31.31
N TRP B 141 -23.78 -43.24 31.23
CA TRP B 141 -24.71 -44.33 31.56
C TRP B 141 -23.95 -45.43 32.29
N PRO B 142 -24.56 -46.09 33.30
CA PRO B 142 -23.83 -47.12 34.05
C PRO B 142 -23.65 -48.37 33.17
N GLY B 143 -22.49 -49.01 33.19
CA GLY B 143 -22.26 -50.33 32.55
C GLY B 143 -22.08 -50.24 31.04
N ILE B 144 -21.84 -49.04 30.50
CA ILE B 144 -21.77 -48.75 29.05
C ILE B 144 -20.40 -48.16 28.70
N SER B 145 -19.78 -48.68 27.64
CA SER B 145 -18.56 -48.08 27.01
C SER B 145 -19.01 -46.99 26.06
N HIS B 146 -18.55 -45.77 26.27
CA HIS B 146 -18.80 -44.67 25.30
C HIS B 146 -17.55 -43.82 25.16
N PRO B 147 -17.45 -43.05 24.06
CA PRO B 147 -16.28 -42.21 23.81
C PRO B 147 -16.20 -41.08 24.83
N PRO B 148 -15.06 -40.36 24.85
CA PRO B 148 -14.87 -39.24 25.76
C PRO B 148 -15.86 -38.14 25.41
N TYR B 149 -16.33 -37.41 26.41
CA TYR B 149 -17.14 -36.17 26.20
C TYR B 149 -16.45 -34.98 26.88
N CYS B 150 -15.31 -35.20 27.57
CA CYS B 150 -14.60 -34.06 28.19
C CYS B 150 -13.12 -34.35 28.38
N LEU B 151 -12.34 -33.29 28.29
CA LEU B 151 -10.88 -33.35 28.48
C LEU B 151 -10.50 -32.26 29.48
N CYS B 152 -9.99 -32.69 30.64
CA CYS B 152 -9.39 -31.77 31.64
C CYS B 152 -8.03 -31.32 31.15
N VAL B 153 -7.78 -30.02 31.30
CA VAL B 153 -6.53 -29.34 30.87
C VAL B 153 -5.91 -28.76 32.14
N ASP B 154 -4.85 -29.39 32.61
CA ASP B 154 -4.19 -29.07 33.89
C ASP B 154 -2.93 -28.28 33.59
N VAL B 155 -2.78 -27.12 34.23
CA VAL B 155 -1.62 -26.21 34.02
C VAL B 155 -0.92 -26.03 35.37
N PRO B 156 0.17 -26.77 35.64
CA PRO B 156 0.97 -26.56 36.84
C PRO B 156 1.53 -25.13 36.80
N LEU B 157 1.50 -24.41 37.93
CA LEU B 157 2.04 -23.04 38.00
C LEU B 157 3.37 -22.99 38.73
N ILE B 158 3.86 -24.12 39.25
CA ILE B 158 5.28 -24.33 39.66
C ILE B 158 5.69 -25.71 39.17
N ASP B 159 6.98 -26.02 39.26
CA ASP B 159 7.49 -27.39 39.04
C ASP B 159 6.77 -28.29 40.05
N PHE B 160 6.04 -29.27 39.55
CA PHE B 160 5.36 -30.31 40.35
C PHE B 160 6.41 -31.39 40.58
N THR B 161 6.59 -31.79 41.83
CA THR B 161 7.56 -32.83 42.25
C THR B 161 6.80 -33.93 42.98
N LEU B 162 7.42 -35.07 43.23
CA LEU B 162 6.77 -36.11 44.06
C LEU B 162 6.55 -35.53 45.45
N GLU B 163 7.46 -34.66 45.90
CA GLU B 163 7.41 -34.03 47.24
C GLU B 163 6.22 -33.06 47.33
N ASN B 164 5.96 -32.20 46.35
CA ASN B 164 5.01 -31.07 46.55
C ASN B 164 3.62 -31.36 46.02
N GLY B 165 3.31 -32.61 45.68
CA GLY B 165 1.93 -33.05 45.38
C GLY B 165 1.59 -33.16 43.91
N SER B 166 2.53 -33.58 43.08
CA SER B 166 2.23 -34.00 41.68
C SER B 166 1.12 -35.06 41.75
N THR B 167 0.09 -34.91 40.94
CA THR B 167 -1.18 -35.68 40.97
C THR B 167 -0.90 -37.14 40.66
N GLU B 168 -1.54 -38.06 41.36
CA GLU B 168 -1.48 -39.50 41.01
C GLU B 168 -2.47 -39.81 39.90
N TYR B 169 -2.03 -40.49 38.84
CA TYR B 169 -2.88 -40.81 37.66
C TYR B 169 -2.90 -42.34 37.48
N TRP B 170 -4.05 -42.89 37.15
CA TRP B 170 -4.28 -44.31 36.84
C TRP B 170 -4.43 -44.49 35.32
N PRO B 171 -3.33 -44.77 34.59
CA PRO B 171 -3.40 -44.84 33.14
C PRO B 171 -4.40 -45.92 32.67
N GLY B 172 -5.13 -45.61 31.63
CA GLY B 172 -6.09 -46.54 31.00
C GLY B 172 -7.41 -46.62 31.76
N SER B 173 -7.56 -45.96 32.91
CA SER B 173 -8.74 -46.09 33.80
C SER B 173 -9.96 -45.39 33.19
N HIS B 174 -9.77 -44.50 32.23
CA HIS B 174 -10.85 -43.63 31.68
C HIS B 174 -11.93 -44.45 30.95
N VAL B 175 -11.59 -45.64 30.45
CA VAL B 175 -12.54 -46.49 29.68
C VAL B 175 -13.22 -47.50 30.61
N LEU B 176 -12.87 -47.56 31.90
CA LEU B 176 -13.47 -48.54 32.83
C LEU B 176 -14.83 -47.99 33.28
N ASN B 177 -15.89 -48.76 33.20
CA ASN B 177 -17.22 -48.35 33.76
C ASN B 177 -17.94 -49.57 34.35
N PRO B 178 -17.37 -50.21 35.39
CA PRO B 178 -17.98 -51.39 35.98
C PRO B 178 -19.16 -50.93 36.85
N ASP B 179 -20.10 -51.84 37.14
CA ASP B 179 -21.30 -51.51 37.93
C ASP B 179 -20.86 -51.22 39.37
N GLU B 180 -21.46 -50.22 40.02
CA GLU B 180 -21.51 -50.04 41.49
C GLU B 180 -20.14 -49.61 42.05
N CYS B 181 -19.20 -49.16 41.21
CA CYS B 181 -17.79 -48.97 41.60
C CYS B 181 -17.52 -47.48 41.83
N TYR B 182 -18.41 -46.59 41.36
CA TYR B 182 -18.23 -45.12 41.53
C TYR B 182 -19.39 -44.56 42.34
N ASP B 183 -19.09 -43.85 43.42
CA ASP B 183 -20.15 -43.39 44.35
C ASP B 183 -20.65 -42.02 43.87
N GLU B 184 -21.55 -41.35 44.58
CA GLU B 184 -22.14 -40.04 44.17
C GLU B 184 -21.07 -38.94 44.17
N ARG B 185 -19.91 -39.14 44.82
CA ARG B 185 -18.79 -38.15 44.81
C ARG B 185 -17.85 -38.41 43.61
N GLY B 186 -18.10 -39.46 42.83
CA GLY B 186 -17.19 -39.88 41.75
C GLY B 186 -16.00 -40.64 42.28
N CYS B 187 -16.02 -41.08 43.53
CA CYS B 187 -14.90 -41.82 44.16
C CYS B 187 -14.93 -43.29 43.75
N VAL B 188 -13.74 -43.84 43.51
CA VAL B 188 -13.59 -45.26 43.09
C VAL B 188 -13.59 -46.13 44.34
N LEU B 189 -14.40 -47.18 44.32
CA LEU B 189 -14.46 -48.20 45.37
C LEU B 189 -13.07 -48.80 45.61
N PRO B 190 -12.64 -48.94 46.88
CA PRO B 190 -11.34 -49.57 47.19
C PRO B 190 -11.15 -50.94 46.56
N ALA B 191 -12.18 -51.78 46.53
CA ALA B 191 -12.18 -53.12 45.89
C ALA B 191 -11.76 -52.99 44.42
N GLU B 192 -12.27 -51.98 43.73
CA GLU B 192 -12.02 -51.76 42.30
C GLU B 192 -10.62 -51.22 42.09
N LEU B 193 -10.13 -50.37 42.99
CA LEU B 193 -8.71 -49.91 42.99
C LEU B 193 -7.78 -51.13 43.03
N GLU B 194 -7.95 -52.03 43.98
CA GLU B 194 -7.02 -53.18 44.20
C GLU B 194 -7.09 -54.09 42.96
N ARG B 195 -8.29 -54.33 42.40
CA ARG B 195 -8.46 -55.12 41.15
C ARG B 195 -7.64 -54.46 40.02
N ARG B 196 -7.77 -53.15 39.87
CA ARG B 196 -7.14 -52.41 38.75
C ARG B 196 -5.63 -52.39 38.97
N ARG B 197 -5.19 -52.19 40.22
CA ARG B 197 -3.77 -52.01 40.57
C ARG B 197 -2.97 -53.23 40.10
N ALA B 198 -3.53 -54.43 40.20
CA ALA B 198 -2.86 -55.69 39.75
C ALA B 198 -2.60 -55.65 38.23
N VAL B 199 -3.48 -55.04 37.44
CA VAL B 199 -3.43 -55.03 35.94
C VAL B 199 -2.66 -53.81 35.43
N ALA B 200 -2.84 -52.64 36.04
CA ALA B 200 -2.27 -51.35 35.59
C ALA B 200 -2.16 -50.38 36.77
N PRO B 201 -1.05 -50.43 37.53
CA PRO B 201 -0.92 -49.61 38.74
C PRO B 201 -0.83 -48.12 38.42
N PRO B 202 -1.12 -47.23 39.38
CA PRO B 202 -0.98 -45.79 39.18
C PRO B 202 0.46 -45.34 38.95
N VAL B 203 0.62 -44.14 38.39
CA VAL B 203 1.93 -43.47 38.17
C VAL B 203 1.85 -42.07 38.78
N ARG B 204 3.01 -41.56 39.15
CA ARG B 204 3.17 -40.20 39.71
C ARG B 204 4.57 -39.78 39.29
N PHE B 205 4.70 -38.56 38.78
CA PHE B 205 5.96 -38.08 38.20
C PHE B 205 6.05 -36.56 38.35
N PRO B 206 7.26 -36.02 38.39
CA PRO B 206 7.46 -34.58 38.28
C PRO B 206 6.91 -34.04 36.95
N ILE B 207 6.35 -32.83 36.97
CA ILE B 207 5.89 -32.10 35.76
C ILE B 207 6.42 -30.69 35.87
N PRO B 208 7.32 -30.28 34.96
CA PRO B 208 7.85 -28.92 34.97
C PRO B 208 6.80 -27.87 34.64
N VAL B 209 6.88 -26.73 35.31
CA VAL B 209 6.02 -25.55 35.00
C VAL B 209 6.25 -25.23 33.52
N GLY B 210 5.17 -24.88 32.81
CA GLY B 210 5.21 -24.65 31.35
C GLY B 210 4.56 -25.83 30.65
N SER B 211 4.41 -26.96 31.34
CA SER B 211 3.71 -28.16 30.84
C SER B 211 2.21 -27.95 30.92
N VAL B 212 1.50 -28.73 30.10
CA VAL B 212 0.04 -28.85 30.12
C VAL B 212 -0.25 -30.35 30.14
N VAL B 213 -1.14 -30.78 31.02
CA VAL B 213 -1.63 -32.19 31.06
C VAL B 213 -3.04 -32.17 30.47
N ILE B 214 -3.28 -33.02 29.46
CA ILE B 214 -4.64 -33.23 28.93
C ILE B 214 -5.04 -34.64 29.35
N ARG B 215 -6.20 -34.78 29.96
CA ARG B 215 -6.66 -36.12 30.38
C ARG B 215 -8.16 -36.22 30.22
N ASP B 216 -8.59 -37.42 29.89
CA ASP B 216 -10.03 -37.75 29.85
C ASP B 216 -10.59 -37.41 31.22
N GLY B 217 -11.72 -36.71 31.26
CA GLY B 217 -12.40 -36.28 32.49
C GLY B 217 -12.75 -37.45 33.37
N ARG B 218 -12.78 -38.66 32.80
CA ARG B 218 -13.18 -39.90 33.49
C ARG B 218 -11.96 -40.63 34.09
N LEU B 219 -10.75 -40.13 33.87
CA LEU B 219 -9.50 -40.79 34.34
C LEU B 219 -9.50 -40.82 35.88
N TRP B 220 -9.22 -41.99 36.45
CA TRP B 220 -9.00 -42.07 37.91
C TRP B 220 -7.71 -41.29 38.26
N HIS B 221 -7.77 -40.48 39.31
CA HIS B 221 -6.61 -39.70 39.80
C HIS B 221 -6.87 -39.32 41.26
N ARG B 222 -5.85 -38.77 41.92
CA ARG B 222 -6.06 -38.14 43.25
C ARG B 222 -4.97 -37.11 43.51
N GLY B 223 -5.36 -36.01 44.13
CA GLY B 223 -4.42 -35.12 44.82
C GLY B 223 -3.78 -35.86 45.98
N VAL B 224 -2.49 -35.63 46.21
CA VAL B 224 -1.74 -36.27 47.33
C VAL B 224 -1.08 -35.21 48.18
N PRO B 225 -0.55 -35.57 49.36
CA PRO B 225 0.04 -34.59 50.28
C PRO B 225 1.16 -33.76 49.60
N ASN B 226 1.11 -32.47 49.85
CA ASN B 226 2.21 -31.52 49.58
C ASN B 226 3.12 -31.50 50.82
N LEU B 227 4.29 -32.11 50.71
CA LEU B 227 5.27 -32.26 51.82
C LEU B 227 6.38 -31.21 51.65
N SER B 228 6.17 -30.22 50.79
CA SER B 228 7.11 -29.07 50.62
C SER B 228 6.68 -27.97 51.58
N ALA B 229 7.43 -26.86 51.63
CA ALA B 229 7.16 -25.73 52.53
C ALA B 229 6.25 -24.70 51.87
N ALA B 230 5.79 -24.94 50.63
CA ALA B 230 5.12 -23.89 49.81
C ALA B 230 3.87 -24.44 49.16
N PRO B 231 2.79 -23.62 49.06
CA PRO B 231 1.59 -24.01 48.34
C PRO B 231 1.87 -24.32 46.87
N ARG B 232 1.20 -25.34 46.34
CA ARG B 232 1.43 -25.89 44.98
C ARG B 232 0.19 -25.54 44.16
N PRO B 233 0.22 -24.45 43.35
CA PRO B 233 -0.94 -24.05 42.57
C PRO B 233 -1.09 -24.76 41.21
N LEU B 234 -2.30 -25.21 40.94
CA LEU B 234 -2.70 -25.80 39.63
C LEU B 234 -3.84 -24.96 39.07
N LEU B 235 -3.72 -24.56 37.79
CA LEU B 235 -4.83 -23.92 37.05
C LEU B 235 -5.51 -25.04 36.25
N ALA B 236 -6.85 -25.07 36.28
CA ALA B 236 -7.69 -26.17 35.73
C ALA B 236 -8.69 -25.62 34.72
N MET B 237 -8.70 -26.21 33.55
CA MET B 237 -9.75 -25.98 32.53
C MET B 237 -10.32 -27.33 32.13
N THR B 238 -11.55 -27.36 31.62
CA THR B 238 -12.17 -28.59 31.10
C THR B 238 -12.95 -28.25 29.85
N HIS B 239 -12.62 -28.95 28.77
CA HIS B 239 -13.32 -28.91 27.46
C HIS B 239 -14.37 -30.02 27.46
N TYR B 240 -15.56 -29.69 27.00
CA TYR B 240 -16.72 -30.59 26.92
C TYR B 240 -17.29 -30.58 25.51
N THR B 241 -17.88 -31.67 25.06
CA THR B 241 -18.79 -31.64 23.89
C THR B 241 -19.82 -30.53 24.14
N GLU B 242 -20.35 -29.96 23.07
CA GLU B 242 -21.23 -28.77 23.14
C GLU B 242 -22.51 -29.14 23.89
N TRP B 243 -22.94 -30.40 23.84
CA TRP B 243 -24.24 -30.83 24.38
C TRP B 243 -24.18 -31.13 25.89
N PHE B 244 -23.01 -31.10 26.53
CA PHE B 244 -22.91 -31.38 28.00
C PHE B 244 -23.20 -30.13 28.82
N ASP B 245 -24.20 -30.21 29.69
CA ASP B 245 -24.70 -29.05 30.48
C ASP B 245 -23.65 -28.63 31.51
N MET B 246 -23.22 -27.37 31.45
CA MET B 246 -22.28 -26.73 32.41
C MET B 246 -22.68 -25.27 32.52
N PRO B 247 -22.54 -24.65 33.72
CA PRO B 247 -22.78 -23.22 33.84
C PRO B 247 -21.67 -22.50 33.09
N PRO B 248 -21.92 -21.28 32.56
CA PRO B 248 -20.87 -20.55 31.86
C PRO B 248 -19.81 -20.00 32.82
N ILE B 249 -18.60 -19.81 32.32
CA ILE B 249 -17.51 -19.04 32.99
C ILE B 249 -17.88 -17.56 32.90
N GLN B 250 -17.85 -16.87 34.04
CA GLN B 250 -18.08 -15.40 34.10
C GLN B 250 -16.77 -14.72 33.69
N LEU B 251 -16.80 -13.88 32.67
CA LEU B 251 -15.62 -13.13 32.17
C LEU B 251 -16.01 -11.67 32.03
N PRO B 252 -15.04 -10.74 32.18
CA PRO B 252 -15.31 -9.33 31.96
C PRO B 252 -15.56 -9.09 30.47
N ASP B 253 -16.52 -8.23 30.13
CA ASP B 253 -16.87 -7.95 28.72
C ASP B 253 -15.68 -7.31 27.98
N THR B 254 -14.65 -6.88 28.71
CA THR B 254 -13.38 -6.34 28.13
C THR B 254 -12.66 -7.41 27.31
N VAL B 255 -12.90 -8.72 27.51
CA VAL B 255 -12.21 -9.79 26.71
C VAL B 255 -13.17 -10.42 25.70
N LYS B 256 -14.40 -9.92 25.62
CA LYS B 256 -15.39 -10.43 24.65
C LYS B 256 -14.81 -10.35 23.23
N SER B 257 -14.15 -9.25 22.91
CA SER B 257 -13.62 -8.98 21.55
C SER B 257 -12.82 -10.21 21.07
N TRP B 258 -11.98 -10.81 21.91
CA TRP B 258 -11.07 -11.92 21.50
C TRP B 258 -11.57 -13.31 21.97
N VAL B 259 -12.41 -13.40 23.00
CA VAL B 259 -12.94 -14.72 23.45
C VAL B 259 -14.10 -15.14 22.54
N ASP B 260 -15.11 -14.29 22.40
CA ASP B 260 -16.33 -14.60 21.59
C ASP B 260 -15.92 -14.48 20.13
N GLY B 261 -16.35 -15.41 19.27
CA GLY B 261 -16.02 -15.37 17.83
C GLY B 261 -14.74 -16.10 17.46
N SER B 262 -13.94 -16.53 18.42
CA SER B 262 -12.85 -17.54 18.21
C SER B 262 -13.48 -18.86 17.78
N ASP B 263 -12.79 -19.62 16.90
CA ASP B 263 -13.17 -21.03 16.59
C ASP B 263 -12.71 -21.96 17.73
N ARG B 264 -12.05 -21.41 18.76
CA ARG B 264 -11.76 -22.09 20.03
C ARG B 264 -12.82 -21.64 21.03
N HIS B 265 -13.87 -22.43 21.16
CA HIS B 265 -15.12 -22.03 21.87
C HIS B 265 -14.90 -22.07 23.37
N THR B 266 -15.53 -21.12 24.02
CA THR B 266 -15.67 -21.00 25.48
C THR B 266 -17.15 -20.83 25.79
N HIS B 267 -17.65 -21.55 26.79
CA HIS B 267 -18.99 -21.30 27.37
C HIS B 267 -18.86 -20.18 28.38
N ALA B 268 -19.07 -18.94 27.95
CA ALA B 268 -18.77 -17.71 28.72
C ALA B 268 -20.03 -16.85 28.84
N HIS B 269 -20.16 -16.18 29.96
CA HIS B 269 -21.13 -15.07 30.19
C HIS B 269 -20.30 -13.81 30.40
N PHE B 270 -20.45 -12.82 29.53
CA PHE B 270 -19.65 -11.57 29.59
C PHE B 270 -20.41 -10.56 30.46
N VAL B 271 -19.68 -9.98 31.40
CA VAL B 271 -20.24 -9.18 32.53
C VAL B 271 -19.73 -7.75 32.35
N ALA B 272 -20.62 -6.77 32.55
CA ALA B 272 -20.28 -5.33 32.44
C ALA B 272 -19.28 -4.89 33.51
N GLY B 273 -19.47 -5.27 34.76
CA GLY B 273 -18.60 -4.78 35.86
C GLY B 273 -17.34 -5.61 35.97
N ASP B 274 -16.71 -5.52 37.15
CA ASP B 274 -15.65 -6.44 37.65
C ASP B 274 -16.30 -7.76 38.06
N VAL B 275 -15.59 -8.88 37.89
CA VAL B 275 -16.07 -10.23 38.30
C VAL B 275 -15.32 -10.59 39.57
N ASP B 276 -16.04 -10.97 40.64
CA ASP B 276 -15.48 -11.53 41.90
C ASP B 276 -15.36 -13.06 41.76
N HIS B 277 -14.15 -13.52 41.41
CA HIS B 277 -13.75 -14.96 41.27
C HIS B 277 -13.69 -15.63 42.65
N LEU B 278 -13.55 -14.85 43.74
CA LEU B 278 -13.60 -15.35 45.15
C LEU B 278 -14.95 -14.91 45.75
N MET C 3 25.60 -3.27 4.45
CA MET C 3 26.72 -2.95 5.43
C MET C 3 26.19 -2.43 6.79
N ALA C 4 24.88 -2.33 6.98
CA ALA C 4 24.23 -2.20 8.32
C ALA C 4 24.37 -3.51 9.13
N LEU C 5 24.51 -3.41 10.45
CA LEU C 5 24.89 -4.53 11.34
C LEU C 5 23.65 -5.32 11.80
N ALA C 6 23.75 -6.64 11.93
CA ALA C 6 22.64 -7.55 12.33
C ALA C 6 22.73 -7.87 13.82
N ALA C 7 23.85 -7.59 14.48
CA ALA C 7 24.10 -7.92 15.91
C ALA C 7 25.18 -7.00 16.48
N PRO C 8 25.31 -6.94 17.83
CA PRO C 8 26.38 -6.17 18.44
C PRO C 8 27.73 -6.66 17.90
N PRO C 9 28.64 -5.74 17.52
CA PRO C 9 29.94 -6.17 17.01
C PRO C 9 30.66 -7.03 18.05
N GLY C 10 31.33 -8.09 17.59
CA GLY C 10 32.09 -9.03 18.45
C GLY C 10 33.09 -8.32 19.35
N GLU C 11 33.76 -7.30 18.83
CA GLU C 11 34.86 -6.54 19.51
C GLU C 11 34.32 -5.74 20.71
N LEU C 12 33.00 -5.51 20.77
CA LEU C 12 32.34 -4.74 21.87
C LEU C 12 31.62 -5.66 22.84
N THR C 13 31.53 -6.95 22.56
CA THR C 13 30.53 -7.83 23.16
C THR C 13 31.20 -8.92 24.01
N LEU C 14 30.60 -9.19 25.17
CA LEU C 14 30.89 -10.36 26.04
C LEU C 14 29.58 -11.09 26.23
N ALA C 15 29.53 -12.36 25.86
CA ALA C 15 28.27 -13.16 25.85
C ALA C 15 28.15 -13.89 27.18
N LEU C 16 27.08 -13.65 27.92
CA LEU C 16 26.82 -14.28 29.24
C LEU C 16 25.47 -15.00 29.20
N THR C 17 25.18 -15.68 30.29
CA THR C 17 23.84 -16.21 30.66
C THR C 17 23.44 -15.49 31.94
N PRO C 18 22.13 -15.42 32.27
CA PRO C 18 21.70 -14.78 33.51
C PRO C 18 22.23 -15.47 34.77
N ASP C 19 22.67 -16.73 34.66
CA ASP C 19 23.20 -17.52 35.81
C ASP C 19 24.60 -16.99 36.18
N ASP C 20 25.33 -16.37 35.26
CA ASP C 20 26.69 -15.81 35.50
C ASP C 20 26.61 -14.69 36.57
N LYS C 21 27.36 -14.85 37.66
CA LYS C 21 27.42 -13.94 38.84
C LYS C 21 28.72 -13.14 38.85
N THR C 22 29.74 -13.66 38.17
CA THR C 22 31.09 -13.06 38.15
C THR C 22 31.76 -13.48 36.86
N LEU C 23 32.52 -12.55 36.26
CA LEU C 23 33.41 -12.85 35.12
C LEU C 23 34.68 -13.45 35.70
N ASP C 24 35.23 -14.47 35.05
CA ASP C 24 36.58 -15.01 35.36
C ASP C 24 37.59 -13.90 35.05
N PRO C 25 38.80 -13.95 35.64
CA PRO C 25 39.82 -12.91 35.42
C PRO C 25 40.06 -12.51 33.96
N ALA C 26 40.08 -13.46 33.02
CA ALA C 26 40.36 -13.23 31.57
C ALA C 26 39.19 -12.43 30.95
N SER C 27 37.95 -12.80 31.28
CA SER C 27 36.72 -12.14 30.82
C SER C 27 36.69 -10.71 31.36
N LEU C 28 36.97 -10.53 32.66
CA LEU C 28 37.01 -9.18 33.27
C LEU C 28 38.06 -8.33 32.58
N ASP C 29 39.27 -8.87 32.35
CA ASP C 29 40.36 -8.14 31.64
C ASP C 29 39.82 -7.63 30.30
N ARG C 30 39.08 -8.47 29.57
CA ARG C 30 38.56 -8.14 28.21
C ARG C 30 37.46 -7.06 28.35
N ALA C 31 36.54 -7.20 29.31
CA ALA C 31 35.52 -6.18 29.59
C ALA C 31 36.20 -4.83 29.78
N LEU C 32 37.24 -4.78 30.61
CA LEU C 32 37.97 -3.52 30.95
C LEU C 32 38.75 -3.01 29.72
N ALA C 33 39.38 -3.89 28.94
CA ALA C 33 40.12 -3.50 27.72
C ALA C 33 39.16 -2.84 26.73
N ILE C 34 37.96 -3.40 26.58
CA ILE C 34 36.90 -2.88 25.67
C ILE C 34 36.42 -1.52 26.17
N LEU C 35 36.11 -1.40 27.46
CA LEU C 35 35.68 -0.09 28.03
C LEU C 35 36.77 0.95 27.83
N ALA C 36 38.04 0.60 28.02
CA ALA C 36 39.17 1.55 27.93
C ALA C 36 39.34 1.99 26.47
N GLU C 37 39.32 1.05 25.52
CA GLU C 37 39.61 1.33 24.09
C GLU C 37 38.38 1.97 23.44
N HIS C 38 37.22 1.36 23.58
CA HIS C 38 35.98 1.66 22.82
C HIS C 38 35.02 2.51 23.66
N GLY C 39 35.07 2.38 24.99
CA GLY C 39 34.23 3.17 25.90
C GLY C 39 32.79 2.67 25.92
N ILE C 40 32.52 1.53 25.30
CA ILE C 40 31.18 0.88 25.30
C ILE C 40 31.37 -0.63 25.24
N LEU C 41 30.60 -1.31 26.07
CA LEU C 41 30.68 -2.77 26.27
C LEU C 41 29.25 -3.30 26.28
N VAL C 42 28.97 -4.28 25.43
CA VAL C 42 27.64 -4.94 25.37
C VAL C 42 27.73 -6.31 26.02
N LEU C 43 26.95 -6.53 27.08
CA LEU C 43 26.81 -7.82 27.78
C LEU C 43 25.48 -8.42 27.36
N THR C 44 25.50 -9.47 26.53
CA THR C 44 24.28 -10.18 26.08
C THR C 44 23.94 -11.27 27.08
N GLY C 45 22.65 -11.54 27.25
CA GLY C 45 22.13 -12.66 28.06
C GLY C 45 22.33 -12.42 29.55
N MET C 46 22.11 -11.19 30.02
CA MET C 46 22.32 -10.81 31.44
C MET C 46 21.05 -10.99 32.26
N LEU C 47 19.91 -10.52 31.73
CA LEU C 47 18.65 -10.40 32.50
C LEU C 47 17.61 -11.39 32.00
N ARG C 48 16.88 -12.01 32.93
CA ARG C 48 15.81 -12.98 32.61
C ARG C 48 14.63 -12.20 32.02
N THR C 49 13.86 -12.88 31.16
CA THR C 49 12.64 -12.38 30.50
C THR C 49 11.64 -11.90 31.57
N ARG C 50 11.55 -12.61 32.69
CA ARG C 50 10.60 -12.28 33.79
C ARG C 50 10.82 -10.83 34.24
N LEU C 51 12.08 -10.37 34.31
CA LEU C 51 12.39 -9.00 34.81
C LEU C 51 12.04 -8.01 33.72
N THR C 52 12.58 -8.22 32.51
CA THR C 52 12.48 -7.23 31.40
C THR C 52 11.00 -7.09 31.00
N ASP C 53 10.24 -8.19 30.96
CA ASP C 53 8.79 -8.15 30.63
C ASP C 53 8.07 -7.25 31.63
N GLN C 54 8.35 -7.38 32.93
CA GLN C 54 7.62 -6.62 33.97
C GLN C 54 7.95 -5.13 33.86
N LEU C 55 9.21 -4.81 33.61
CA LEU C 55 9.68 -3.39 33.52
C LEU C 55 9.12 -2.74 32.24
N ARG C 56 9.14 -3.49 31.14
CA ARG C 56 8.57 -3.06 29.84
C ARG C 56 7.09 -2.74 30.05
N THR C 57 6.33 -3.68 30.62
CA THR C 57 4.87 -3.54 30.83
C THR C 57 4.63 -2.27 31.64
N ALA C 58 5.38 -2.08 32.70
CA ALA C 58 5.15 -0.98 33.66
C ALA C 58 5.41 0.36 32.95
N MET C 59 6.48 0.44 32.15
CA MET C 59 6.82 1.72 31.48
C MET C 59 5.80 2.03 30.35
N LEU C 60 5.36 1.03 29.60
CA LEU C 60 4.28 1.24 28.59
C LEU C 60 2.98 1.62 29.27
N ASP C 61 2.63 0.98 30.38
CA ASP C 61 1.40 1.30 31.18
C ASP C 61 1.44 2.75 31.68
N ASP C 62 2.64 3.27 31.98
CA ASP C 62 2.84 4.62 32.57
C ASP C 62 2.88 5.68 31.47
N LEU C 63 3.16 5.31 30.21
CA LEU C 63 3.45 6.28 29.12
C LEU C 63 2.28 7.26 28.96
N PRO C 64 0.99 6.82 28.94
CA PRO C 64 -0.12 7.77 28.80
C PRO C 64 -0.12 8.89 29.85
N GLU C 65 0.13 8.55 31.11
CA GLU C 65 0.20 9.55 32.20
C GLU C 65 1.35 10.53 31.90
N VAL C 66 2.49 10.04 31.43
CA VAL C 66 3.63 10.92 31.04
C VAL C 66 3.23 11.86 29.89
N LEU C 67 2.48 11.37 28.91
CA LEU C 67 2.12 12.16 27.70
C LEU C 67 1.06 13.22 28.02
N ARG C 68 0.25 13.01 29.07
CA ARG C 68 -0.82 14.01 29.41
C ARG C 68 -0.28 15.06 30.38
N GLN C 69 0.98 15.03 30.79
CA GLN C 69 1.59 16.08 31.65
C GLN C 69 1.62 17.41 30.89
N GLN C 70 1.53 18.52 31.62
CA GLN C 70 1.49 19.92 31.11
C GLN C 70 2.69 20.14 30.18
N ASP C 71 3.89 19.81 30.66
CA ASP C 71 5.15 19.90 29.90
C ASP C 71 5.74 18.49 29.82
N VAL C 72 5.67 17.84 28.67
CA VAL C 72 6.23 16.48 28.48
C VAL C 72 7.74 16.64 28.45
N PRO C 73 8.50 16.01 29.38
CA PRO C 73 9.92 16.27 29.49
C PRO C 73 10.63 15.54 28.33
N THR C 74 11.23 16.30 27.41
CA THR C 74 11.83 15.73 26.18
C THR C 74 13.33 16.04 26.16
N ASN C 75 14.11 15.10 25.64
CA ASN C 75 15.59 15.19 25.58
C ASN C 75 15.98 15.75 24.21
N PHE C 76 16.25 17.05 24.15
CA PHE C 76 16.78 17.82 23.00
C PHE C 76 15.74 18.02 21.89
N VAL C 77 15.07 16.95 21.43
CA VAL C 77 14.16 17.02 20.24
C VAL C 77 12.88 16.21 20.48
N PRO C 78 11.81 16.48 19.70
CA PRO C 78 10.55 15.76 19.85
C PRO C 78 10.71 14.23 19.85
N GLY C 79 9.97 13.54 20.73
CA GLY C 79 9.79 12.09 20.66
C GLY C 79 10.79 11.31 21.54
N HIS C 80 11.79 12.01 22.12
CA HIS C 80 12.75 11.44 23.10
C HIS C 80 12.29 11.87 24.49
N VAL C 81 11.49 11.00 25.11
CA VAL C 81 10.79 11.33 26.38
C VAL C 81 11.64 10.83 27.54
N GLN C 82 11.88 11.68 28.54
CA GLN C 82 12.50 11.21 29.82
C GLN C 82 11.36 10.55 30.60
N GLN C 83 11.52 9.28 31.00
CA GLN C 83 10.48 8.57 31.78
C GLN C 83 11.17 7.69 32.83
N ASP C 84 10.89 7.95 34.10
CA ASP C 84 11.41 7.16 35.24
C ASP C 84 10.60 5.87 35.33
N PRO C 85 11.25 4.71 35.43
CA PRO C 85 10.55 3.46 35.71
C PRO C 85 10.05 3.55 37.13
N PRO C 86 9.03 2.75 37.52
CA PRO C 86 8.48 2.80 38.87
C PRO C 86 9.55 2.39 39.89
N VAL C 87 9.46 2.98 41.07
CA VAL C 87 10.22 2.58 42.29
C VAL C 87 9.22 2.03 43.31
N ARG C 88 8.24 1.27 42.85
CA ARG C 88 7.39 0.39 43.71
C ARG C 88 8.21 -0.86 44.03
N GLU C 89 8.04 -1.40 45.23
CA GLU C 89 8.80 -2.56 45.74
C GLU C 89 8.78 -3.72 44.74
N SER C 90 7.62 -4.06 44.19
CA SER C 90 7.42 -5.24 43.30
C SER C 90 8.16 -5.05 41.95
N LEU C 91 8.64 -3.86 41.62
CA LEU C 91 9.39 -3.64 40.33
C LEU C 91 10.85 -3.20 40.58
N LEU C 92 11.34 -3.37 41.81
CA LEU C 92 12.77 -3.12 42.14
C LEU C 92 13.44 -4.46 42.34
N PHE C 93 14.26 -4.85 41.37
CA PHE C 93 14.84 -6.21 41.22
C PHE C 93 16.33 -6.15 41.52
N PRO C 94 16.84 -6.93 42.50
CA PRO C 94 18.27 -6.96 42.76
C PRO C 94 19.15 -7.16 41.53
N ASP C 95 18.74 -8.02 40.59
CA ASP C 95 19.58 -8.34 39.40
C ASP C 95 19.60 -7.15 38.44
N VAL C 96 18.74 -6.13 38.63
CA VAL C 96 18.73 -4.89 37.81
C VAL C 96 19.46 -3.79 38.58
N LEU C 97 19.03 -3.49 39.82
CA LEU C 97 19.65 -2.38 40.61
C LEU C 97 21.07 -2.74 41.04
N LEU C 98 21.28 -4.00 41.43
CA LEU C 98 22.53 -4.48 42.07
C LEU C 98 23.07 -5.69 41.29
N ASN C 99 23.22 -5.55 39.99
CA ASN C 99 23.65 -6.69 39.16
C ASN C 99 25.09 -7.03 39.56
N PRO C 100 25.40 -8.30 39.89
CA PRO C 100 26.74 -8.65 40.35
C PRO C 100 27.79 -8.45 39.24
N VAL C 101 27.46 -8.73 37.99
CA VAL C 101 28.44 -8.59 36.88
C VAL C 101 28.68 -7.10 36.65
N VAL C 102 27.62 -6.30 36.61
CA VAL C 102 27.72 -4.83 36.36
C VAL C 102 28.64 -4.25 37.43
N TYR C 103 28.39 -4.57 38.70
CA TYR C 103 29.19 -3.99 39.82
C TYR C 103 30.60 -4.56 39.83
N GLN C 104 30.78 -5.81 39.41
CA GLN C 104 32.17 -6.35 39.27
C GLN C 104 32.93 -5.43 38.31
N ILE C 105 32.30 -5.00 37.22
CA ILE C 105 32.96 -4.14 36.20
C ILE C 105 33.16 -2.73 36.77
N THR C 106 32.13 -2.14 37.35
CA THR C 106 32.17 -0.71 37.81
C THR C 106 33.13 -0.62 38.99
N HIS C 107 33.13 -1.59 39.90
CA HIS C 107 34.11 -1.63 41.01
C HIS C 107 35.53 -1.63 40.45
N ALA C 108 35.80 -2.47 39.44
CA ALA C 108 37.15 -2.60 38.82
C ALA C 108 37.54 -1.28 38.14
N VAL C 109 36.59 -0.58 37.51
CA VAL C 109 36.93 0.64 36.75
C VAL C 109 37.01 1.82 37.72
N LEU C 110 35.98 1.99 38.56
CA LEU C 110 35.75 3.23 39.33
C LEU C 110 36.11 3.04 40.83
N GLY C 111 36.29 1.80 41.30
CA GLY C 111 36.66 1.54 42.71
C GLY C 111 35.48 1.04 43.53
N ALA C 112 35.76 0.44 44.68
CA ALA C 112 34.79 -0.30 45.53
C ALA C 112 33.70 0.64 46.08
N ASP C 113 33.95 1.94 46.12
CA ASP C 113 32.98 2.93 46.65
C ASP C 113 32.17 3.59 45.52
N ALA C 114 32.30 3.11 44.28
CA ALA C 114 31.44 3.56 43.17
C ALA C 114 29.99 3.30 43.57
N ARG C 115 29.06 4.17 43.16
CA ARG C 115 27.65 4.08 43.59
C ARG C 115 26.75 4.39 42.39
N ASN C 116 25.67 3.62 42.27
CA ASN C 116 24.57 4.00 41.36
C ASN C 116 23.87 5.26 41.91
N ALA C 117 23.71 6.30 41.10
CA ALA C 117 22.95 7.51 41.50
C ALA C 117 21.86 7.86 40.50
N VAL C 118 21.54 6.97 39.56
CA VAL C 118 20.43 7.23 38.59
C VAL C 118 19.58 5.98 38.43
N TYR C 119 18.28 6.16 38.50
CA TYR C 119 17.28 5.12 38.14
C TYR C 119 16.22 5.80 37.30
N SER C 120 16.49 5.91 36.01
CA SER C 120 15.65 6.70 35.07
C SER C 120 15.43 5.89 33.79
N GLY C 121 15.03 6.53 32.71
CA GLY C 121 14.65 5.83 31.48
C GLY C 121 14.38 6.80 30.35
N ASN C 122 14.31 6.26 29.14
CA ASN C 122 14.16 7.00 27.86
C ASN C 122 13.11 6.25 27.05
N MET C 123 11.93 6.87 26.83
CA MET C 123 10.87 6.34 25.98
C MET C 123 11.01 7.01 24.59
N ASN C 124 11.44 6.25 23.60
CA ASN C 124 11.64 6.74 22.21
C ASN C 124 10.35 6.48 21.44
N LEU C 125 9.60 7.54 21.08
CA LEU C 125 8.24 7.42 20.50
C LEU C 125 8.32 7.21 18.99
N PRO C 126 7.34 6.49 18.41
CA PRO C 126 7.22 6.44 16.95
C PRO C 126 7.20 7.85 16.34
N GLY C 127 8.06 8.06 15.34
CA GLY C 127 8.20 9.33 14.58
C GLY C 127 9.10 10.33 15.28
N SER C 128 9.85 9.91 16.27
CA SER C 128 10.81 10.75 17.02
C SER C 128 11.85 11.31 16.06
N HIS C 129 12.45 12.44 16.43
CA HIS C 129 13.48 13.18 15.66
C HIS C 129 14.88 12.68 16.02
N GLU C 130 15.91 13.24 15.39
CA GLU C 130 17.34 12.89 15.61
C GLU C 130 17.91 13.80 16.70
N GLN C 131 18.35 13.24 17.83
CA GLN C 131 19.04 14.02 18.89
C GLN C 131 20.37 14.50 18.34
N PRO C 132 20.90 15.64 18.82
CA PRO C 132 22.29 16.00 18.54
C PRO C 132 23.22 15.01 19.25
N VAL C 133 24.41 14.80 18.67
CA VAL C 133 25.45 13.98 19.30
C VAL C 133 25.92 14.71 20.55
N HIS C 134 25.97 13.98 21.66
CA HIS C 134 26.26 14.57 23.00
C HIS C 134 26.96 13.53 23.87
N LEU C 135 27.52 14.00 24.97
CA LEU C 135 27.88 13.12 26.11
C LEU C 135 26.89 13.40 27.25
N ASP C 136 26.51 12.36 27.99
CA ASP C 136 25.58 12.48 29.14
C ASP C 136 26.32 13.08 30.36
N GLU C 137 27.62 12.88 30.48
CA GLU C 137 28.42 13.49 31.58
C GLU C 137 29.70 14.06 31.02
N PRO C 138 30.07 15.29 31.41
CA PRO C 138 31.21 15.97 30.82
C PRO C 138 32.56 15.45 31.35
N HIS C 139 33.63 15.72 30.59
CA HIS C 139 35.01 15.72 31.14
C HIS C 139 35.04 16.76 32.26
N LEU C 140 35.89 16.59 33.26
CA LEU C 140 35.84 17.42 34.50
C LEU C 140 36.59 18.73 34.32
N TRP C 141 37.53 18.79 33.37
CA TRP C 141 38.23 20.03 32.97
C TRP C 141 38.43 19.95 31.47
N PRO C 142 38.33 21.09 30.74
CA PRO C 142 38.60 21.08 29.32
C PRO C 142 40.09 20.84 29.06
N GLY C 143 40.42 20.08 28.02
CA GLY C 143 41.79 19.90 27.47
C GLY C 143 42.63 18.97 28.31
N ILE C 144 42.01 18.16 29.19
CA ILE C 144 42.71 17.22 30.12
C ILE C 144 42.29 15.79 29.80
N SER C 145 43.24 14.88 29.68
CA SER C 145 43.04 13.41 29.70
C SER C 145 42.93 12.94 31.15
N HIS C 146 41.77 12.41 31.52
CA HIS C 146 41.58 11.80 32.86
C HIS C 146 40.77 10.53 32.68
N PRO C 147 40.87 9.63 33.67
CA PRO C 147 40.12 8.37 33.64
C PRO C 147 38.64 8.62 33.81
N PRO C 148 37.81 7.56 33.59
CA PRO C 148 36.36 7.70 33.76
C PRO C 148 36.07 7.98 35.24
N TYR C 149 34.98 8.72 35.48
CA TYR C 149 34.39 8.91 36.82
C TYR C 149 32.94 8.42 36.83
N CYS C 150 32.43 7.93 35.68
CA CYS C 150 31.05 7.41 35.64
C CYS C 150 30.87 6.43 34.50
N LEU C 151 29.96 5.49 34.73
CA LEU C 151 29.62 4.45 33.74
C LEU C 151 28.08 4.41 33.67
N CYS C 152 27.53 4.71 32.50
CA CYS C 152 26.10 4.56 32.22
C CYS C 152 25.82 3.08 31.97
N VAL C 153 24.71 2.62 32.55
CA VAL C 153 24.23 1.21 32.44
C VAL C 153 22.86 1.28 31.77
N ASP C 154 22.81 0.86 30.51
CA ASP C 154 21.59 0.91 29.66
C ASP C 154 20.97 -0.48 29.62
N VAL C 155 19.68 -0.55 29.90
CA VAL C 155 18.89 -1.81 29.89
C VAL C 155 17.76 -1.64 28.87
N PRO C 156 17.91 -2.15 27.64
CA PRO C 156 16.81 -2.17 26.66
C PRO C 156 15.67 -3.00 27.23
N LEU C 157 14.42 -2.53 27.13
CA LEU C 157 13.26 -3.30 27.65
C LEU C 157 12.44 -3.94 26.53
N ILE C 158 12.81 -3.71 25.26
CA ILE C 158 12.41 -4.58 24.11
C ILE C 158 13.66 -4.83 23.29
N ASP C 159 13.58 -5.72 22.30
CA ASP C 159 14.61 -5.89 21.27
C ASP C 159 14.76 -4.53 20.58
N PHE C 160 15.96 -3.95 20.66
CA PHE C 160 16.34 -2.72 19.97
C PHE C 160 16.77 -3.14 18.56
N THR C 161 16.24 -2.47 17.54
CA THR C 161 16.54 -2.72 16.12
C THR C 161 17.04 -1.41 15.52
N LEU C 162 17.57 -1.48 14.32
CA LEU C 162 17.93 -0.22 13.59
C LEU C 162 16.65 0.55 13.33
N GLU C 163 15.53 -0.15 13.12
CA GLU C 163 14.20 0.45 12.85
C GLU C 163 13.67 1.19 14.10
N ASN C 164 13.74 0.63 15.30
CA ASN C 164 12.96 1.19 16.45
C ASN C 164 13.81 2.08 17.36
N GLY C 165 15.01 2.47 16.95
CA GLY C 165 15.78 3.55 17.61
C GLY C 165 16.89 3.05 18.51
N SER C 166 17.54 1.92 18.17
CA SER C 166 18.80 1.52 18.80
C SER C 166 19.75 2.72 18.77
N THR C 167 20.38 3.04 19.91
CA THR C 167 21.16 4.29 20.14
C THR C 167 22.39 4.29 19.23
N GLU C 168 22.72 5.43 18.64
CA GLU C 168 24.00 5.56 17.92
C GLU C 168 25.15 5.83 18.91
N TYR C 169 26.24 5.08 18.80
CA TYR C 169 27.41 5.16 19.70
C TYR C 169 28.65 5.46 18.87
N TRP C 170 29.51 6.33 19.38
CA TRP C 170 30.77 6.75 18.76
C TRP C 170 31.95 6.09 19.45
N PRO C 171 32.40 4.91 18.99
CA PRO C 171 33.43 4.16 19.73
C PRO C 171 34.71 4.98 19.88
N GLY C 172 35.32 4.92 21.05
CA GLY C 172 36.62 5.57 21.32
C GLY C 172 36.44 7.06 21.63
N SER C 173 35.23 7.61 21.55
CA SER C 173 35.01 9.08 21.68
C SER C 173 35.16 9.54 23.13
N HIS C 174 35.10 8.62 24.09
CA HIS C 174 35.08 8.97 25.54
C HIS C 174 36.41 9.59 26.01
N VAL C 175 37.51 9.39 25.30
CA VAL C 175 38.84 9.96 25.68
C VAL C 175 39.07 11.29 24.98
N LEU C 176 38.19 11.74 24.09
CA LEU C 176 38.39 12.99 23.32
C LEU C 176 37.97 14.17 24.18
N ASN C 177 38.87 15.12 24.36
CA ASN C 177 38.64 16.29 25.21
C ASN C 177 39.62 17.38 24.81
N PRO C 178 39.61 17.89 23.57
CA PRO C 178 40.48 19.01 23.21
C PRO C 178 39.89 20.28 23.84
N ASP C 179 40.66 21.37 23.88
CA ASP C 179 40.28 22.61 24.60
C ASP C 179 38.84 23.07 24.31
N GLU C 180 38.37 22.98 23.07
CA GLU C 180 37.02 23.45 22.67
C GLU C 180 36.39 22.25 22.00
N CYS C 181 35.35 21.63 22.59
CA CYS C 181 34.72 20.45 21.94
C CYS C 181 33.26 20.28 22.32
N TYR C 182 32.83 20.84 23.44
CA TYR C 182 31.52 20.60 24.09
C TYR C 182 30.87 21.95 24.38
N ASP C 183 29.57 22.09 24.10
CA ASP C 183 28.79 23.26 24.59
C ASP C 183 28.30 22.93 26.02
N GLU C 184 27.64 23.88 26.64
CA GLU C 184 27.16 23.79 28.05
C GLU C 184 26.09 22.70 28.19
N ARG C 185 25.46 22.24 27.08
CA ARG C 185 24.44 21.17 27.14
C ARG C 185 25.07 19.80 26.92
N GLY C 186 26.39 19.75 26.77
CA GLY C 186 27.09 18.47 26.53
C GLY C 186 27.02 18.03 25.10
N CYS C 187 26.57 18.88 24.16
CA CYS C 187 26.57 18.56 22.71
C CYS C 187 27.95 18.73 22.14
N VAL C 188 28.32 17.86 21.20
CA VAL C 188 29.65 17.92 20.53
C VAL C 188 29.64 19.02 19.47
N LEU C 189 30.66 19.87 19.50
CA LEU C 189 30.81 20.98 18.53
C LEU C 189 30.89 20.39 17.11
N PRO C 190 30.14 20.99 16.15
CA PRO C 190 29.90 20.38 14.85
C PRO C 190 31.18 19.94 14.13
N ALA C 191 32.19 20.81 14.11
CA ALA C 191 33.42 20.56 13.35
C ALA C 191 34.16 19.40 14.00
N GLU C 192 34.09 19.27 15.33
CA GLU C 192 34.74 18.16 16.08
C GLU C 192 34.05 16.83 15.75
N LEU C 193 32.71 16.84 15.73
CA LEU C 193 31.91 15.65 15.37
C LEU C 193 32.32 15.15 13.97
N GLU C 194 32.33 16.04 12.98
CA GLU C 194 32.47 15.60 11.57
C GLU C 194 33.92 15.19 11.36
N ARG C 195 34.89 15.85 12.04
CA ARG C 195 36.31 15.42 12.04
C ARG C 195 36.42 14.00 12.58
N ARG C 196 35.72 13.68 13.65
CA ARG C 196 35.80 12.33 14.27
C ARG C 196 35.20 11.29 13.31
N ARG C 197 34.11 11.62 12.62
CA ARG C 197 33.42 10.67 11.68
C ARG C 197 34.42 10.16 10.64
N ALA C 198 35.32 11.00 10.11
CA ALA C 198 36.32 10.58 9.09
C ALA C 198 37.30 9.54 9.67
N VAL C 199 37.62 9.62 10.97
CA VAL C 199 38.66 8.74 11.61
C VAL C 199 38.03 7.49 12.21
N ALA C 200 36.83 7.60 12.79
CA ALA C 200 36.15 6.51 13.54
C ALA C 200 34.66 6.77 13.53
N PRO C 201 33.94 6.35 12.47
CA PRO C 201 32.54 6.65 12.32
C PRO C 201 31.69 5.96 13.36
N PRO C 202 30.48 6.51 13.65
CA PRO C 202 29.59 5.92 14.64
C PRO C 202 29.09 4.54 14.18
N VAL C 203 28.59 3.77 15.16
CA VAL C 203 27.98 2.44 14.94
C VAL C 203 26.60 2.44 15.55
N ARG C 204 25.77 1.59 14.97
CA ARG C 204 24.41 1.33 15.46
C ARG C 204 24.15 -0.12 15.17
N PHE C 205 23.57 -0.82 16.14
CA PHE C 205 23.35 -2.28 16.04
C PHE C 205 22.14 -2.66 16.87
N PRO C 206 21.48 -3.75 16.47
CA PRO C 206 20.43 -4.36 17.28
C PRO C 206 21.00 -4.80 18.63
N ILE C 207 20.18 -4.66 19.66
CA ILE C 207 20.51 -5.16 21.03
C ILE C 207 19.28 -5.92 21.50
N PRO C 208 19.40 -7.25 21.70
CA PRO C 208 18.28 -8.04 22.20
C PRO C 208 17.98 -7.67 23.65
N VAL C 209 16.67 -7.67 23.98
CA VAL C 209 16.20 -7.47 25.36
C VAL C 209 16.88 -8.54 26.23
N GLY C 210 17.33 -8.15 27.42
CA GLY C 210 18.11 -9.04 28.31
C GLY C 210 19.56 -8.69 28.27
N SER C 211 19.96 -7.83 27.33
CA SER C 211 21.34 -7.28 27.25
C SER C 211 21.47 -6.13 28.24
N VAL C 212 22.71 -5.83 28.62
CA VAL C 212 23.08 -4.60 29.36
C VAL C 212 24.23 -3.95 28.62
N VAL C 213 24.12 -2.65 28.34
CA VAL C 213 25.23 -1.84 27.78
C VAL C 213 25.86 -1.05 28.92
N ILE C 214 27.18 -1.16 29.06
CA ILE C 214 27.96 -0.29 29.99
C ILE C 214 28.81 0.60 29.11
N ARG C 215 28.73 1.90 29.35
CA ARG C 215 29.53 2.85 28.56
C ARG C 215 30.02 3.98 29.46
N ASP C 216 31.20 4.47 29.11
CA ASP C 216 31.76 5.66 29.77
C ASP C 216 30.71 6.76 29.65
N GLY C 217 30.44 7.48 30.73
CA GLY C 217 29.43 8.58 30.74
C GLY C 217 29.76 9.66 29.73
N ARG C 218 31.02 9.70 29.29
CA ARG C 218 31.58 10.72 28.37
C ARG C 218 31.49 10.28 26.90
N LEU C 219 31.02 9.07 26.65
CA LEU C 219 30.94 8.53 25.25
C LEU C 219 29.95 9.39 24.44
N TRP C 220 30.38 9.81 23.25
CA TRP C 220 29.45 10.49 22.32
C TRP C 220 28.39 9.49 21.85
N HIS C 221 27.13 9.91 21.84
CA HIS C 221 26.01 9.05 21.40
C HIS C 221 24.85 9.96 21.02
N ARG C 222 23.81 9.41 20.39
CA ARG C 222 22.55 10.15 20.19
CA ARG C 222 22.55 10.15 20.18
C ARG C 222 21.39 9.15 20.07
N GLY C 223 20.26 9.54 20.61
CA GLY C 223 18.98 8.95 20.22
C GLY C 223 18.69 9.28 18.76
N VAL C 224 18.12 8.31 18.05
CA VAL C 224 17.73 8.46 16.63
C VAL C 224 16.26 8.08 16.50
N PRO C 225 15.65 8.42 15.35
CA PRO C 225 14.22 8.17 15.14
C PRO C 225 13.83 6.72 15.37
N ASN C 226 12.70 6.57 16.03
CA ASN C 226 11.98 5.29 16.15
C ASN C 226 11.00 5.25 14.98
N LEU C 227 11.28 4.41 13.99
CA LEU C 227 10.48 4.27 12.74
C LEU C 227 9.58 3.05 12.84
N SER C 228 9.40 2.50 14.04
CA SER C 228 8.47 1.37 14.31
C SER C 228 7.13 1.96 14.71
N ALA C 229 6.12 1.14 14.95
CA ALA C 229 4.76 1.54 15.35
C ALA C 229 4.63 1.56 16.87
N ALA C 230 5.70 1.27 17.62
CA ALA C 230 5.62 1.04 19.07
C ALA C 230 6.70 1.83 19.81
N PRO C 231 6.33 2.41 20.97
CA PRO C 231 7.32 3.08 21.83
C PRO C 231 8.45 2.13 22.28
N ARG C 232 9.68 2.63 22.30
CA ARG C 232 10.91 1.82 22.53
C ARG C 232 11.44 2.24 23.91
N PRO C 233 11.16 1.46 24.97
CA PRO C 233 11.60 1.82 26.33
C PRO C 233 13.03 1.37 26.68
N LEU C 234 13.77 2.27 27.30
CA LEU C 234 15.14 2.03 27.82
C LEU C 234 15.15 2.40 29.30
N LEU C 235 15.67 1.53 30.15
CA LEU C 235 15.91 1.82 31.59
C LEU C 235 17.38 2.21 31.70
N ALA C 236 17.66 3.30 32.43
CA ALA C 236 18.99 3.95 32.52
C ALA C 236 19.43 4.03 33.99
N MET C 237 20.66 3.58 34.25
CA MET C 237 21.34 3.78 35.54
C MET C 237 22.71 4.39 35.25
N THR C 238 23.30 5.07 36.23
CA THR C 238 24.68 5.61 36.11
C THR C 238 25.41 5.44 37.42
N HIS C 239 26.56 4.76 37.34
CA HIS C 239 27.53 4.56 38.44
C HIS C 239 28.56 5.69 38.39
N TYR C 240 28.83 6.28 39.54
CA TYR C 240 29.76 7.41 39.69
C TYR C 240 30.78 7.08 40.78
N THR C 241 32.00 7.57 40.65
CA THR C 241 32.94 7.63 41.79
C THR C 241 32.22 8.26 42.97
N GLU C 242 32.60 7.89 44.18
CA GLU C 242 31.89 8.28 45.42
CA GLU C 242 31.86 8.29 45.41
C GLU C 242 31.97 9.80 45.59
N TRP C 243 33.01 10.44 45.07
CA TRP C 243 33.29 11.88 45.29
C TRP C 243 32.52 12.78 44.30
N PHE C 244 31.81 12.23 43.32
CA PHE C 244 31.04 13.04 42.34
C PHE C 244 29.65 13.32 42.91
N ASP C 245 29.31 14.58 43.06
CA ASP C 245 28.07 15.03 43.73
C ASP C 245 26.88 14.70 42.83
N MET C 246 25.90 13.97 43.37
CA MET C 246 24.62 13.64 42.70
C MET C 246 23.53 13.67 43.75
N PRO C 247 22.30 14.10 43.42
CA PRO C 247 21.19 13.95 44.36
C PRO C 247 20.88 12.47 44.49
N PRO C 248 20.36 12.02 45.64
CA PRO C 248 20.07 10.59 45.82
C PRO C 248 18.84 10.17 45.02
N ILE C 249 18.77 8.89 44.67
CA ILE C 249 17.54 8.21 44.17
C ILE C 249 16.58 8.05 45.35
N GLN C 250 15.34 8.50 45.19
CA GLN C 250 14.27 8.27 46.19
C GLN C 250 13.77 6.84 46.02
N LEU C 251 13.85 6.04 47.08
CA LEU C 251 13.39 4.63 47.09
C LEU C 251 12.48 4.45 48.30
N PRO C 252 11.48 3.54 48.19
CA PRO C 252 10.64 3.22 49.35
C PRO C 252 11.49 2.49 50.40
N ASP C 253 11.27 2.78 51.68
CA ASP C 253 12.07 2.15 52.77
C ASP C 253 11.78 0.65 52.81
N THR C 254 10.77 0.16 52.10
CA THR C 254 10.52 -1.30 51.96
C THR C 254 11.70 -2.02 51.27
N VAL C 255 12.56 -1.34 50.51
CA VAL C 255 13.74 -2.02 49.86
C VAL C 255 15.05 -1.64 50.56
N LYS C 256 14.97 -0.83 51.61
CA LYS C 256 16.16 -0.48 52.42
C LYS C 256 16.85 -1.77 52.90
N SER C 257 16.07 -2.75 53.35
CA SER C 257 16.62 -4.01 53.94
C SER C 257 17.70 -4.58 52.99
N TRP C 258 17.46 -4.59 51.67
CA TRP C 258 18.38 -5.26 50.70
C TRP C 258 19.23 -4.25 49.92
N VAL C 259 18.82 -2.98 49.79
CA VAL C 259 19.62 -1.97 49.06
C VAL C 259 20.74 -1.46 49.98
N ASP C 260 20.40 -0.97 51.16
CA ASP C 260 21.37 -0.40 52.12
C ASP C 260 22.15 -1.56 52.72
N GLY C 261 23.48 -1.44 52.85
CA GLY C 261 24.31 -2.50 53.47
C GLY C 261 24.86 -3.51 52.46
N SER C 262 24.36 -3.52 51.20
CA SER C 262 25.04 -4.19 50.06
C SER C 262 26.41 -3.53 49.82
N ASP C 263 27.43 -4.32 49.40
CA ASP C 263 28.72 -3.73 48.94
C ASP C 263 28.56 -3.22 47.50
N ARG C 264 27.37 -3.36 46.92
CA ARG C 264 26.97 -2.72 45.63
C ARG C 264 26.21 -1.45 46.01
N HIS C 265 26.93 -0.33 46.06
CA HIS C 265 26.42 0.91 46.69
C HIS C 265 25.43 1.58 45.74
N THR C 266 24.41 2.16 46.35
CA THR C 266 23.42 3.05 45.72
C THR C 266 23.39 4.33 46.54
N HIS C 267 23.42 5.49 45.89
CA HIS C 267 23.16 6.78 46.54
C HIS C 267 21.63 6.94 46.61
N ALA C 268 21.05 6.49 47.72
CA ALA C 268 19.59 6.37 47.91
C ALA C 268 19.14 7.17 49.13
N HIS C 269 17.95 7.74 49.06
CA HIS C 269 17.21 8.30 50.21
C HIS C 269 15.96 7.45 50.38
N PHE C 270 15.81 6.78 51.51
CA PHE C 270 14.69 5.85 51.77
C PHE C 270 13.55 6.64 52.40
N VAL C 271 12.35 6.44 51.86
CA VAL C 271 11.14 7.26 52.12
C VAL C 271 10.13 6.35 52.81
N ALA C 272 9.45 6.82 53.85
CA ALA C 272 8.29 6.12 54.46
C ALA C 272 7.14 6.26 53.44
N GLY C 273 6.39 5.21 53.14
CA GLY C 273 5.31 5.29 52.14
C GLY C 273 5.85 5.34 50.71
N ASP C 274 4.95 5.57 49.75
CA ASP C 274 5.18 5.39 48.30
C ASP C 274 5.95 6.59 47.74
N VAL C 275 6.81 6.34 46.74
CA VAL C 275 7.48 7.41 45.95
C VAL C 275 6.73 7.52 44.61
N ASP C 276 6.28 8.73 44.26
CA ASP C 276 5.56 9.01 42.98
C ASP C 276 6.59 9.47 41.92
N HIS C 277 7.06 8.52 41.11
CA HIS C 277 8.13 8.61 40.08
C HIS C 277 7.74 9.53 38.89
N LEU C 278 6.43 9.77 38.65
CA LEU C 278 5.87 10.68 37.60
C LEU C 278 5.18 11.88 38.26
N ASN D 1 -12.09 24.69 26.20
CA ASN D 1 -11.89 23.57 25.22
C ASN D 1 -13.25 22.90 24.95
N ALA D 2 -13.23 21.74 24.28
CA ALA D 2 -14.40 21.08 23.65
C ALA D 2 -15.25 20.34 24.71
N MET D 3 -16.53 20.08 24.41
CA MET D 3 -17.42 19.22 25.23
C MET D 3 -16.94 17.77 25.17
N ALA D 4 -16.49 17.22 26.31
CA ALA D 4 -16.10 15.80 26.45
C ALA D 4 -17.40 15.06 26.68
N LEU D 5 -17.97 14.40 25.67
CA LEU D 5 -19.21 13.58 25.84
C LEU D 5 -18.80 12.11 26.07
N ALA D 6 -19.74 11.31 26.61
CA ALA D 6 -19.53 9.92 27.10
C ALA D 6 -19.70 8.89 25.97
N ALA D 7 -20.41 9.28 24.91
CA ALA D 7 -20.84 8.45 23.75
C ALA D 7 -21.29 9.38 22.64
N PRO D 8 -21.41 8.90 21.38
CA PRO D 8 -21.88 9.76 20.31
C PRO D 8 -23.22 10.37 20.67
N PRO D 9 -23.42 11.70 20.50
CA PRO D 9 -24.68 12.33 20.89
C PRO D 9 -25.85 11.68 20.15
N GLY D 10 -26.99 11.44 20.82
CA GLY D 10 -28.20 10.83 20.23
C GLY D 10 -28.67 11.58 19.00
N GLU D 11 -28.61 12.92 19.03
CA GLU D 11 -29.12 13.80 17.95
C GLU D 11 -28.24 13.70 16.70
N LEU D 12 -27.04 13.12 16.79
CA LEU D 12 -26.11 12.92 15.64
C LEU D 12 -26.09 11.47 15.17
N THR D 13 -26.77 10.55 15.86
CA THR D 13 -26.43 9.10 15.75
C THR D 13 -27.63 8.31 15.28
N LEU D 14 -27.38 7.33 14.40
CA LEU D 14 -28.32 6.33 13.88
C LEU D 14 -27.67 4.97 14.12
N ALA D 15 -28.40 4.03 14.69
CA ALA D 15 -27.91 2.67 14.98
C ALA D 15 -28.30 1.76 13.80
N LEU D 16 -27.32 1.05 13.30
CA LEU D 16 -27.51 -0.11 12.37
C LEU D 16 -26.91 -1.38 12.97
N THR D 17 -27.10 -2.47 12.25
CA THR D 17 -26.33 -3.74 12.33
C THR D 17 -25.63 -3.89 10.98
N PRO D 18 -24.53 -4.67 10.88
CA PRO D 18 -23.85 -4.86 9.61
C PRO D 18 -24.71 -5.56 8.54
N ASP D 19 -25.80 -6.23 8.94
CA ASP D 19 -26.72 -6.92 7.99
C ASP D 19 -27.55 -5.88 7.20
N ASP D 20 -27.78 -4.69 7.79
CA ASP D 20 -28.59 -3.62 7.17
C ASP D 20 -27.88 -3.16 5.89
N LYS D 21 -28.63 -3.22 4.77
CA LYS D 21 -28.21 -2.77 3.42
C LYS D 21 -28.80 -1.40 3.09
N THR D 22 -29.80 -0.96 3.85
CA THR D 22 -30.48 0.33 3.64
C THR D 22 -31.02 0.82 4.98
N LEU D 23 -31.14 2.12 5.13
CA LEU D 23 -32.03 2.74 6.15
C LEU D 23 -33.46 2.70 5.60
N ASP D 24 -34.44 2.46 6.47
CA ASP D 24 -35.88 2.63 6.12
C ASP D 24 -36.12 4.10 5.82
N PRO D 25 -37.18 4.46 5.06
CA PRO D 25 -37.41 5.84 4.66
C PRO D 25 -37.34 6.88 5.78
N ALA D 26 -37.88 6.56 6.97
CA ALA D 26 -37.93 7.47 8.15
C ALA D 26 -36.51 7.71 8.68
N SER D 27 -35.71 6.65 8.77
CA SER D 27 -34.28 6.69 9.20
C SER D 27 -33.47 7.52 8.21
N LEU D 28 -33.64 7.31 6.90
CA LEU D 28 -32.94 8.09 5.84
C LEU D 28 -33.31 9.56 6.00
N ASP D 29 -34.60 9.88 6.16
CA ASP D 29 -35.06 11.28 6.37
C ASP D 29 -34.27 11.89 7.54
N ARG D 30 -34.09 11.15 8.63
CA ARG D 30 -33.40 11.63 9.86
C ARG D 30 -31.91 11.78 9.57
N ALA D 31 -31.28 10.81 8.89
CA ALA D 31 -29.86 10.91 8.45
C ALA D 31 -29.66 12.23 7.70
N LEU D 32 -30.53 12.51 6.74
CA LEU D 32 -30.43 13.74 5.90
C LEU D 32 -30.69 15.00 6.75
N ALA D 33 -31.68 14.99 7.64
CA ALA D 33 -31.98 16.16 8.52
C ALA D 33 -30.75 16.46 9.40
N ILE D 34 -30.11 15.42 9.93
CA ILE D 34 -28.88 15.54 10.78
C ILE D 34 -27.74 16.10 9.95
N LEU D 35 -27.47 15.56 8.78
CA LEU D 35 -26.38 16.07 7.90
C LEU D 35 -26.65 17.54 7.54
N ALA D 36 -27.90 17.91 7.27
CA ALA D 36 -28.25 19.29 6.86
C ALA D 36 -28.03 20.23 8.06
N GLU D 37 -28.53 19.86 9.24
CA GLU D 37 -28.51 20.76 10.43
C GLU D 37 -27.11 20.77 11.05
N HIS D 38 -26.54 19.59 11.31
CA HIS D 38 -25.31 19.39 12.12
C HIS D 38 -24.09 19.16 11.25
N GLY D 39 -24.27 18.64 10.03
CA GLY D 39 -23.17 18.44 9.07
C GLY D 39 -22.29 17.26 9.48
N ILE D 40 -22.71 16.48 10.48
CA ILE D 40 -22.01 15.25 10.94
C ILE D 40 -23.06 14.26 11.41
N LEU D 41 -22.87 13.02 11.01
CA LEU D 41 -23.76 11.89 11.30
C LEU D 41 -22.89 10.71 11.72
N VAL D 42 -23.21 10.09 12.85
CA VAL D 42 -22.54 8.86 13.34
C VAL D 42 -23.44 7.65 13.12
N LEU D 43 -22.98 6.67 12.37
CA LEU D 43 -23.66 5.38 12.08
C LEU D 43 -22.94 4.29 12.87
N THR D 44 -23.55 3.78 13.95
CA THR D 44 -22.96 2.68 14.74
C THR D 44 -23.40 1.33 14.15
N GLY D 45 -22.54 0.32 14.31
CA GLY D 45 -22.82 -1.08 14.00
C GLY D 45 -22.87 -1.31 12.51
N MET D 46 -21.96 -0.69 11.75
CA MET D 46 -21.97 -0.73 10.27
C MET D 46 -21.08 -1.88 9.78
N LEU D 47 -19.85 -1.96 10.32
CA LEU D 47 -18.80 -2.83 9.72
C LEU D 47 -18.48 -4.00 10.64
N ARG D 48 -18.33 -5.20 10.07
CA ARG D 48 -18.01 -6.43 10.83
CA ARG D 48 -18.02 -6.43 10.85
C ARG D 48 -16.55 -6.36 11.31
N THR D 49 -16.28 -7.00 12.45
CA THR D 49 -14.96 -7.15 13.08
C THR D 49 -13.96 -7.72 12.06
N ARG D 50 -14.35 -8.69 11.25
CA ARG D 50 -13.44 -9.35 10.27
C ARG D 50 -12.83 -8.29 9.35
N LEU D 51 -13.60 -7.24 8.95
CA LEU D 51 -13.07 -6.20 8.01
C LEU D 51 -12.15 -5.28 8.82
N THR D 52 -12.64 -4.73 9.95
CA THR D 52 -11.92 -3.66 10.70
C THR D 52 -10.62 -4.25 11.27
N ASP D 53 -10.63 -5.50 11.75
CA ASP D 53 -9.40 -6.17 12.25
C ASP D 53 -8.34 -6.21 11.14
N GLN D 54 -8.74 -6.61 9.93
CA GLN D 54 -7.77 -6.80 8.82
C GLN D 54 -7.21 -5.44 8.38
N LEU D 55 -8.04 -4.41 8.33
CA LEU D 55 -7.62 -3.04 7.89
C LEU D 55 -6.74 -2.41 8.96
N ARG D 56 -7.11 -2.57 10.23
CA ARG D 56 -6.28 -2.10 11.37
C ARG D 56 -4.90 -2.73 11.28
N THR D 57 -4.83 -4.06 11.20
CA THR D 57 -3.54 -4.81 11.20
C THR D 57 -2.69 -4.28 10.04
N ALA D 58 -3.29 -4.12 8.86
CA ALA D 58 -2.56 -3.76 7.63
C ALA D 58 -2.01 -2.35 7.77
N MET D 59 -2.79 -1.42 8.31
CA MET D 59 -2.31 -0.01 8.47
C MET D 59 -1.21 0.08 9.54
N LEU D 60 -1.33 -0.66 10.65
CA LEU D 60 -0.24 -0.70 11.67
C LEU D 60 1.02 -1.35 11.06
N ASP D 61 0.88 -2.41 10.28
CA ASP D 61 2.00 -3.10 9.60
C ASP D 61 2.69 -2.17 8.60
N ASP D 62 1.94 -1.25 7.99
CA ASP D 62 2.45 -0.31 6.94
C ASP D 62 3.06 0.93 7.58
N LEU D 63 2.75 1.22 8.85
CA LEU D 63 3.17 2.50 9.50
C LEU D 63 4.68 2.67 9.43
N PRO D 64 5.52 1.64 9.71
CA PRO D 64 6.97 1.79 9.65
C PRO D 64 7.46 2.29 8.28
N GLU D 65 6.92 1.75 7.18
CA GLU D 65 7.32 2.17 5.81
C GLU D 65 6.96 3.65 5.65
N VAL D 66 5.81 4.07 6.15
CA VAL D 66 5.38 5.50 6.08
C VAL D 66 6.37 6.38 6.85
N LEU D 67 6.78 5.94 8.05
CA LEU D 67 7.64 6.76 8.96
C LEU D 67 9.07 6.87 8.40
N ARG D 68 9.54 5.90 7.60
CA ARG D 68 10.95 5.94 7.10
C ARG D 68 11.05 6.66 5.77
N GLN D 69 9.95 7.22 5.22
N GLN D 69 9.95 7.20 5.21
CA GLN D 69 10.00 8.03 3.98
CA GLN D 69 10.06 7.96 3.93
C GLN D 69 10.79 9.30 4.25
C GLN D 69 10.77 9.30 4.23
N GLN D 70 11.45 9.85 3.22
CA GLN D 70 12.34 11.05 3.28
C GLN D 70 11.55 12.20 3.91
N ASP D 71 10.36 12.46 3.38
CA ASP D 71 9.44 13.49 3.88
C ASP D 71 8.16 12.80 4.34
N VAL D 72 7.96 12.69 5.66
CA VAL D 72 6.75 12.07 6.24
C VAL D 72 5.61 13.04 5.98
N PRO D 73 4.53 12.61 5.28
CA PRO D 73 3.41 13.53 4.99
C PRO D 73 2.62 13.75 6.29
N THR D 74 2.69 14.96 6.86
CA THR D 74 2.12 15.24 8.21
C THR D 74 1.14 16.39 8.05
N ASN D 75 0.02 16.30 8.76
CA ASN D 75 -1.14 17.22 8.57
C ASN D 75 -1.04 18.34 9.60
N PHE D 76 -0.49 19.47 9.20
CA PHE D 76 -0.41 20.75 9.92
C PHE D 76 0.62 20.70 11.04
N VAL D 77 0.57 19.68 11.93
CA VAL D 77 1.43 19.63 13.13
C VAL D 77 1.96 18.22 13.35
N PRO D 78 3.06 18.08 14.11
CA PRO D 78 3.66 16.77 14.39
C PRO D 78 2.65 15.72 14.88
N GLY D 79 2.81 14.51 14.39
CA GLY D 79 2.10 13.31 14.90
C GLY D 79 0.83 12.98 14.14
N HIS D 80 0.37 13.84 13.23
CA HIS D 80 -0.82 13.60 12.36
C HIS D 80 -0.37 13.15 10.97
N VAL D 81 -0.26 11.85 10.77
CA VAL D 81 0.41 11.26 9.56
C VAL D 81 -0.68 10.92 8.52
N GLN D 82 -0.48 11.34 7.28
CA GLN D 82 -1.34 10.89 6.15
C GLN D 82 -0.87 9.49 5.78
N GLN D 83 -1.76 8.52 5.74
CA GLN D 83 -1.42 7.12 5.37
C GLN D 83 -2.57 6.51 4.57
N ASP D 84 -2.30 6.10 3.33
CA ASP D 84 -3.26 5.37 2.48
C ASP D 84 -3.29 3.92 2.93
N PRO D 85 -4.48 3.33 3.13
CA PRO D 85 -4.61 1.92 3.42
C PRO D 85 -4.23 1.17 2.15
N PRO D 86 -3.82 -0.11 2.24
CA PRO D 86 -3.40 -0.86 1.07
C PRO D 86 -4.53 -1.00 0.05
N VAL D 87 -4.13 -1.00 -1.23
CA VAL D 87 -5.06 -1.27 -2.36
C VAL D 87 -4.60 -2.57 -3.02
N ARG D 88 -4.21 -3.57 -2.22
CA ARG D 88 -4.12 -4.98 -2.70
C ARG D 88 -5.53 -5.58 -2.63
N GLU D 89 -5.83 -6.43 -3.60
CA GLU D 89 -7.17 -7.06 -3.79
C GLU D 89 -7.72 -7.63 -2.48
N SER D 90 -6.91 -8.33 -1.69
CA SER D 90 -7.32 -9.03 -0.44
C SER D 90 -7.77 -8.03 0.65
N LEU D 91 -7.46 -6.73 0.53
CA LEU D 91 -7.88 -5.72 1.55
C LEU D 91 -8.80 -4.65 0.95
N LEU D 92 -9.37 -4.91 -0.23
CA LEU D 92 -10.40 -4.02 -0.80
C LEU D 92 -11.75 -4.72 -0.70
N PHE D 93 -12.58 -4.19 0.19
CA PHE D 93 -13.84 -4.84 0.64
C PHE D 93 -15.02 -4.04 0.11
N PRO D 94 -15.95 -4.66 -0.64
CA PRO D 94 -17.13 -3.96 -1.10
C PRO D 94 -17.88 -3.22 0.02
N ASP D 95 -17.97 -3.80 1.23
CA ASP D 95 -18.75 -3.18 2.32
C ASP D 95 -18.01 -1.95 2.86
N VAL D 96 -16.76 -1.71 2.47
CA VAL D 96 -15.98 -0.50 2.86
C VAL D 96 -15.98 0.50 1.72
N LEU D 97 -15.54 0.09 0.52
CA LEU D 97 -15.47 1.01 -0.66
C LEU D 97 -16.86 1.39 -1.14
N LEU D 98 -17.78 0.43 -1.15
CA LEU D 98 -19.10 0.54 -1.81
C LEU D 98 -20.18 0.20 -0.79
N ASN D 99 -20.12 0.81 0.39
CA ASN D 99 -21.07 0.47 1.47
C ASN D 99 -22.45 0.90 1.02
N PRO D 100 -23.45 0.00 1.05
CA PRO D 100 -24.79 0.35 0.54
C PRO D 100 -25.45 1.45 1.38
N VAL D 101 -25.23 1.48 2.70
CA VAL D 101 -25.87 2.52 3.55
C VAL D 101 -25.20 3.87 3.26
N VAL D 102 -23.87 3.88 3.17
CA VAL D 102 -23.10 5.11 2.90
C VAL D 102 -23.61 5.70 1.58
N TYR D 103 -23.69 4.88 0.53
CA TYR D 103 -24.05 5.39 -0.82
C TYR D 103 -25.55 5.73 -0.85
N GLN D 104 -26.39 5.03 -0.08
CA GLN D 104 -27.82 5.44 0.03
C GLN D 104 -27.84 6.90 0.52
N ILE D 105 -26.99 7.24 1.49
CA ILE D 105 -26.98 8.63 2.06
C ILE D 105 -26.40 9.60 1.04
N THR D 106 -25.24 9.28 0.46
CA THR D 106 -24.50 10.22 -0.41
C THR D 106 -25.31 10.42 -1.70
N HIS D 107 -25.94 9.37 -2.24
CA HIS D 107 -26.83 9.52 -3.42
C HIS D 107 -27.96 10.51 -3.09
N ALA D 108 -28.58 10.38 -1.92
CA ALA D 108 -29.71 11.24 -1.51
C ALA D 108 -29.23 12.69 -1.33
N VAL D 109 -28.01 12.90 -0.82
CA VAL D 109 -27.53 14.27 -0.54
C VAL D 109 -26.98 14.88 -1.82
N LEU D 110 -26.09 14.14 -2.50
CA LEU D 110 -25.22 14.68 -3.58
C LEU D 110 -25.72 14.23 -4.97
N GLY D 111 -26.64 13.26 -5.06
CA GLY D 111 -27.21 12.81 -6.34
C GLY D 111 -26.59 11.50 -6.79
N ALA D 112 -27.24 10.82 -7.75
CA ALA D 112 -26.94 9.44 -8.18
C ALA D 112 -25.54 9.35 -8.78
N ASP D 113 -24.98 10.46 -9.25
CA ASP D 113 -23.65 10.47 -9.95
C ASP D 113 -22.53 10.89 -8.97
N ALA D 114 -22.84 11.01 -7.68
CA ALA D 114 -21.81 11.22 -6.64
C ALA D 114 -20.80 10.09 -6.72
N ARG D 115 -19.53 10.37 -6.48
CA ARG D 115 -18.46 9.36 -6.64
C ARG D 115 -17.47 9.48 -5.49
N ASN D 116 -17.03 8.34 -4.98
CA ASN D 116 -15.84 8.30 -4.09
C ASN D 116 -14.59 8.68 -4.88
N ALA D 117 -13.82 9.67 -4.43
CA ALA D 117 -12.54 10.05 -5.05
C ALA D 117 -11.39 10.03 -4.03
N VAL D 118 -11.60 9.48 -2.83
CA VAL D 118 -10.49 9.36 -1.83
C VAL D 118 -10.55 8.00 -1.16
N TYR D 119 -9.41 7.33 -1.12
CA TYR D 119 -9.19 6.12 -0.29
C TYR D 119 -7.88 6.33 0.44
N SER D 120 -7.97 7.04 1.57
CA SER D 120 -6.77 7.47 2.34
C SER D 120 -6.97 7.14 3.82
N GLY D 121 -6.24 7.83 4.68
CA GLY D 121 -6.30 7.58 6.12
C GLY D 121 -5.41 8.52 6.90
N ASN D 122 -5.60 8.52 8.21
CA ASN D 122 -4.92 9.40 9.19
C ASN D 122 -4.44 8.53 10.34
N MET D 123 -3.12 8.39 10.50
CA MET D 123 -2.47 7.70 11.62
C MET D 123 -2.08 8.76 12.66
N ASN D 124 -2.79 8.77 13.80
CA ASN D 124 -2.57 9.77 14.87
C ASN D 124 -1.61 9.13 15.88
N LEU D 125 -0.37 9.64 15.95
CA LEU D 125 0.72 8.97 16.72
C LEU D 125 0.69 9.39 18.19
N PRO D 126 1.14 8.51 19.09
CA PRO D 126 1.34 8.88 20.48
C PRO D 126 2.20 10.16 20.60
N GLY D 127 1.70 11.12 21.39
CA GLY D 127 2.37 12.39 21.67
C GLY D 127 2.09 13.45 20.64
N SER D 128 1.16 13.19 19.72
CA SER D 128 0.78 14.12 18.62
C SER D 128 0.34 15.45 19.22
N HIS D 129 0.48 16.52 18.44
CA HIS D 129 0.08 17.91 18.79
C HIS D 129 -1.38 18.16 18.41
N GLU D 130 -1.89 19.34 18.73
CA GLU D 130 -3.24 19.82 18.39
C GLU D 130 -3.21 20.49 17.00
N GLN D 131 -3.99 19.96 16.08
CA GLN D 131 -4.14 20.56 14.74
C GLN D 131 -4.90 21.87 14.91
N PRO D 132 -4.71 22.84 14.00
CA PRO D 132 -5.61 23.99 13.93
C PRO D 132 -7.01 23.50 13.51
N VAL D 133 -8.05 24.21 13.94
CA VAL D 133 -9.41 23.96 13.41
C VAL D 133 -9.43 24.33 11.91
N HIS D 134 -9.93 23.42 11.09
CA HIS D 134 -9.88 23.56 9.60
C HIS D 134 -11.08 22.86 8.99
N LEU D 135 -11.33 23.15 7.71
CA LEU D 135 -12.17 22.27 6.88
C LEU D 135 -11.29 21.53 5.87
N ASP D 136 -11.62 20.28 5.58
CA ASP D 136 -10.87 19.43 4.60
C ASP D 136 -11.18 19.87 3.16
N GLU D 137 -12.37 20.40 2.89
CA GLU D 137 -12.74 20.91 1.55
C GLU D 137 -13.40 22.27 1.69
N PRO D 138 -13.00 23.26 0.88
CA PRO D 138 -13.49 24.62 1.06
C PRO D 138 -14.91 24.82 0.51
N HIS D 139 -15.54 25.90 0.92
CA HIS D 139 -16.68 26.52 0.20
C HIS D 139 -16.16 26.91 -1.19
N LEU D 140 -17.03 26.92 -2.20
CA LEU D 140 -16.60 27.07 -3.62
C LEU D 140 -16.47 28.54 -3.99
N TRP D 141 -17.15 29.44 -3.26
CA TRP D 141 -16.95 30.91 -3.42
C TRP D 141 -16.98 31.53 -2.04
N PRO D 142 -16.15 32.56 -1.76
CA PRO D 142 -16.18 33.21 -0.46
C PRO D 142 -17.50 33.99 -0.30
N GLY D 143 -18.08 33.97 0.90
CA GLY D 143 -19.22 34.83 1.28
C GLY D 143 -20.55 34.34 0.75
N ILE D 144 -20.62 33.09 0.28
CA ILE D 144 -21.82 32.51 -0.39
C ILE D 144 -22.28 31.27 0.38
N SER D 145 -23.59 31.17 0.64
CA SER D 145 -24.27 29.93 1.10
C SER D 145 -24.56 29.04 -0.10
N HIS D 146 -23.99 27.84 -0.13
CA HIS D 146 -24.34 26.84 -1.15
C HIS D 146 -24.44 25.47 -0.50
N PRO D 147 -25.14 24.53 -1.16
CA PRO D 147 -25.31 23.19 -0.67
C PRO D 147 -24.00 22.42 -0.65
N PRO D 148 -23.98 21.23 -0.02
CA PRO D 148 -22.78 20.42 0.02
C PRO D 148 -22.44 19.96 -1.41
N TYR D 149 -21.14 19.80 -1.66
CA TYR D 149 -20.62 19.10 -2.87
C TYR D 149 -19.78 17.90 -2.47
N CYS D 150 -19.55 17.67 -1.16
CA CYS D 150 -18.76 16.49 -0.77
C CYS D 150 -19.09 16.02 0.64
N LEU D 151 -18.95 14.72 0.84
CA LEU D 151 -19.18 14.08 2.15
C LEU D 151 -17.96 13.22 2.46
N CYS D 152 -17.24 13.57 3.53
CA CYS D 152 -16.17 12.73 4.11
C CYS D 152 -16.81 11.53 4.84
N VAL D 153 -16.26 10.37 4.63
CA VAL D 153 -16.70 9.08 5.23
C VAL D 153 -15.50 8.55 6.06
N ASP D 154 -15.61 8.64 7.37
CA ASP D 154 -14.52 8.35 8.33
C ASP D 154 -14.79 7.00 8.96
N VAL D 155 -13.80 6.11 8.93
CA VAL D 155 -13.90 4.72 9.43
C VAL D 155 -12.83 4.52 10.50
N PRO D 156 -13.18 4.65 11.80
CA PRO D 156 -12.23 4.34 12.88
C PRO D 156 -11.84 2.87 12.77
N LEU D 157 -10.56 2.53 12.89
CA LEU D 157 -10.11 1.12 12.82
C LEU D 157 -9.77 0.55 14.22
N ILE D 158 -9.87 1.36 15.26
CA ILE D 158 -9.92 0.93 16.69
C ILE D 158 -11.00 1.77 17.37
N ASP D 159 -11.34 1.43 18.60
CA ASP D 159 -12.19 2.26 19.47
C ASP D 159 -11.49 3.62 19.63
N PHE D 160 -12.14 4.68 19.22
CA PHE D 160 -11.68 6.09 19.39
C PHE D 160 -12.15 6.52 20.78
N THR D 161 -11.23 7.05 21.60
CA THR D 161 -11.51 7.55 22.96
C THR D 161 -11.09 9.01 23.06
N LEU D 162 -11.47 9.67 24.16
CA LEU D 162 -10.99 11.05 24.43
C LEU D 162 -9.47 10.99 24.58
N GLU D 163 -8.95 9.90 25.14
CA GLU D 163 -7.50 9.70 25.35
C GLU D 163 -6.74 9.52 24.03
N ASN D 164 -7.22 8.70 23.07
CA ASN D 164 -6.35 8.28 21.93
C ASN D 164 -6.60 9.12 20.67
N GLY D 165 -7.32 10.24 20.73
CA GLY D 165 -7.37 11.16 19.58
C GLY D 165 -8.68 11.17 18.82
N SER D 166 -9.81 10.88 19.45
CA SER D 166 -11.13 11.10 18.84
C SER D 166 -11.20 12.54 18.33
N THR D 167 -11.61 12.74 17.07
CA THR D 167 -11.54 14.03 16.35
C THR D 167 -12.47 15.04 17.03
N GLU D 168 -12.05 16.29 17.16
CA GLU D 168 -12.97 17.36 17.61
C GLU D 168 -13.80 17.83 16.40
N TYR D 169 -15.12 17.91 16.56
CA TYR D 169 -16.08 18.31 15.52
C TYR D 169 -16.83 19.53 16.01
N TRP D 170 -17.08 20.46 15.09
CA TRP D 170 -17.88 21.68 15.30
C TRP D 170 -19.24 21.54 14.64
N PRO D 171 -20.26 21.02 15.36
CA PRO D 171 -21.55 20.79 14.73
C PRO D 171 -22.15 22.09 14.15
N GLY D 172 -22.75 21.99 12.96
CA GLY D 172 -23.41 23.12 12.27
C GLY D 172 -22.43 24.06 11.58
N SER D 173 -21.14 23.84 11.67
CA SER D 173 -20.09 24.75 11.12
C SER D 173 -20.01 24.67 9.59
N HIS D 174 -20.58 23.64 8.99
CA HIS D 174 -20.43 23.37 7.53
C HIS D 174 -21.11 24.44 6.67
N VAL D 175 -22.08 25.18 7.20
CA VAL D 175 -22.81 26.24 6.44
C VAL D 175 -22.15 27.61 6.63
N LEU D 176 -21.13 27.74 7.51
CA LEU D 176 -20.53 29.05 7.84
C LEU D 176 -19.51 29.41 6.75
N ASN D 177 -19.67 30.57 6.14
CA ASN D 177 -18.80 31.05 5.06
C ASN D 177 -18.87 32.57 4.99
N PRO D 178 -18.52 33.31 6.07
CA PRO D 178 -18.43 34.78 5.98
C PRO D 178 -17.13 35.11 5.21
N ASP D 179 -16.96 36.36 4.82
CA ASP D 179 -15.69 36.87 4.23
C ASP D 179 -14.57 36.75 5.29
N GLU D 180 -13.37 36.35 4.86
CA GLU D 180 -12.12 36.39 5.68
C GLU D 180 -12.15 35.32 6.78
N CYS D 181 -12.89 34.24 6.55
CA CYS D 181 -13.08 33.15 7.53
C CYS D 181 -11.98 32.08 7.43
N TYR D 182 -11.40 31.87 6.24
CA TYR D 182 -10.50 30.73 5.96
C TYR D 182 -9.19 31.29 5.40
N ASP D 183 -8.04 30.75 5.84
CA ASP D 183 -6.74 31.04 5.19
C ASP D 183 -6.56 30.07 4.01
N GLU D 184 -5.43 30.18 3.29
CA GLU D 184 -5.18 29.38 2.07
CA GLU D 184 -5.15 29.38 2.07
C GLU D 184 -5.01 27.88 2.41
N ARG D 185 -4.81 27.52 3.70
CA ARG D 185 -4.68 26.09 4.11
C ARG D 185 -6.03 25.54 4.55
N GLY D 186 -7.09 26.33 4.49
CA GLY D 186 -8.42 25.89 4.95
C GLY D 186 -8.57 25.93 6.49
N CYS D 187 -7.66 26.63 7.17
CA CYS D 187 -7.74 26.84 8.63
C CYS D 187 -8.69 27.99 8.96
N VAL D 188 -9.46 27.84 10.03
CA VAL D 188 -10.47 28.85 10.44
C VAL D 188 -9.78 29.98 11.21
N LEU D 189 -10.08 31.21 10.80
CA LEU D 189 -9.58 32.42 11.45
C LEU D 189 -10.00 32.43 12.93
N PRO D 190 -9.07 32.76 13.85
CA PRO D 190 -9.38 32.85 15.29
C PRO D 190 -10.66 33.60 15.64
N ALA D 191 -10.90 34.77 15.06
CA ALA D 191 -12.09 35.60 15.38
C ALA D 191 -13.35 34.83 15.03
N GLU D 192 -13.36 34.08 13.92
CA GLU D 192 -14.56 33.32 13.51
C GLU D 192 -14.74 32.08 14.42
N LEU D 193 -13.66 31.42 14.81
CA LEU D 193 -13.73 30.30 15.80
C LEU D 193 -14.43 30.78 17.08
N GLU D 194 -13.97 31.90 17.65
CA GLU D 194 -14.41 32.30 19.01
C GLU D 194 -15.86 32.78 18.88
N ARG D 195 -16.24 33.44 17.78
CA ARG D 195 -17.66 33.82 17.50
C ARG D 195 -18.53 32.56 17.49
N ARG D 196 -18.08 31.53 16.79
CA ARG D 196 -18.88 30.29 16.65
C ARG D 196 -18.95 29.58 18.02
N ARG D 197 -17.85 29.55 18.75
CA ARG D 197 -17.72 28.80 20.02
C ARG D 197 -18.78 29.31 21.02
N ALA D 198 -19.07 30.61 21.04
CA ALA D 198 -20.08 31.21 21.93
C ALA D 198 -21.48 30.65 21.63
N VAL D 199 -21.79 30.36 20.37
CA VAL D 199 -23.16 29.99 19.90
C VAL D 199 -23.30 28.46 19.89
N ALA D 200 -22.25 27.72 19.52
CA ALA D 200 -22.29 26.25 19.32
C ALA D 200 -20.88 25.68 19.49
N PRO D 201 -20.45 25.39 20.73
CA PRO D 201 -19.07 24.97 20.96
C PRO D 201 -18.80 23.58 20.38
N PRO D 202 -17.51 23.26 20.12
CA PRO D 202 -17.15 21.94 19.60
C PRO D 202 -17.42 20.80 20.60
N VAL D 203 -17.47 19.59 20.07
CA VAL D 203 -17.75 18.35 20.85
C VAL D 203 -16.69 17.33 20.49
N ARG D 204 -16.47 16.41 21.40
CA ARG D 204 -15.54 15.27 21.20
C ARG D 204 -16.16 14.10 21.93
N PHE D 205 -16.18 12.93 21.30
CA PHE D 205 -16.82 11.74 21.88
C PHE D 205 -16.15 10.46 21.44
N PRO D 206 -16.23 9.42 22.27
CA PRO D 206 -15.79 8.08 21.87
C PRO D 206 -16.60 7.61 20.66
N ILE D 207 -15.93 6.89 19.75
CA ILE D 207 -16.57 6.22 18.60
C ILE D 207 -16.05 4.79 18.56
N PRO D 208 -16.91 3.79 18.77
CA PRO D 208 -16.48 2.39 18.71
C PRO D 208 -16.13 1.98 17.28
N VAL D 209 -15.11 1.14 17.16
CA VAL D 209 -14.74 0.48 15.87
C VAL D 209 -16.00 -0.26 15.39
N GLY D 210 -16.28 -0.19 14.09
CA GLY D 210 -17.50 -0.71 13.49
C GLY D 210 -18.40 0.44 13.11
N SER D 211 -18.14 1.63 13.65
CA SER D 211 -18.92 2.86 13.33
C SER D 211 -18.40 3.46 12.04
N VAL D 212 -19.23 4.28 11.41
CA VAL D 212 -18.84 5.15 10.26
C VAL D 212 -19.35 6.55 10.55
N VAL D 213 -18.50 7.55 10.37
CA VAL D 213 -18.89 8.98 10.46
C VAL D 213 -19.05 9.53 9.06
N ILE D 214 -20.17 10.15 8.76
CA ILE D 214 -20.37 10.89 7.48
C ILE D 214 -20.46 12.36 7.87
N ARG D 215 -19.68 13.19 7.20
CA ARG D 215 -19.70 14.64 7.52
C ARG D 215 -19.52 15.45 6.24
N ASP D 216 -20.13 16.60 6.23
CA ASP D 216 -19.90 17.60 5.18
C ASP D 216 -18.40 17.86 5.12
N GLY D 217 -17.82 17.87 3.91
CA GLY D 217 -16.38 18.12 3.73
C GLY D 217 -15.96 19.48 4.28
N ARG D 218 -16.94 20.37 4.48
CA ARG D 218 -16.70 21.77 4.93
C ARG D 218 -16.84 21.90 6.45
N LEU D 219 -17.19 20.82 7.14
CA LEU D 219 -17.33 20.84 8.64
C LEU D 219 -15.99 21.22 9.29
N TRP D 220 -16.02 22.18 10.21
CA TRP D 220 -14.82 22.51 11.01
C TRP D 220 -14.53 21.32 11.93
N HIS D 221 -13.26 20.94 12.02
CA HIS D 221 -12.80 19.85 12.90
C HIS D 221 -11.32 20.04 13.17
N ARG D 222 -10.75 19.28 14.09
CA ARG D 222 -9.28 19.20 14.24
C ARG D 222 -8.91 17.86 14.82
N GLY D 223 -7.83 17.28 14.33
CA GLY D 223 -7.11 16.25 15.07
C GLY D 223 -6.56 16.81 16.38
N VAL D 224 -6.61 15.99 17.42
CA VAL D 224 -6.14 16.36 18.77
C VAL D 224 -5.13 15.29 19.23
N PRO D 225 -4.39 15.58 20.31
CA PRO D 225 -3.33 14.67 20.74
C PRO D 225 -3.82 13.27 21.04
N ASN D 226 -3.05 12.29 20.58
CA ASN D 226 -3.16 10.89 21.00
C ASN D 226 -2.28 10.69 22.24
N LEU D 227 -2.90 10.57 23.41
CA LEU D 227 -2.23 10.46 24.72
C LEU D 227 -2.17 9.00 25.16
N SER D 228 -2.45 8.07 24.25
CA SER D 228 -2.31 6.61 24.49
C SER D 228 -0.90 6.21 24.06
N ALA D 229 -0.53 4.96 24.23
CA ALA D 229 0.80 4.42 23.92
C ALA D 229 0.83 3.84 22.51
N ALA D 230 -0.28 3.92 21.75
CA ALA D 230 -0.43 3.21 20.46
C ALA D 230 -0.96 4.14 19.38
N PRO D 231 -0.47 4.00 18.13
CA PRO D 231 -1.02 4.73 16.98
C PRO D 231 -2.52 4.47 16.75
N ARG D 232 -3.29 5.52 16.44
CA ARG D 232 -4.77 5.49 16.31
C ARG D 232 -5.09 5.62 14.81
N PRO D 233 -5.38 4.52 14.10
CA PRO D 233 -5.67 4.56 12.66
C PRO D 233 -7.11 4.91 12.28
N LEU D 234 -7.26 5.82 11.33
CA LEU D 234 -8.53 6.22 10.70
C LEU D 234 -8.43 5.95 9.18
N LEU D 235 -9.41 5.28 8.60
CA LEU D 235 -9.56 5.15 7.13
C LEU D 235 -10.53 6.24 6.66
N ALA D 236 -10.17 6.95 5.61
CA ALA D 236 -10.86 8.18 5.14
C ALA D 236 -11.26 8.04 3.67
N MET D 237 -12.54 8.25 3.39
CA MET D 237 -13.04 8.33 1.99
C MET D 237 -13.79 9.64 1.85
N THR D 238 -13.89 10.15 0.61
CA THR D 238 -14.68 11.38 0.34
C THR D 238 -15.48 11.20 -0.95
N HIS D 239 -16.79 11.36 -0.85
CA HIS D 239 -17.76 11.38 -1.96
C HIS D 239 -17.94 12.83 -2.43
N TYR D 240 -17.90 13.05 -3.74
CA TYR D 240 -18.01 14.36 -4.38
C TYR D 240 -19.10 14.33 -5.45
N THR D 241 -19.77 15.44 -5.68
CA THR D 241 -20.57 15.65 -6.91
C THR D 241 -19.70 15.30 -8.10
N GLU D 242 -20.31 14.81 -9.16
N GLU D 242 -20.32 14.81 -9.16
CA GLU D 242 -19.57 14.29 -10.35
CA GLU D 242 -19.58 14.29 -10.35
C GLU D 242 -18.78 15.43 -11.00
C GLU D 242 -18.79 15.42 -11.01
N TRP D 243 -19.23 16.66 -10.87
CA TRP D 243 -18.60 17.83 -11.57
C TRP D 243 -17.38 18.40 -10.81
N PHE D 244 -17.08 17.93 -9.60
CA PHE D 244 -15.92 18.43 -8.81
C PHE D 244 -14.66 17.69 -9.22
N ASP D 245 -13.65 18.43 -9.68
CA ASP D 245 -12.43 17.85 -10.28
C ASP D 245 -11.56 17.26 -9.15
N MET D 246 -11.22 16.00 -9.27
CA MET D 246 -10.39 15.23 -8.32
C MET D 246 -9.55 14.27 -9.12
N PRO D 247 -8.30 14.00 -8.72
CA PRO D 247 -7.52 12.95 -9.36
C PRO D 247 -8.19 11.62 -9.02
N PRO D 248 -8.09 10.59 -9.88
CA PRO D 248 -8.70 9.31 -9.59
C PRO D 248 -7.89 8.57 -8.49
N ILE D 249 -8.58 7.66 -7.79
CA ILE D 249 -7.94 6.65 -6.89
C ILE D 249 -7.27 5.61 -7.79
N GLN D 250 -6.01 5.32 -7.55
CA GLN D 250 -5.27 4.23 -8.21
C GLN D 250 -5.69 2.90 -7.55
N LEU D 251 -6.25 1.97 -8.33
CA LEU D 251 -6.70 0.65 -7.87
C LEU D 251 -6.15 -0.42 -8.81
N PRO D 252 -5.87 -1.63 -8.31
CA PRO D 252 -5.39 -2.71 -9.17
C PRO D 252 -6.53 -3.14 -10.09
N ASP D 253 -6.22 -3.45 -11.35
CA ASP D 253 -7.27 -3.83 -12.35
C ASP D 253 -7.92 -5.14 -11.91
N THR D 254 -7.34 -5.87 -10.94
CA THR D 254 -7.97 -7.09 -10.35
C THR D 254 -9.33 -6.77 -9.69
N VAL D 255 -9.62 -5.52 -9.28
CA VAL D 255 -10.94 -5.19 -8.64
C VAL D 255 -11.82 -4.40 -9.60
N LYS D 256 -11.36 -4.14 -10.83
CA LYS D 256 -12.18 -3.47 -11.86
C LYS D 256 -13.51 -4.21 -12.04
N SER D 257 -13.47 -5.55 -12.06
CA SER D 257 -14.68 -6.39 -12.31
C SER D 257 -15.83 -5.92 -11.41
N TRP D 258 -15.57 -5.63 -10.11
CA TRP D 258 -16.64 -5.28 -9.12
C TRP D 258 -16.71 -3.78 -8.84
N VAL D 259 -15.63 -3.01 -9.03
CA VAL D 259 -15.67 -1.55 -8.78
C VAL D 259 -16.33 -0.83 -9.97
N ASP D 260 -15.83 -1.06 -11.18
CA ASP D 260 -16.35 -0.38 -12.40
C ASP D 260 -17.70 -1.03 -12.75
N GLY D 261 -18.70 -0.24 -13.11
CA GLY D 261 -20.04 -0.74 -13.46
C GLY D 261 -21.00 -0.84 -12.29
N SER D 262 -20.54 -0.73 -11.03
CA SER D 262 -21.43 -0.50 -9.85
C SER D 262 -22.17 0.84 -10.02
N ASP D 263 -23.41 0.92 -9.53
CA ASP D 263 -24.16 2.20 -9.41
C ASP D 263 -23.66 2.98 -8.19
N ARG D 264 -22.69 2.43 -7.43
CA ARG D 264 -21.95 3.15 -6.36
C ARG D 264 -20.62 3.57 -7.00
N HIS D 265 -20.57 4.79 -7.53
CA HIS D 265 -19.48 5.21 -8.43
C HIS D 265 -18.23 5.50 -7.60
N THR D 266 -17.10 5.16 -8.21
CA THR D 266 -15.74 5.49 -7.74
C THR D 266 -15.03 6.18 -8.93
N HIS D 267 -14.36 7.29 -8.66
CA HIS D 267 -13.42 7.91 -9.63
C HIS D 267 -12.09 7.15 -9.53
N ALA D 268 -11.94 6.10 -10.35
CA ALA D 268 -10.80 5.14 -10.24
C ALA D 268 -10.00 5.10 -11.54
N HIS D 269 -8.69 4.89 -11.41
CA HIS D 269 -7.77 4.54 -12.52
C HIS D 269 -7.27 3.14 -12.21
N PHE D 270 -7.59 2.17 -13.07
CA PHE D 270 -7.23 0.77 -12.85
C PHE D 270 -5.85 0.53 -13.46
N VAL D 271 -4.98 -0.09 -12.67
CA VAL D 271 -3.52 -0.21 -12.94
C VAL D 271 -3.24 -1.70 -13.16
N ALA D 272 -2.45 -2.02 -14.17
CA ALA D 272 -1.93 -3.38 -14.40
C ALA D 272 -0.90 -3.61 -13.29
N GLY D 273 -0.92 -4.78 -12.65
CA GLY D 273 0.00 -5.07 -11.53
C GLY D 273 -0.30 -4.28 -10.27
N ASP D 274 0.69 -4.21 -9.39
CA ASP D 274 0.55 -3.68 -8.01
C ASP D 274 0.56 -2.16 -8.05
N VAL D 275 -0.18 -1.54 -7.12
CA VAL D 275 -0.15 -0.09 -6.87
C VAL D 275 0.72 0.10 -5.61
N ASP D 276 1.69 1.02 -5.67
CA ASP D 276 2.42 1.56 -4.49
C ASP D 276 1.63 2.70 -3.81
N HIS D 277 0.87 2.34 -2.76
CA HIS D 277 0.00 3.25 -1.95
C HIS D 277 0.90 4.13 -1.03
N LEU D 278 2.18 3.81 -0.82
CA LEU D 278 3.07 4.54 0.14
C LEU D 278 4.12 5.37 -0.60
N ALA E 4 -28.03 9.68 -32.21
CA ALA E 4 -27.40 8.54 -32.94
C ALA E 4 -25.88 8.48 -32.69
N LEU E 5 -25.37 7.28 -32.39
CA LEU E 5 -24.09 7.05 -31.67
C LEU E 5 -23.09 6.39 -32.64
N ALA E 6 -21.85 6.16 -32.21
CA ALA E 6 -20.77 5.53 -33.01
C ALA E 6 -20.61 4.05 -32.67
N ALA E 7 -21.23 3.58 -31.59
CA ALA E 7 -21.22 2.14 -31.17
C ALA E 7 -22.38 1.87 -30.21
N PRO E 8 -22.76 0.59 -29.98
CA PRO E 8 -23.83 0.30 -29.04
C PRO E 8 -23.50 0.89 -27.67
N PRO E 9 -24.44 1.59 -27.01
CA PRO E 9 -24.15 2.19 -25.72
C PRO E 9 -23.70 1.11 -24.72
N GLY E 10 -22.70 1.39 -23.90
CA GLY E 10 -22.15 0.45 -22.91
C GLY E 10 -23.22 -0.06 -21.95
N GLU E 11 -24.16 0.79 -21.55
CA GLU E 11 -25.22 0.46 -20.56
C GLU E 11 -26.21 -0.55 -21.15
N LEU E 12 -26.23 -0.75 -22.46
CA LEU E 12 -27.15 -1.70 -23.16
C LEU E 12 -26.41 -2.94 -23.61
N THR E 13 -25.09 -3.01 -23.44
CA THR E 13 -24.25 -4.00 -24.15
C THR E 13 -23.59 -4.95 -23.15
N LEU E 14 -23.52 -6.23 -23.52
CA LEU E 14 -22.72 -7.29 -22.84
C LEU E 14 -21.86 -7.89 -23.94
N ALA E 15 -20.54 -7.86 -23.75
CA ALA E 15 -19.56 -8.30 -24.77
C ALA E 15 -19.24 -9.76 -24.51
N LEU E 16 -19.51 -10.64 -25.47
CA LEU E 16 -19.28 -12.09 -25.35
C LEU E 16 -18.39 -12.55 -26.50
N THR E 17 -18.02 -13.82 -26.45
CA THR E 17 -17.31 -14.56 -27.52
C THR E 17 -18.25 -15.69 -27.92
N PRO E 18 -18.12 -16.24 -29.14
CA PRO E 18 -19.03 -17.31 -29.59
C PRO E 18 -18.94 -18.58 -28.74
N ASP E 19 -17.81 -18.77 -28.06
CA ASP E 19 -17.51 -19.97 -27.24
C ASP E 19 -18.35 -19.93 -25.96
N ASP E 20 -18.81 -18.75 -25.50
CA ASP E 20 -19.65 -18.60 -24.29
C ASP E 20 -20.94 -19.43 -24.46
N LYS E 21 -21.17 -20.38 -23.53
CA LYS E 21 -22.36 -21.26 -23.44
C LYS E 21 -23.29 -20.79 -22.34
N THR E 22 -22.76 -20.11 -21.33
CA THR E 22 -23.56 -19.60 -20.20
C THR E 22 -22.86 -18.37 -19.63
N LEU E 23 -23.65 -17.39 -19.21
CA LEU E 23 -23.19 -16.21 -18.46
C LEU E 23 -23.01 -16.65 -17.00
N ASP E 24 -21.95 -16.16 -16.37
CA ASP E 24 -21.70 -16.30 -14.91
C ASP E 24 -22.81 -15.53 -14.21
N PRO E 25 -23.10 -15.83 -12.93
CA PRO E 25 -24.18 -15.18 -12.19
C PRO E 25 -24.22 -13.65 -12.30
N ALA E 26 -23.07 -12.97 -12.24
CA ALA E 26 -22.95 -11.50 -12.25
C ALA E 26 -23.35 -10.96 -13.63
N SER E 27 -22.88 -11.61 -14.70
CA SER E 27 -23.20 -11.28 -16.11
C SER E 27 -24.70 -11.45 -16.35
N LEU E 28 -25.27 -12.57 -15.92
CA LEU E 28 -26.71 -12.85 -16.06
C LEU E 28 -27.51 -11.75 -15.33
N ASP E 29 -27.13 -11.45 -14.09
CA ASP E 29 -27.81 -10.38 -13.30
C ASP E 29 -27.82 -9.09 -14.12
N ARG E 30 -26.70 -8.73 -14.76
CA ARG E 30 -26.54 -7.47 -15.53
C ARG E 30 -27.42 -7.55 -16.80
N ALA E 31 -27.39 -8.67 -17.53
CA ALA E 31 -28.28 -8.88 -18.71
C ALA E 31 -29.72 -8.60 -18.29
N LEU E 32 -30.16 -9.19 -17.19
CA LEU E 32 -31.57 -9.07 -16.71
C LEU E 32 -31.85 -7.64 -16.21
N ALA E 33 -30.91 -7.00 -15.51
CA ALA E 33 -31.10 -5.59 -15.04
C ALA E 33 -31.29 -4.69 -16.27
N ILE E 34 -30.50 -4.90 -17.32
CA ILE E 34 -30.58 -4.10 -18.59
C ILE E 34 -31.94 -4.33 -19.27
N LEU E 35 -32.35 -5.59 -19.43
CA LEU E 35 -33.65 -5.91 -20.06
C LEU E 35 -34.78 -5.28 -19.23
N ALA E 36 -34.70 -5.30 -17.91
CA ALA E 36 -35.78 -4.79 -17.03
C ALA E 36 -35.82 -3.26 -17.13
N GLU E 37 -34.68 -2.58 -17.06
CA GLU E 37 -34.63 -1.10 -17.02
C GLU E 37 -34.86 -0.55 -18.44
N HIS E 38 -34.10 -1.04 -19.42
CA HIS E 38 -33.99 -0.48 -20.78
C HIS E 38 -34.84 -1.25 -21.80
N GLY E 39 -35.07 -2.53 -21.56
CA GLY E 39 -35.93 -3.37 -22.42
C GLY E 39 -35.23 -3.74 -23.71
N ILE E 40 -33.94 -3.47 -23.81
CA ILE E 40 -33.12 -3.84 -25.01
C ILE E 40 -31.71 -4.11 -24.52
N LEU E 41 -31.16 -5.20 -25.04
CA LEU E 41 -29.84 -5.73 -24.66
C LEU E 41 -29.13 -6.06 -25.97
N VAL E 42 -27.92 -5.55 -26.17
CA VAL E 42 -27.04 -5.91 -27.32
C VAL E 42 -25.95 -6.86 -26.81
N LEU E 43 -25.90 -8.06 -27.39
CA LEU E 43 -24.88 -9.09 -27.14
C LEU E 43 -23.95 -9.09 -28.35
N THR E 44 -22.73 -8.61 -28.19
CA THR E 44 -21.71 -8.61 -29.27
C THR E 44 -20.93 -9.92 -29.17
N GLY E 45 -20.46 -10.39 -30.34
CA GLY E 45 -19.54 -11.53 -30.46
C GLY E 45 -20.20 -12.85 -30.13
N MET E 46 -21.44 -13.02 -30.63
CA MET E 46 -22.25 -14.22 -30.35
C MET E 46 -22.06 -15.26 -31.44
N LEU E 47 -22.16 -14.84 -32.71
CA LEU E 47 -22.29 -15.78 -33.84
C LEU E 47 -21.02 -15.74 -34.71
N ARG E 48 -20.57 -16.92 -35.13
CA ARG E 48 -19.35 -17.04 -35.99
C ARG E 48 -19.69 -16.56 -37.40
N THR E 49 -18.68 -16.04 -38.09
CA THR E 49 -18.73 -15.54 -39.49
C THR E 49 -19.32 -16.63 -40.41
N ARG E 50 -18.97 -17.91 -40.24
CA ARG E 50 -19.43 -18.94 -41.22
C ARG E 50 -20.97 -19.03 -41.13
N LEU E 51 -21.60 -18.76 -39.98
CA LEU E 51 -23.09 -18.82 -39.88
C LEU E 51 -23.68 -17.57 -40.55
N THR E 52 -23.20 -16.39 -40.17
CA THR E 52 -23.79 -15.11 -40.63
C THR E 52 -23.55 -14.96 -42.14
N ASP E 53 -22.38 -15.37 -42.64
CA ASP E 53 -22.08 -15.37 -44.10
C ASP E 53 -23.12 -16.20 -44.84
N GLN E 54 -23.40 -17.41 -44.37
CA GLN E 54 -24.31 -18.36 -45.08
C GLN E 54 -25.74 -17.80 -45.06
N LEU E 55 -26.18 -17.22 -43.95
CA LEU E 55 -27.57 -16.71 -43.81
C LEU E 55 -27.73 -15.44 -44.63
N ARG E 56 -26.72 -14.55 -44.61
CA ARG E 56 -26.69 -13.34 -45.45
C ARG E 56 -26.80 -13.74 -46.93
N THR E 57 -25.94 -14.64 -47.38
CA THR E 57 -25.88 -15.08 -48.80
C THR E 57 -27.27 -15.61 -49.17
N ALA E 58 -27.87 -16.44 -48.33
CA ALA E 58 -29.13 -17.12 -48.65
C ALA E 58 -30.24 -16.08 -48.78
N MET E 59 -30.30 -15.10 -47.89
CA MET E 59 -31.40 -14.09 -47.90
C MET E 59 -31.21 -13.17 -49.14
N LEU E 60 -29.98 -12.76 -49.44
CA LEU E 60 -29.72 -11.91 -50.64
C LEU E 60 -30.02 -12.72 -51.91
N ASP E 61 -29.66 -14.01 -51.96
CA ASP E 61 -29.94 -14.90 -53.13
C ASP E 61 -31.44 -15.05 -53.34
N ASP E 62 -32.23 -15.03 -52.25
CA ASP E 62 -33.69 -15.24 -52.30
C ASP E 62 -34.40 -13.93 -52.69
N LEU E 63 -33.78 -12.76 -52.48
CA LEU E 63 -34.47 -11.45 -52.61
C LEU E 63 -35.07 -11.27 -54.00
N PRO E 64 -34.41 -11.61 -55.14
CA PRO E 64 -35.03 -11.50 -56.47
C PRO E 64 -36.37 -12.23 -56.59
N GLU E 65 -36.43 -13.47 -56.08
CA GLU E 65 -37.68 -14.27 -56.13
C GLU E 65 -38.73 -13.56 -55.27
N VAL E 66 -38.35 -13.01 -54.12
CA VAL E 66 -39.28 -12.26 -53.24
C VAL E 66 -39.85 -11.05 -53.99
N LEU E 67 -39.02 -10.34 -54.74
CA LEU E 67 -39.43 -9.07 -55.42
C LEU E 67 -40.33 -9.36 -56.62
N ARG E 68 -40.24 -10.54 -57.23
CA ARG E 68 -41.09 -10.99 -58.37
C ARG E 68 -42.49 -11.44 -57.93
N GLN E 69 -42.75 -11.62 -56.64
CA GLN E 69 -44.08 -12.13 -56.17
C GLN E 69 -45.13 -11.03 -56.40
N GLN E 70 -46.38 -11.47 -56.60
CA GLN E 70 -47.54 -10.67 -57.09
C GLN E 70 -47.68 -9.40 -56.24
N ASP E 71 -47.77 -9.59 -54.92
CA ASP E 71 -47.90 -8.49 -53.93
C ASP E 71 -46.73 -8.65 -52.96
N VAL E 72 -45.73 -7.78 -53.04
CA VAL E 72 -44.52 -7.87 -52.17
C VAL E 72 -44.96 -7.48 -50.75
N PRO E 73 -44.82 -8.37 -49.75
CA PRO E 73 -45.33 -8.12 -48.42
C PRO E 73 -44.40 -7.11 -47.71
N THR E 74 -44.93 -5.96 -47.33
CA THR E 74 -44.17 -4.90 -46.64
C THR E 74 -44.70 -4.63 -45.22
N ASN E 75 -43.81 -4.16 -44.35
CA ASN E 75 -44.09 -3.83 -42.94
C ASN E 75 -44.37 -2.34 -42.83
N PHE E 76 -45.65 -1.98 -42.80
CA PHE E 76 -46.16 -0.59 -42.60
C PHE E 76 -45.96 0.29 -43.85
N VAL E 77 -44.75 0.35 -44.38
CA VAL E 77 -44.35 1.38 -45.39
C VAL E 77 -43.44 0.76 -46.44
N PRO E 78 -43.37 1.37 -47.63
CA PRO E 78 -42.54 0.86 -48.72
C PRO E 78 -41.09 0.58 -48.31
N GLY E 79 -40.55 -0.55 -48.78
CA GLY E 79 -39.10 -0.84 -48.68
C GLY E 79 -38.75 -1.68 -47.45
N HIS E 80 -39.69 -1.89 -46.51
CA HIS E 80 -39.52 -2.81 -45.35
C HIS E 80 -40.19 -4.12 -45.71
N VAL E 81 -39.43 -5.06 -46.26
CA VAL E 81 -39.97 -6.29 -46.88
C VAL E 81 -39.93 -7.40 -45.81
N GLN E 82 -41.04 -8.10 -45.64
CA GLN E 82 -41.10 -9.33 -44.81
CA GLN E 82 -41.07 -9.32 -44.79
C GLN E 82 -40.45 -10.43 -45.64
N GLN E 83 -39.36 -11.02 -45.16
CA GLN E 83 -38.66 -12.09 -45.92
C GLN E 83 -38.22 -13.16 -44.93
N ASP E 84 -38.78 -14.35 -45.08
CA ASP E 84 -38.42 -15.51 -44.23
C ASP E 84 -37.09 -16.06 -44.71
N PRO E 85 -36.14 -16.33 -43.80
CA PRO E 85 -34.91 -16.99 -44.19
C PRO E 85 -35.28 -18.43 -44.50
N PRO E 86 -34.46 -19.18 -45.25
CA PRO E 86 -34.79 -20.56 -45.59
C PRO E 86 -34.89 -21.44 -44.34
N VAL E 87 -35.75 -22.44 -44.41
CA VAL E 87 -35.85 -23.55 -43.42
C VAL E 87 -35.48 -24.84 -44.14
N ARG E 88 -34.45 -24.78 -44.99
CA ARG E 88 -33.72 -25.97 -45.50
C ARG E 88 -32.76 -26.42 -44.40
N GLU E 89 -32.55 -27.72 -44.26
CA GLU E 89 -31.71 -28.33 -43.19
C GLU E 89 -30.33 -27.65 -43.17
N SER E 90 -29.70 -27.44 -44.32
CA SER E 90 -28.32 -26.89 -44.42
C SER E 90 -28.23 -25.44 -43.88
N LEU E 91 -29.35 -24.72 -43.70
CA LEU E 91 -29.32 -23.32 -43.19
C LEU E 91 -30.04 -23.18 -41.83
N LEU E 92 -30.30 -24.29 -41.15
CA LEU E 92 -30.87 -24.28 -39.78
C LEU E 92 -29.76 -24.68 -38.80
N PHE E 93 -29.26 -23.71 -38.05
CA PHE E 93 -28.05 -23.83 -37.19
C PHE E 93 -28.45 -23.81 -35.72
N PRO E 94 -28.09 -24.85 -34.94
CA PRO E 94 -28.37 -24.82 -33.51
C PRO E 94 -27.92 -23.53 -32.81
N ASP E 95 -26.80 -22.93 -33.18
CA ASP E 95 -26.29 -21.73 -32.47
C ASP E 95 -27.16 -20.49 -32.81
N VAL E 96 -28.04 -20.60 -33.81
CA VAL E 96 -29.01 -19.54 -34.19
C VAL E 96 -30.38 -19.86 -33.58
N LEU E 97 -30.95 -21.03 -33.89
CA LEU E 97 -32.30 -21.40 -33.39
C LEU E 97 -32.28 -21.65 -31.87
N LEU E 98 -31.23 -22.28 -31.36
CA LEU E 98 -31.13 -22.79 -29.98
C LEU E 98 -29.88 -22.23 -29.30
N ASN E 99 -29.67 -20.93 -29.38
CA ASN E 99 -28.41 -20.33 -28.84
C ASN E 99 -28.46 -20.51 -27.33
N PRO E 100 -27.41 -21.09 -26.71
CA PRO E 100 -27.44 -21.37 -25.27
C PRO E 100 -27.51 -20.08 -24.45
N VAL E 101 -26.82 -19.01 -24.87
CA VAL E 101 -26.82 -17.75 -24.08
C VAL E 101 -28.19 -17.09 -24.21
N VAL E 102 -28.76 -17.08 -25.42
CA VAL E 102 -30.09 -16.45 -25.66
C VAL E 102 -31.10 -17.14 -24.74
N TYR E 103 -31.12 -18.48 -24.75
CA TYR E 103 -32.11 -19.25 -23.95
C TYR E 103 -31.78 -19.15 -22.46
N GLN E 104 -30.52 -19.02 -22.08
CA GLN E 104 -30.19 -18.77 -20.64
C GLN E 104 -30.93 -17.50 -20.22
N ILE E 105 -30.92 -16.46 -21.07
CA ILE E 105 -31.54 -15.16 -20.72
C ILE E 105 -33.07 -15.32 -20.74
N THR E 106 -33.64 -15.91 -21.79
CA THR E 106 -35.11 -15.99 -21.97
C THR E 106 -35.70 -16.91 -20.89
N HIS E 107 -35.03 -18.02 -20.56
CA HIS E 107 -35.46 -18.90 -19.45
C HIS E 107 -35.53 -18.09 -18.15
N ALA E 108 -34.52 -17.29 -17.85
CA ALA E 108 -34.45 -16.46 -16.62
C ALA E 108 -35.57 -15.41 -16.62
N VAL E 109 -35.88 -14.81 -17.77
CA VAL E 109 -36.87 -13.70 -17.84
C VAL E 109 -38.27 -14.31 -17.88
N LEU E 110 -38.49 -15.27 -18.78
CA LEU E 110 -39.85 -15.76 -19.17
C LEU E 110 -40.13 -17.15 -18.56
N GLY E 111 -39.14 -17.87 -18.03
CA GLY E 111 -39.36 -19.20 -17.42
C GLY E 111 -38.93 -20.33 -18.34
N ALA E 112 -38.75 -21.52 -17.78
CA ALA E 112 -38.07 -22.69 -18.41
C ALA E 112 -38.88 -23.19 -19.62
N ASP E 113 -40.16 -22.87 -19.68
CA ASP E 113 -41.06 -23.37 -20.75
C ASP E 113 -41.25 -22.31 -21.83
N ALA E 114 -40.52 -21.20 -21.78
CA ALA E 114 -40.51 -20.20 -22.87
C ALA E 114 -40.13 -20.92 -24.18
N ARG E 115 -40.70 -20.50 -25.29
CA ARG E 115 -40.49 -21.17 -26.60
C ARG E 115 -40.32 -20.13 -27.71
N ASN E 116 -39.40 -20.40 -28.62
CA ASN E 116 -39.30 -19.65 -29.89
C ASN E 116 -40.52 -20.00 -30.74
N ALA E 117 -41.25 -18.99 -31.23
CA ALA E 117 -42.41 -19.20 -32.12
C ALA E 117 -42.27 -18.34 -33.38
N VAL E 118 -41.11 -17.74 -33.63
CA VAL E 118 -40.89 -16.97 -34.90
C VAL E 118 -39.53 -17.30 -35.49
N TYR E 119 -39.52 -17.57 -36.79
CA TYR E 119 -38.28 -17.66 -37.60
C TYR E 119 -38.55 -16.88 -38.89
N SER E 120 -38.33 -15.57 -38.83
CA SER E 120 -38.67 -14.63 -39.92
C SER E 120 -37.51 -13.68 -40.19
N GLY E 121 -37.76 -12.63 -40.98
CA GLY E 121 -36.70 -11.69 -41.33
C GLY E 121 -37.29 -10.42 -41.92
N ASN E 122 -36.43 -9.39 -42.02
CA ASN E 122 -36.78 -8.05 -42.47
C ASN E 122 -35.68 -7.62 -43.44
N MET E 123 -36.02 -7.48 -44.72
CA MET E 123 -35.09 -7.01 -45.75
C MET E 123 -35.40 -5.54 -45.96
N ASN E 124 -34.50 -4.66 -45.50
CA ASN E 124 -34.70 -3.19 -45.59
C ASN E 124 -34.04 -2.74 -46.88
N LEU E 125 -34.85 -2.32 -47.87
CA LEU E 125 -34.36 -2.05 -49.24
C LEU E 125 -33.81 -0.62 -49.33
N PRO E 126 -32.84 -0.40 -50.23
CA PRO E 126 -32.45 0.96 -50.56
C PRO E 126 -33.67 1.84 -50.94
N GLY E 127 -33.74 3.02 -50.31
CA GLY E 127 -34.80 4.01 -50.55
C GLY E 127 -36.01 3.77 -49.68
N SER E 128 -35.93 2.86 -48.71
CA SER E 128 -37.05 2.51 -47.81
C SER E 128 -37.53 3.75 -47.06
N HIS E 129 -38.81 3.75 -46.67
CA HIS E 129 -39.46 4.84 -45.92
C HIS E 129 -39.25 4.66 -44.41
N GLU E 130 -39.72 5.63 -43.63
CA GLU E 130 -39.72 5.61 -42.16
CA GLU E 130 -39.72 5.61 -42.16
C GLU E 130 -40.98 4.87 -41.68
N GLN E 131 -40.79 3.76 -40.94
CA GLN E 131 -41.93 3.05 -40.30
C GLN E 131 -42.46 3.95 -39.21
N PRO E 132 -43.76 3.87 -38.86
CA PRO E 132 -44.24 4.52 -37.65
C PRO E 132 -43.64 3.81 -36.42
N VAL E 133 -43.46 4.54 -35.31
CA VAL E 133 -42.98 3.93 -34.05
C VAL E 133 -44.08 2.98 -33.56
N HIS E 134 -43.69 1.76 -33.23
CA HIS E 134 -44.65 0.67 -32.92
C HIS E 134 -44.00 -0.27 -31.90
N LEU E 135 -44.84 -1.11 -31.30
CA LEU E 135 -44.36 -2.34 -30.63
C LEU E 135 -44.79 -3.52 -31.49
N ASP E 136 -43.96 -4.56 -31.52
CA ASP E 136 -44.21 -5.81 -32.28
C ASP E 136 -45.25 -6.66 -31.56
N GLU E 137 -45.31 -6.60 -30.23
CA GLU E 137 -46.30 -7.38 -29.43
C GLU E 137 -46.91 -6.48 -28.38
N PRO E 138 -48.26 -6.50 -28.24
CA PRO E 138 -48.94 -5.58 -27.34
C PRO E 138 -48.81 -5.94 -25.86
N HIS E 139 -49.06 -4.96 -24.99
CA HIS E 139 -49.39 -5.22 -23.57
C HIS E 139 -50.67 -6.08 -23.56
N LEU E 140 -50.87 -6.92 -22.53
CA LEU E 140 -51.96 -7.93 -22.55
C LEU E 140 -53.27 -7.32 -22.05
N TRP E 141 -53.21 -6.22 -21.30
CA TRP E 141 -54.41 -5.44 -20.90
C TRP E 141 -54.06 -3.97 -20.94
N PRO E 142 -54.98 -3.09 -21.37
CA PRO E 142 -54.68 -1.66 -21.42
C PRO E 142 -54.59 -1.12 -19.97
N GLY E 143 -53.66 -0.20 -19.73
CA GLY E 143 -53.58 0.60 -18.48
C GLY E 143 -52.94 -0.18 -17.33
N ILE E 144 -52.30 -1.32 -17.61
CA ILE E 144 -51.76 -2.25 -16.60
C ILE E 144 -50.25 -2.40 -16.82
N SER E 145 -49.45 -2.27 -15.76
CA SER E 145 -48.01 -2.65 -15.72
C SER E 145 -47.93 -4.15 -15.44
N HIS E 146 -47.35 -4.92 -16.34
CA HIS E 146 -47.08 -6.36 -16.12
C HIS E 146 -45.71 -6.69 -16.66
N PRO E 147 -45.11 -7.81 -16.23
CA PRO E 147 -43.79 -8.21 -16.71
C PRO E 147 -43.85 -8.67 -18.16
N PRO E 148 -42.69 -8.89 -18.80
CA PRO E 148 -42.65 -9.30 -20.21
C PRO E 148 -43.28 -10.68 -20.36
N TYR E 149 -43.86 -10.93 -21.52
CA TYR E 149 -44.28 -12.29 -21.97
C TYR E 149 -43.58 -12.68 -23.28
N CYS E 150 -42.76 -11.81 -23.85
CA CYS E 150 -42.03 -12.17 -25.10
C CYS E 150 -40.77 -11.34 -25.27
N LEU E 151 -39.79 -11.94 -25.92
CA LEU E 151 -38.47 -11.33 -26.15
C LEU E 151 -38.15 -11.57 -27.62
N CYS E 152 -38.05 -10.47 -28.38
CA CYS E 152 -37.59 -10.51 -29.79
C CYS E 152 -36.09 -10.69 -29.79
N VAL E 153 -35.63 -11.55 -30.69
CA VAL E 153 -34.20 -11.86 -30.89
C VAL E 153 -33.84 -11.46 -32.31
N ASP E 154 -33.10 -10.38 -32.46
CA ASP E 154 -32.74 -9.77 -33.76
C ASP E 154 -31.31 -10.16 -34.09
N VAL E 155 -31.08 -10.69 -35.28
CA VAL E 155 -29.74 -11.13 -35.78
C VAL E 155 -29.44 -10.35 -37.05
N PRO E 156 -28.66 -9.26 -36.97
CA PRO E 156 -28.18 -8.56 -38.17
C PRO E 156 -27.34 -9.50 -39.01
N LEU E 157 -27.56 -9.55 -40.33
CA LEU E 157 -26.76 -10.44 -41.23
C LEU E 157 -25.74 -9.64 -42.04
N ILE E 158 -25.69 -8.31 -41.91
CA ILE E 158 -24.50 -7.47 -42.25
C ILE E 158 -24.29 -6.50 -41.10
N ASP E 159 -23.19 -5.78 -41.14
CA ASP E 159 -22.93 -4.61 -40.26
C ASP E 159 -24.07 -3.63 -40.46
N PHE E 160 -24.82 -3.37 -39.39
CA PHE E 160 -25.89 -2.35 -39.37
C PHE E 160 -25.22 -1.02 -39.10
N THR E 161 -25.52 0.00 -39.91
CA THR E 161 -24.92 1.34 -39.79
C THR E 161 -26.05 2.37 -39.69
N LEU E 162 -25.72 3.61 -39.35
CA LEU E 162 -26.74 4.67 -39.37
C LEU E 162 -27.22 4.87 -40.82
N GLU E 163 -26.34 4.64 -41.78
CA GLU E 163 -26.60 4.79 -43.23
C GLU E 163 -27.58 3.69 -43.70
N ASN E 164 -27.38 2.42 -43.33
CA ASN E 164 -28.10 1.31 -44.04
C ASN E 164 -29.33 0.81 -43.26
N GLY E 165 -29.78 1.55 -42.22
CA GLY E 165 -31.08 1.31 -41.58
C GLY E 165 -31.02 0.51 -40.28
N SER E 166 -29.96 0.68 -39.47
CA SER E 166 -29.95 0.25 -38.07
C SER E 166 -31.25 0.75 -37.40
N THR E 167 -31.97 -0.14 -36.72
CA THR E 167 -33.32 0.10 -36.17
C THR E 167 -33.27 1.19 -35.11
N GLU E 168 -34.23 2.09 -35.08
CA GLU E 168 -34.38 3.06 -33.98
C GLU E 168 -35.06 2.37 -32.78
N TYR E 169 -34.50 2.50 -31.58
CA TYR E 169 -34.98 1.87 -30.35
C TYR E 169 -35.27 2.95 -29.33
N TRP E 170 -36.36 2.78 -28.58
CA TRP E 170 -36.78 3.69 -27.48
C TRP E 170 -36.52 3.02 -26.14
N PRO E 171 -35.34 3.26 -25.52
CA PRO E 171 -35.02 2.55 -24.28
C PRO E 171 -36.03 2.87 -23.17
N GLY E 172 -36.43 1.85 -22.41
CA GLY E 172 -37.33 2.00 -21.25
C GLY E 172 -38.79 2.06 -21.67
N SER E 173 -39.10 2.06 -22.97
CA SER E 173 -40.49 2.25 -23.47
C SER E 173 -41.34 0.99 -23.24
N HIS E 174 -40.72 -0.16 -22.98
CA HIS E 174 -41.43 -1.47 -22.89
C HIS E 174 -42.40 -1.54 -21.70
N VAL E 175 -42.22 -0.71 -20.67
CA VAL E 175 -43.08 -0.75 -19.45
C VAL E 175 -44.23 0.26 -19.61
N LEU E 176 -44.23 1.09 -20.66
CA LEU E 176 -45.24 2.17 -20.83
C LEU E 176 -46.52 1.58 -21.39
N ASN E 177 -47.63 1.81 -20.70
CA ASN E 177 -48.94 1.28 -21.11
C ASN E 177 -50.03 2.16 -20.51
N PRO E 178 -50.09 3.48 -20.84
CA PRO E 178 -51.24 4.29 -20.46
C PRO E 178 -52.41 3.90 -21.38
N ASP E 179 -53.62 4.29 -21.01
CA ASP E 179 -54.84 4.15 -21.86
C ASP E 179 -54.62 4.95 -23.16
N GLU E 180 -55.06 4.40 -24.30
CA GLU E 180 -55.17 5.11 -25.61
C GLU E 180 -53.78 5.33 -26.23
N CYS E 181 -52.80 4.53 -25.85
CA CYS E 181 -51.38 4.71 -26.25
C CYS E 181 -51.10 3.98 -27.58
N TYR E 182 -51.82 2.91 -27.90
CA TYR E 182 -51.54 1.99 -29.03
C TYR E 182 -52.79 1.86 -29.87
N ASP E 183 -52.65 1.93 -31.20
CA ASP E 183 -53.76 1.61 -32.12
C ASP E 183 -53.76 0.09 -32.37
N GLU E 184 -54.70 -0.39 -33.16
CA GLU E 184 -54.88 -1.83 -33.47
C GLU E 184 -53.67 -2.38 -34.25
N ARG E 185 -52.82 -1.55 -34.84
CA ARG E 185 -51.60 -2.04 -35.55
C ARG E 185 -50.38 -2.04 -34.62
N GLY E 186 -50.56 -1.66 -33.35
CA GLY E 186 -49.43 -1.58 -32.42
C GLY E 186 -48.63 -0.30 -32.58
N CYS E 187 -49.13 0.69 -33.33
CA CYS E 187 -48.44 2.00 -33.48
C CYS E 187 -48.69 2.89 -32.27
N VAL E 188 -47.66 3.64 -31.87
CA VAL E 188 -47.72 4.51 -30.68
C VAL E 188 -48.38 5.85 -31.06
N LEU E 189 -49.36 6.26 -30.28
CA LEU E 189 -50.05 7.57 -30.40
C LEU E 189 -49.02 8.70 -30.35
N PRO E 190 -49.10 9.66 -31.30
CA PRO E 190 -48.14 10.76 -31.37
C PRO E 190 -47.94 11.50 -30.06
N ALA E 191 -49.01 11.79 -29.32
CA ALA E 191 -48.95 12.54 -28.05
C ALA E 191 -48.06 11.77 -27.06
N GLU E 192 -48.17 10.43 -27.05
CA GLU E 192 -47.39 9.58 -26.11
C GLU E 192 -45.93 9.54 -26.54
N LEU E 193 -45.66 9.48 -27.85
CA LEU E 193 -44.28 9.54 -28.40
C LEU E 193 -43.60 10.82 -27.91
N GLU E 194 -44.24 11.98 -28.09
CA GLU E 194 -43.57 13.28 -27.86
C GLU E 194 -43.41 13.45 -26.35
N ARG E 195 -44.36 12.99 -25.54
CA ARG E 195 -44.20 12.98 -24.04
C ARG E 195 -42.95 12.17 -23.68
N ARG E 196 -42.81 10.97 -24.26
CA ARG E 196 -41.69 10.07 -23.93
C ARG E 196 -40.37 10.67 -24.43
N ARG E 197 -40.37 11.27 -25.62
CA ARG E 197 -39.15 11.82 -26.27
C ARG E 197 -38.49 12.86 -25.35
N ALA E 198 -39.29 13.68 -24.66
CA ALA E 198 -38.77 14.73 -23.74
C ALA E 198 -38.00 14.08 -22.57
N VAL E 199 -38.44 12.90 -22.12
CA VAL E 199 -37.90 12.24 -20.89
C VAL E 199 -36.76 11.28 -21.26
N ALA E 200 -36.88 10.56 -22.37
CA ALA E 200 -35.95 9.49 -22.79
C ALA E 200 -36.01 9.33 -24.31
N PRO E 201 -35.24 10.13 -25.07
CA PRO E 201 -35.34 10.11 -26.53
C PRO E 201 -34.83 8.80 -27.13
N PRO E 202 -35.25 8.47 -28.37
CA PRO E 202 -34.78 7.26 -29.03
C PRO E 202 -33.29 7.31 -29.35
N VAL E 203 -32.70 6.14 -29.60
CA VAL E 203 -31.27 5.97 -29.92
C VAL E 203 -31.19 5.11 -31.17
N ARG E 204 -30.09 5.30 -31.89
CA ARG E 204 -29.75 4.49 -33.06
C ARG E 204 -28.24 4.39 -33.08
N PHE E 205 -27.72 3.22 -33.37
CA PHE E 205 -26.29 2.91 -33.30
C PHE E 205 -25.95 1.78 -34.27
N PRO E 206 -24.70 1.75 -34.74
CA PRO E 206 -24.17 0.62 -35.50
C PRO E 206 -24.21 -0.64 -34.66
N ILE E 207 -24.50 -1.76 -35.31
CA ILE E 207 -24.44 -3.11 -34.69
C ILE E 207 -23.67 -3.98 -35.67
N PRO E 208 -22.49 -4.50 -35.27
CA PRO E 208 -21.72 -5.37 -36.14
C PRO E 208 -22.40 -6.74 -36.30
N VAL E 209 -22.29 -7.30 -37.51
CA VAL E 209 -22.77 -8.67 -37.80
C VAL E 209 -22.07 -9.61 -36.81
N GLY E 210 -22.78 -10.60 -36.29
CA GLY E 210 -22.30 -11.51 -35.22
C GLY E 210 -22.87 -11.12 -33.88
N SER E 211 -23.46 -9.92 -33.80
CA SER E 211 -24.22 -9.45 -32.62
C SER E 211 -25.62 -10.04 -32.65
N VAL E 212 -26.24 -10.08 -31.48
CA VAL E 212 -27.67 -10.47 -31.28
C VAL E 212 -28.28 -9.40 -30.38
N VAL E 213 -29.44 -8.88 -30.78
CA VAL E 213 -30.24 -7.94 -29.94
C VAL E 213 -31.39 -8.75 -29.32
N ILE E 214 -31.51 -8.69 -28.00
CA ILE E 214 -32.70 -9.22 -27.27
C ILE E 214 -33.46 -8.01 -26.77
N ARG E 215 -34.76 -7.96 -27.06
CA ARG E 215 -35.55 -6.83 -26.57
C ARG E 215 -36.94 -7.32 -26.20
N ASP E 216 -37.51 -6.65 -25.24
CA ASP E 216 -38.92 -6.87 -24.87
C ASP E 216 -39.75 -6.68 -26.13
N GLY E 217 -40.68 -7.60 -26.41
CA GLY E 217 -41.56 -7.51 -27.60
C GLY E 217 -42.38 -6.25 -27.59
N ARG E 218 -42.49 -5.60 -26.43
CA ARG E 218 -43.32 -4.37 -26.22
C ARG E 218 -42.51 -3.10 -26.41
N LEU E 219 -41.19 -3.22 -26.67
CA LEU E 219 -40.32 -2.04 -26.80
C LEU E 219 -40.74 -1.24 -28.05
N TRP E 220 -40.88 0.07 -27.89
CA TRP E 220 -41.11 0.96 -29.05
C TRP E 220 -39.85 0.96 -29.91
N HIS E 221 -40.03 0.86 -31.22
CA HIS E 221 -38.92 0.92 -32.21
C HIS E 221 -39.51 1.30 -33.56
N ARG E 222 -38.66 1.56 -34.55
N ARG E 222 -38.66 1.62 -34.54
CA ARG E 222 -39.12 1.69 -35.96
CA ARG E 222 -39.12 1.73 -35.96
C ARG E 222 -37.96 1.38 -36.89
C ARG E 222 -37.97 1.40 -36.90
N GLY E 223 -38.26 0.69 -37.99
CA GLY E 223 -37.37 0.64 -39.14
C GLY E 223 -37.28 2.03 -39.75
N VAL E 224 -36.07 2.37 -40.21
CA VAL E 224 -35.78 3.69 -40.79
C VAL E 224 -35.18 3.45 -42.17
N PRO E 225 -35.08 4.53 -42.98
CA PRO E 225 -34.60 4.41 -44.34
C PRO E 225 -33.20 3.80 -44.42
N ASN E 226 -33.06 2.89 -45.37
CA ASN E 226 -31.75 2.39 -45.85
C ASN E 226 -31.29 3.35 -46.96
N LEU E 227 -30.25 4.13 -46.66
CA LEU E 227 -29.70 5.19 -47.56
C LEU E 227 -28.47 4.64 -48.27
N SER E 228 -28.20 3.34 -48.17
CA SER E 228 -27.11 2.64 -48.90
C SER E 228 -27.68 2.15 -50.23
N ALA E 229 -26.86 1.58 -51.09
CA ALA E 229 -27.30 1.04 -52.40
C ALA E 229 -27.45 -0.47 -52.29
N ALA E 230 -27.47 -1.03 -51.08
CA ALA E 230 -27.55 -2.49 -50.85
C ALA E 230 -28.64 -2.83 -49.83
N PRO E 231 -29.39 -3.91 -50.07
CA PRO E 231 -30.38 -4.39 -49.09
C PRO E 231 -29.72 -4.77 -47.72
N ARG E 232 -30.41 -4.48 -46.63
CA ARG E 232 -29.93 -4.71 -45.23
C ARG E 232 -30.76 -5.84 -44.63
N PRO E 233 -30.26 -7.09 -44.62
CA PRO E 233 -31.01 -8.22 -44.09
C PRO E 233 -30.93 -8.42 -42.56
N LEU E 234 -32.08 -8.66 -41.95
CA LEU E 234 -32.22 -8.97 -40.49
C LEU E 234 -32.96 -10.30 -40.37
N LEU E 235 -32.43 -11.23 -39.56
CA LEU E 235 -33.13 -12.47 -39.18
C LEU E 235 -33.77 -12.23 -37.82
N ALA E 236 -35.05 -12.62 -37.68
CA ALA E 236 -35.91 -12.30 -36.52
C ALA E 236 -36.45 -13.58 -35.89
N MET E 237 -36.29 -13.70 -34.58
CA MET E 237 -36.96 -14.74 -33.77
C MET E 237 -37.68 -14.06 -32.61
N THR E 238 -38.64 -14.73 -32.00
CA THR E 238 -39.37 -14.22 -30.79
C THR E 238 -39.67 -15.39 -29.88
N HIS E 239 -39.19 -15.27 -28.64
CA HIS E 239 -39.47 -16.20 -27.51
C HIS E 239 -40.68 -15.69 -26.75
N TYR E 240 -41.61 -16.58 -26.45
CA TYR E 240 -42.88 -16.27 -25.75
C TYR E 240 -43.03 -17.19 -24.55
N THR E 241 -43.67 -16.72 -23.49
CA THR E 241 -44.13 -17.61 -22.40
C THR E 241 -44.93 -18.73 -23.05
N GLU E 242 -44.94 -19.91 -22.43
CA GLU E 242 -45.59 -21.12 -22.99
C GLU E 242 -47.08 -20.89 -23.18
N TRP E 243 -47.69 -20.01 -22.41
CA TRP E 243 -49.18 -19.83 -22.38
C TRP E 243 -49.64 -18.82 -23.44
N PHE E 244 -48.74 -18.16 -24.17
CA PHE E 244 -49.14 -17.15 -25.20
C PHE E 244 -49.37 -17.89 -26.53
N ASP E 245 -50.58 -17.76 -27.07
CA ASP E 245 -51.00 -18.52 -28.28
C ASP E 245 -50.25 -17.96 -29.52
N MET E 246 -49.56 -18.82 -30.23
CA MET E 246 -48.85 -18.53 -31.50
C MET E 246 -49.00 -19.74 -32.41
N PRO E 247 -49.11 -19.55 -33.72
CA PRO E 247 -49.03 -20.68 -34.65
C PRO E 247 -47.62 -21.24 -34.63
N PRO E 248 -47.43 -22.53 -34.90
CA PRO E 248 -46.10 -23.11 -34.89
C PRO E 248 -45.30 -22.69 -36.14
N ILE E 249 -43.98 -22.68 -36.02
CA ILE E 249 -42.99 -22.55 -37.14
C ILE E 249 -43.00 -23.89 -37.90
N GLN E 250 -43.16 -23.84 -39.22
CA GLN E 250 -43.03 -25.04 -40.09
C GLN E 250 -41.52 -25.32 -40.31
N LEU E 251 -41.08 -26.51 -39.93
CA LEU E 251 -39.67 -26.97 -40.11
C LEU E 251 -39.67 -28.34 -40.78
N PRO E 252 -38.63 -28.67 -41.55
CA PRO E 252 -38.49 -30.00 -42.14
C PRO E 252 -38.23 -31.02 -41.01
N ASP E 253 -38.82 -32.21 -41.11
CA ASP E 253 -38.70 -33.25 -40.05
C ASP E 253 -37.24 -33.71 -39.97
N THR E 254 -36.39 -33.35 -40.94
CA THR E 254 -34.92 -33.63 -40.89
C THR E 254 -34.27 -32.95 -39.68
N VAL E 255 -34.84 -31.88 -39.11
CA VAL E 255 -34.22 -31.19 -37.93
C VAL E 255 -34.99 -31.51 -36.66
N LYS E 256 -36.04 -32.33 -36.75
CA LYS E 256 -36.80 -32.77 -35.56
C LYS E 256 -35.84 -33.40 -34.54
N SER E 257 -34.89 -34.22 -35.00
CA SER E 257 -33.97 -34.97 -34.10
C SER E 257 -33.36 -33.99 -33.08
N TRP E 258 -32.94 -32.79 -33.51
CA TRP E 258 -32.21 -31.83 -32.62
C TRP E 258 -33.10 -30.68 -32.15
N VAL E 259 -34.19 -30.35 -32.83
CA VAL E 259 -35.09 -29.25 -32.38
C VAL E 259 -36.04 -29.78 -31.29
N ASP E 260 -36.76 -30.87 -31.56
CA ASP E 260 -37.75 -31.43 -30.61
C ASP E 260 -36.96 -32.14 -29.51
N GLY E 261 -37.33 -32.00 -28.24
CA GLY E 261 -36.66 -32.70 -27.13
C GLY E 261 -35.48 -31.92 -26.54
N SER E 262 -35.07 -30.80 -27.16
CA SER E 262 -34.17 -29.81 -26.51
C SER E 262 -34.88 -29.20 -25.29
N ASP E 263 -34.14 -28.81 -24.25
CA ASP E 263 -34.68 -27.95 -23.15
C ASP E 263 -34.76 -26.49 -23.62
N ARG E 264 -34.34 -26.19 -24.86
CA ARG E 264 -34.53 -24.88 -25.52
C ARG E 264 -35.72 -25.06 -26.48
N HIS E 265 -36.91 -24.73 -26.00
CA HIS E 265 -38.17 -25.14 -26.67
C HIS E 265 -38.39 -24.26 -27.92
N THR E 266 -38.95 -24.89 -28.93
CA THR E 266 -39.47 -24.26 -30.16
C THR E 266 -40.92 -24.71 -30.35
N HIS E 267 -41.81 -23.79 -30.65
CA HIS E 267 -43.18 -24.11 -31.09
C HIS E 267 -43.11 -24.45 -32.59
N ALA E 268 -42.92 -25.73 -32.92
CA ALA E 268 -42.62 -26.20 -34.30
C ALA E 268 -43.62 -27.26 -34.74
N HIS E 269 -43.95 -27.25 -36.02
CA HIS E 269 -44.66 -28.34 -36.73
C HIS E 269 -43.67 -28.93 -37.75
N PHE E 270 -43.33 -30.20 -37.60
CA PHE E 270 -42.34 -30.88 -38.47
C PHE E 270 -43.07 -31.51 -39.66
N VAL E 271 -42.52 -31.26 -40.83
CA VAL E 271 -43.17 -31.53 -42.16
C VAL E 271 -42.31 -32.57 -42.87
N ALA E 272 -42.94 -33.53 -43.54
CA ALA E 272 -42.26 -34.63 -44.28
C ALA E 272 -41.47 -34.12 -45.48
N GLY E 273 -42.03 -33.22 -46.30
CA GLY E 273 -41.33 -32.75 -47.51
C GLY E 273 -40.35 -31.64 -47.21
N ASP E 274 -39.99 -30.87 -48.24
CA ASP E 274 -39.38 -29.51 -48.12
C ASP E 274 -40.46 -28.51 -47.71
N VAL E 275 -40.08 -27.48 -46.94
CA VAL E 275 -40.99 -26.35 -46.57
C VAL E 275 -40.64 -25.17 -47.47
N ASP E 276 -41.63 -24.60 -48.16
CA ASP E 276 -41.45 -23.44 -49.08
C ASP E 276 -41.72 -22.14 -48.33
N HIS E 277 -40.65 -21.51 -47.83
CA HIS E 277 -40.61 -20.31 -46.93
C HIS E 277 -41.10 -19.03 -47.63
N LEU E 278 -41.12 -19.03 -48.97
CA LEU E 278 -41.57 -17.89 -49.81
C LEU E 278 -43.03 -18.09 -50.26
N MET F 3 2.60 27.88 13.85
CA MET F 3 2.48 26.76 12.87
C MET F 3 3.65 26.88 11.87
N ALA F 4 4.35 25.78 11.60
CA ALA F 4 5.44 25.63 10.62
C ALA F 4 4.90 25.91 9.18
N LEU F 5 5.77 26.42 8.30
CA LEU F 5 5.45 26.38 6.84
C LEU F 5 5.88 25.02 6.25
N ALA F 6 5.03 24.48 5.37
CA ALA F 6 5.18 23.17 4.70
C ALA F 6 5.84 23.35 3.32
N ALA F 7 5.85 24.57 2.77
CA ALA F 7 6.37 24.86 1.42
C ALA F 7 6.77 26.34 1.33
N PRO F 8 7.55 26.74 0.29
CA PRO F 8 7.82 28.15 0.08
C PRO F 8 6.51 28.92 -0.05
N PRO F 9 6.36 30.07 0.62
CA PRO F 9 5.14 30.86 0.51
C PRO F 9 4.86 31.20 -0.96
N GLY F 10 3.60 31.13 -1.39
CA GLY F 10 3.18 31.37 -2.78
C GLY F 10 3.61 32.75 -3.28
N GLU F 11 3.54 33.75 -2.41
CA GLU F 11 3.81 35.18 -2.71
C GLU F 11 5.31 35.38 -3.00
N LEU F 12 6.18 34.43 -2.66
CA LEU F 12 7.65 34.51 -2.89
C LEU F 12 8.06 33.60 -4.04
N THR F 13 7.17 32.80 -4.59
CA THR F 13 7.55 31.63 -5.41
C THR F 13 7.06 31.80 -6.86
N LEU F 14 7.91 31.42 -7.81
CA LEU F 14 7.60 31.29 -9.26
C LEU F 14 7.97 29.86 -9.62
N ALA F 15 7.02 29.10 -10.15
CA ALA F 15 7.22 27.64 -10.40
C ALA F 15 7.66 27.47 -11.86
N LEU F 16 8.82 26.89 -12.09
CA LEU F 16 9.40 26.69 -13.44
C LEU F 16 9.69 25.21 -13.66
N THR F 17 10.12 24.89 -14.89
CA THR F 17 10.67 23.58 -15.29
C THR F 17 12.08 23.86 -15.76
N PRO F 18 13.00 22.87 -15.76
CA PRO F 18 14.37 23.12 -16.22
C PRO F 18 14.44 23.53 -17.70
N ASP F 19 13.40 23.23 -18.49
CA ASP F 19 13.35 23.58 -19.94
C ASP F 19 13.16 25.09 -20.13
N ASP F 20 12.59 25.79 -19.14
CA ASP F 20 12.37 27.26 -19.19
C ASP F 20 13.72 27.98 -19.29
N LYS F 21 13.91 28.77 -20.35
CA LYS F 21 15.14 29.52 -20.69
C LYS F 21 14.92 31.02 -20.47
N THR F 22 13.67 31.47 -20.53
CA THR F 22 13.28 32.90 -20.47
C THR F 22 11.87 32.96 -19.83
N LEU F 23 11.63 33.88 -18.93
CA LEU F 23 10.29 34.15 -18.36
C LEU F 23 9.57 35.05 -19.34
N ASP F 24 8.27 34.80 -19.58
CA ASP F 24 7.41 35.70 -20.37
C ASP F 24 7.30 37.03 -19.62
N PRO F 25 6.94 38.13 -20.30
CA PRO F 25 6.87 39.45 -19.66
C PRO F 25 6.12 39.49 -18.32
N ALA F 26 4.98 38.79 -18.20
CA ALA F 26 4.12 38.79 -16.99
C ALA F 26 4.87 38.12 -15.83
N SER F 27 5.51 36.98 -16.11
CA SER F 27 6.32 36.20 -15.14
C SER F 27 7.49 37.05 -14.64
N LEU F 28 8.23 37.68 -15.57
CA LEU F 28 9.38 38.54 -15.22
C LEU F 28 8.87 39.68 -14.33
N ASP F 29 7.78 40.35 -14.70
CA ASP F 29 7.22 41.47 -13.91
C ASP F 29 6.99 40.98 -12.48
N ARG F 30 6.48 39.76 -12.29
CA ARG F 30 6.14 39.20 -10.97
C ARG F 30 7.44 38.89 -10.21
N ALA F 31 8.43 38.25 -10.87
CA ALA F 31 9.76 38.04 -10.30
C ALA F 31 10.31 39.35 -9.72
N LEU F 32 10.27 40.42 -10.51
CA LEU F 32 10.82 41.74 -10.14
C LEU F 32 9.99 42.37 -9.02
N ALA F 33 8.66 42.28 -9.07
CA ALA F 33 7.76 42.85 -8.02
C ALA F 33 8.09 42.17 -6.70
N ILE F 34 8.30 40.84 -6.71
CA ILE F 34 8.63 40.04 -5.49
C ILE F 34 10.00 40.47 -4.95
N LEU F 35 11.01 40.55 -5.82
CA LEU F 35 12.36 41.00 -5.36
C LEU F 35 12.28 42.41 -4.77
N ALA F 36 11.50 43.31 -5.35
CA ALA F 36 11.43 44.72 -4.91
C ALA F 36 10.71 44.78 -3.56
N GLU F 37 9.58 44.08 -3.43
CA GLU F 37 8.74 44.16 -2.20
C GLU F 37 9.38 43.35 -1.08
N HIS F 38 9.71 42.08 -1.35
CA HIS F 38 10.09 41.06 -0.35
C HIS F 38 11.62 40.86 -0.28
N GLY F 39 12.32 41.11 -1.39
CA GLY F 39 13.79 41.02 -1.44
C GLY F 39 14.27 39.58 -1.47
N ILE F 40 13.36 38.61 -1.62
CA ILE F 40 13.66 37.18 -1.80
C ILE F 40 12.63 36.54 -2.72
N LEU F 41 13.12 35.72 -3.64
CA LEU F 41 12.34 35.07 -4.72
C LEU F 41 12.78 33.61 -4.76
N VAL F 42 11.84 32.67 -4.66
CA VAL F 42 12.11 31.21 -4.79
C VAL F 42 11.65 30.74 -6.16
N LEU F 43 12.59 30.21 -6.95
CA LEU F 43 12.34 29.63 -8.30
C LEU F 43 12.42 28.11 -8.13
N THR F 44 11.30 27.40 -8.18
CA THR F 44 11.26 25.92 -8.08
C THR F 44 11.38 25.32 -9.47
N GLY F 45 12.01 24.15 -9.55
CA GLY F 45 12.08 23.31 -10.76
C GLY F 45 13.02 23.89 -11.79
N MET F 46 14.16 24.45 -11.34
CA MET F 46 15.12 25.16 -12.24
C MET F 46 16.18 24.19 -12.75
N LEU F 47 16.77 23.39 -11.85
CA LEU F 47 17.98 22.60 -12.15
C LEU F 47 17.66 21.11 -12.20
N ARG F 48 18.26 20.41 -13.15
CA ARG F 48 18.06 18.95 -13.36
C ARG F 48 18.78 18.20 -12.23
N THR F 49 18.26 17.03 -11.87
CA THR F 49 18.80 16.09 -10.87
C THR F 49 20.25 15.75 -11.22
N ARG F 50 20.58 15.54 -12.49
CA ARG F 50 21.95 15.11 -12.88
C ARG F 50 22.94 16.21 -12.47
N LEU F 51 22.58 17.49 -12.48
CA LEU F 51 23.51 18.58 -12.07
C LEU F 51 23.62 18.58 -10.54
N THR F 52 22.49 18.63 -9.84
CA THR F 52 22.47 18.81 -8.37
C THR F 52 23.12 17.57 -7.70
N ASP F 53 22.87 16.37 -8.23
CA ASP F 53 23.49 15.12 -7.71
C ASP F 53 25.02 15.25 -7.80
N GLN F 54 25.56 15.70 -8.93
CA GLN F 54 27.02 15.75 -9.16
C GLN F 54 27.65 16.78 -8.21
N LEU F 55 27.01 17.94 -8.04
CA LEU F 55 27.54 19.03 -7.20
C LEU F 55 27.48 18.64 -5.72
N ARG F 56 26.37 18.01 -5.32
CA ARG F 56 26.18 17.49 -3.94
C ARG F 56 27.29 16.47 -3.65
N THR F 57 27.47 15.48 -4.52
CA THR F 57 28.47 14.40 -4.35
C THR F 57 29.84 15.06 -4.15
N ALA F 58 30.18 16.01 -5.00
CA ALA F 58 31.52 16.61 -5.02
C ALA F 58 31.76 17.36 -3.71
N MET F 59 30.78 18.15 -3.25
CA MET F 59 30.94 18.96 -2.00
C MET F 59 31.01 18.04 -0.77
N LEU F 60 30.21 16.99 -0.71
CA LEU F 60 30.26 16.04 0.44
C LEU F 60 31.58 15.26 0.39
N ASP F 61 32.05 14.86 -0.79
CA ASP F 61 33.34 14.14 -0.96
C ASP F 61 34.51 15.02 -0.49
N ASP F 62 34.38 16.34 -0.67
CA ASP F 62 35.46 17.31 -0.38
C ASP F 62 35.47 17.67 1.12
N LEU F 63 34.33 17.51 1.81
CA LEU F 63 34.13 18.04 3.18
C LEU F 63 35.22 17.54 4.12
N PRO F 64 35.64 16.23 4.14
CA PRO F 64 36.71 15.79 5.05
C PRO F 64 38.00 16.60 4.90
N GLU F 65 38.44 16.83 3.65
CA GLU F 65 39.68 17.61 3.38
C GLU F 65 39.44 19.04 3.87
N VAL F 66 38.27 19.61 3.68
CA VAL F 66 37.94 20.99 4.17
C VAL F 66 38.08 21.04 5.69
N LEU F 67 37.61 20.01 6.41
CA LEU F 67 37.57 20.04 7.90
C LEU F 67 38.97 19.83 8.48
N ARG F 68 39.89 19.20 7.75
N ARG F 68 39.92 19.25 7.74
CA ARG F 68 41.29 18.95 8.19
CA ARG F 68 41.29 19.01 8.28
C ARG F 68 42.19 20.19 8.00
C ARG F 68 42.13 20.29 8.17
N GLN F 69 41.73 21.22 7.29
CA GLN F 69 42.58 22.40 6.95
C GLN F 69 42.85 23.18 8.25
N GLN F 70 44.00 23.87 8.27
CA GLN F 70 44.64 24.49 9.47
C GLN F 70 43.62 25.40 10.16
N ASP F 71 43.03 26.32 9.39
CA ASP F 71 41.98 27.24 9.88
C ASP F 71 40.73 27.00 9.02
N VAL F 72 39.71 26.33 9.56
CA VAL F 72 38.46 26.06 8.79
C VAL F 72 37.71 27.39 8.77
N PRO F 73 37.40 27.97 7.59
CA PRO F 73 36.67 29.24 7.54
C PRO F 73 35.21 28.99 7.94
N THR F 74 34.79 29.59 9.04
CA THR F 74 33.45 29.36 9.67
C THR F 74 32.74 30.70 9.78
N ASN F 75 31.43 30.71 9.52
CA ASN F 75 30.64 31.97 9.42
C ASN F 75 29.96 32.22 10.78
N PHE F 76 30.56 33.12 11.58
CA PHE F 76 29.99 33.69 12.83
C PHE F 76 30.02 32.70 14.01
N VAL F 77 29.53 31.48 13.81
CA VAL F 77 29.34 30.49 14.90
C VAL F 77 29.68 29.08 14.40
N PRO F 78 29.97 28.14 15.31
CA PRO F 78 30.33 26.79 14.92
C PRO F 78 29.33 26.13 13.95
N GLY F 79 29.83 25.40 12.98
CA GLY F 79 29.05 24.49 12.15
C GLY F 79 28.65 25.11 10.82
N HIS F 80 28.89 26.42 10.62
CA HIS F 80 28.56 27.12 9.34
C HIS F 80 29.83 27.31 8.53
N VAL F 81 30.16 26.34 7.69
CA VAL F 81 31.51 26.24 7.03
C VAL F 81 31.41 26.93 5.66
N GLN F 82 32.35 27.81 5.37
CA GLN F 82 32.52 28.38 4.00
C GLN F 82 33.25 27.31 3.17
N GLN F 83 32.62 26.83 2.10
CA GLN F 83 33.16 25.68 1.31
C GLN F 83 32.89 25.99 -0.16
N ASP F 84 33.96 26.21 -0.92
CA ASP F 84 33.87 26.44 -2.37
C ASP F 84 33.65 25.09 -3.04
N PRO F 85 32.68 24.99 -3.97
CA PRO F 85 32.51 23.79 -4.78
C PRO F 85 33.73 23.73 -5.68
N PRO F 86 34.07 22.55 -6.24
CA PRO F 86 35.18 22.46 -7.19
C PRO F 86 34.97 23.34 -8.41
N VAL F 87 36.09 23.85 -8.93
CA VAL F 87 36.15 24.59 -10.22
C VAL F 87 37.00 23.75 -11.18
N ARG F 88 36.81 22.42 -11.16
CA ARG F 88 37.27 21.51 -12.24
C ARG F 88 36.27 21.63 -13.39
N GLU F 89 36.77 21.55 -14.63
CA GLU F 89 35.95 21.69 -15.86
C GLU F 89 34.70 20.79 -15.80
N SER F 90 34.82 19.54 -15.37
CA SER F 90 33.72 18.53 -15.36
C SER F 90 32.59 18.93 -14.38
N LEU F 91 32.82 19.87 -13.45
CA LEU F 91 31.77 20.29 -12.47
C LEU F 91 31.39 21.77 -12.64
N LEU F 92 31.76 22.38 -13.77
CA LEU F 92 31.32 23.77 -14.09
C LEU F 92 30.29 23.66 -15.21
N PHE F 93 29.03 23.90 -14.86
CA PHE F 93 27.85 23.69 -15.74
C PHE F 93 27.29 25.03 -16.18
N PRO F 94 27.16 25.31 -17.50
CA PRO F 94 26.53 26.54 -17.95
C PRO F 94 25.17 26.82 -17.31
N ASP F 95 24.34 25.79 -17.02
CA ASP F 95 22.98 26.02 -16.47
C ASP F 95 23.08 26.44 -14.99
N VAL F 96 24.25 26.33 -14.37
CA VAL F 96 24.50 26.76 -12.95
C VAL F 96 25.23 28.12 -12.99
N LEU F 97 26.37 28.22 -13.67
CA LEU F 97 27.18 29.46 -13.70
C LEU F 97 26.47 30.55 -14.49
N LEU F 98 25.85 30.19 -15.60
CA LEU F 98 25.29 31.14 -16.61
C LEU F 98 23.81 30.80 -16.82
N ASN F 99 23.05 30.66 -15.73
CA ASN F 99 21.64 30.25 -15.86
C ASN F 99 20.88 31.33 -16.62
N PRO F 100 20.17 30.99 -17.72
CA PRO F 100 19.52 32.04 -18.52
C PRO F 100 18.41 32.73 -17.75
N VAL F 101 17.66 32.00 -16.91
CA VAL F 101 16.54 32.62 -16.14
C VAL F 101 17.13 33.57 -15.10
N VAL F 102 18.15 33.10 -14.39
CA VAL F 102 18.78 33.88 -13.28
C VAL F 102 19.26 35.20 -13.90
N TYR F 103 20.00 35.13 -15.01
CA TYR F 103 20.61 36.35 -15.62
C TYR F 103 19.49 37.20 -16.23
N GLN F 104 18.42 36.61 -16.75
CA GLN F 104 17.29 37.43 -17.22
C GLN F 104 16.80 38.30 -16.04
N ILE F 105 16.73 37.74 -14.84
CA ILE F 105 16.26 38.50 -13.63
C ILE F 105 17.33 39.54 -13.22
N THR F 106 18.59 39.14 -13.11
CA THR F 106 19.67 40.03 -12.62
C THR F 106 19.91 41.14 -13.65
N HIS F 107 19.88 40.84 -14.95
CA HIS F 107 19.98 41.88 -16.01
C HIS F 107 18.87 42.93 -15.82
N ALA F 108 17.63 42.48 -15.59
CA ALA F 108 16.47 43.40 -15.42
C ALA F 108 16.63 44.24 -14.14
N VAL F 109 17.19 43.66 -13.07
CA VAL F 109 17.26 44.37 -11.75
C VAL F 109 18.50 45.25 -11.76
N LEU F 110 19.66 44.68 -12.14
CA LEU F 110 20.99 45.29 -11.94
C LEU F 110 21.58 45.83 -13.26
N GLY F 111 21.00 45.50 -14.41
CA GLY F 111 21.48 45.99 -15.73
C GLY F 111 22.32 44.97 -16.46
N ALA F 112 22.55 45.22 -17.75
CA ALA F 112 23.14 44.28 -18.73
C ALA F 112 24.60 43.98 -18.34
N ASP F 113 25.23 44.83 -17.54
CA ASP F 113 26.67 44.69 -17.17
C ASP F 113 26.82 44.05 -15.78
N ALA F 114 25.72 43.59 -15.18
CA ALA F 114 25.79 42.87 -13.89
C ALA F 114 26.69 41.64 -14.09
N ARG F 115 27.47 41.26 -13.08
CA ARG F 115 28.44 40.16 -13.22
C ARG F 115 28.40 39.28 -11.97
N ASN F 116 28.49 37.99 -12.18
CA ASN F 116 28.73 37.03 -11.07
C ASN F 116 30.16 37.22 -10.57
N ALA F 117 30.36 37.44 -9.27
CA ALA F 117 31.72 37.56 -8.70
C ALA F 117 31.89 36.58 -7.53
N VAL F 118 30.98 35.62 -7.34
CA VAL F 118 31.15 34.60 -6.26
C VAL F 118 30.74 33.23 -6.80
N TYR F 119 31.59 32.24 -6.55
CA TYR F 119 31.28 30.82 -6.78
C TYR F 119 31.79 30.10 -5.54
N SER F 120 30.93 30.07 -4.52
CA SER F 120 31.30 29.54 -3.20
C SER F 120 30.17 28.64 -2.70
N GLY F 121 30.08 28.48 -1.39
CA GLY F 121 29.08 27.57 -0.80
C GLY F 121 29.14 27.60 0.70
N ASN F 122 28.11 27.02 1.31
CA ASN F 122 27.89 26.98 2.77
C ASN F 122 27.55 25.53 3.13
N MET F 123 28.44 24.84 3.84
CA MET F 123 28.18 23.50 4.42
C MET F 123 27.71 23.68 5.85
N ASN F 124 26.42 23.42 6.10
CA ASN F 124 25.81 23.58 7.44
C ASN F 124 25.89 22.19 8.09
N LEU F 125 26.76 22.04 9.10
CA LEU F 125 27.09 20.71 9.67
C LEU F 125 26.06 20.32 10.74
N PRO F 126 25.85 19.01 10.94
CA PRO F 126 25.08 18.55 12.09
C PRO F 126 25.60 19.17 13.39
N GLY F 127 24.66 19.68 14.19
CA GLY F 127 24.94 20.26 15.52
C GLY F 127 25.31 21.73 15.42
N SER F 128 25.21 22.34 14.24
CA SER F 128 25.58 23.75 14.01
C SER F 128 24.79 24.65 14.97
N HIS F 129 25.35 25.82 15.26
CA HIS F 129 24.75 26.85 16.15
C HIS F 129 23.88 27.80 15.33
N GLU F 130 23.21 28.73 16.00
CA GLU F 130 22.39 29.80 15.40
C GLU F 130 23.29 30.99 15.03
N GLN F 131 23.33 31.35 13.76
CA GLN F 131 24.06 32.57 13.32
C GLN F 131 23.29 33.77 13.84
N PRO F 132 23.96 34.91 14.09
CA PRO F 132 23.24 36.17 14.29
C PRO F 132 22.59 36.58 12.96
N VAL F 133 21.48 37.30 13.05
CA VAL F 133 20.81 37.88 11.86
C VAL F 133 21.75 38.94 11.28
N HIS F 134 21.97 38.85 9.97
CA HIS F 134 22.97 39.69 9.28
C HIS F 134 22.51 39.96 7.83
N LEU F 135 23.16 40.90 7.19
CA LEU F 135 23.12 41.00 5.71
C LEU F 135 24.49 40.58 5.18
N ASP F 136 24.50 39.89 4.05
CA ASP F 136 25.75 39.44 3.40
C ASP F 136 26.46 40.62 2.74
N GLU F 137 25.72 41.63 2.27
CA GLU F 137 26.33 42.83 1.64
C GLU F 137 25.67 44.07 2.21
N PRO F 138 26.46 45.09 2.58
CA PRO F 138 25.91 46.27 3.25
C PRO F 138 25.20 47.25 2.30
N HIS F 139 24.42 48.14 2.89
CA HIS F 139 24.02 49.43 2.29
C HIS F 139 25.30 50.22 1.99
N LEU F 140 25.29 51.06 0.95
CA LEU F 140 26.53 51.72 0.45
C LEU F 140 26.82 53.03 1.20
N TRP F 141 25.81 53.59 1.85
CA TRP F 141 25.94 54.77 2.73
C TRP F 141 24.97 54.57 3.89
N PRO F 142 25.36 54.98 5.11
CA PRO F 142 24.48 54.80 6.27
C PRO F 142 23.29 55.76 6.18
N GLY F 143 22.10 55.31 6.56
CA GLY F 143 20.90 56.17 6.75
C GLY F 143 20.24 56.57 5.43
N ILE F 144 20.59 55.91 4.33
CA ILE F 144 20.20 56.28 2.94
C ILE F 144 19.43 55.10 2.31
N SER F 145 18.31 55.40 1.66
CA SER F 145 17.58 54.51 0.74
C SER F 145 18.24 54.54 -0.63
N HIS F 146 18.67 53.40 -1.13
CA HIS F 146 19.16 53.26 -2.53
C HIS F 146 18.72 51.92 -3.08
N PRO F 147 18.71 51.76 -4.42
CA PRO F 147 18.32 50.53 -5.06
C PRO F 147 19.32 49.40 -4.80
N PRO F 148 18.97 48.15 -5.17
CA PRO F 148 19.88 47.03 -5.00
C PRO F 148 21.11 47.21 -5.90
N TYR F 149 22.25 46.69 -5.43
CA TYR F 149 23.49 46.59 -6.24
C TYR F 149 23.99 45.15 -6.31
N CYS F 150 23.30 44.20 -5.65
CA CYS F 150 23.72 42.78 -5.68
C CYS F 150 22.57 41.84 -5.38
N LEU F 151 22.62 40.67 -5.98
CA LEU F 151 21.63 39.61 -5.82
C LEU F 151 22.40 38.33 -5.53
N CYS F 152 22.20 37.75 -4.35
CA CYS F 152 22.69 36.41 -3.98
C CYS F 152 21.83 35.39 -4.69
N VAL F 153 22.47 34.38 -5.25
CA VAL F 153 21.83 33.24 -5.97
C VAL F 153 22.22 31.98 -5.23
N ASP F 154 21.26 31.43 -4.50
CA ASP F 154 21.48 30.30 -3.55
C ASP F 154 20.93 29.04 -4.22
N VAL F 155 21.74 27.98 -4.29
CA VAL F 155 21.39 26.68 -4.93
C VAL F 155 21.48 25.58 -3.87
N PRO F 156 20.37 25.18 -3.24
CA PRO F 156 20.37 24.03 -2.32
C PRO F 156 20.80 22.78 -3.11
N LEU F 157 21.68 21.97 -2.54
CA LEU F 157 22.17 20.71 -3.18
C LEU F 157 21.54 19.47 -2.52
N ILE F 158 20.72 19.62 -1.47
CA ILE F 158 19.74 18.61 -1.00
C ILE F 158 18.44 19.35 -0.70
N ASP F 159 17.37 18.59 -0.46
CA ASP F 159 16.10 19.13 0.06
C ASP F 159 16.43 19.82 1.39
N PHE F 160 16.15 21.12 1.46
CA PHE F 160 16.28 21.95 2.69
C PHE F 160 14.98 21.77 3.46
N THR F 161 15.10 21.46 4.75
CA THR F 161 13.92 21.25 5.66
C THR F 161 14.07 22.14 6.87
N LEU F 162 13.04 22.23 7.69
CA LEU F 162 13.14 22.98 8.96
C LEU F 162 14.15 22.27 9.85
N GLU F 163 14.24 20.94 9.75
CA GLU F 163 15.15 20.09 10.56
C GLU F 163 16.62 20.33 10.15
N ASN F 164 16.94 20.42 8.84
CA ASN F 164 18.35 20.33 8.41
C ASN F 164 18.96 21.70 8.09
N GLY F 165 18.31 22.80 8.45
CA GLY F 165 18.98 24.12 8.35
C GLY F 165 18.54 24.99 7.16
N SER F 166 17.29 24.86 6.72
CA SER F 166 16.73 25.85 5.76
C SER F 166 16.94 27.25 6.35
N THR F 167 17.47 28.20 5.56
CA THR F 167 17.89 29.53 6.02
C THR F 167 16.69 30.32 6.51
N GLU F 168 16.82 31.06 7.60
CA GLU F 168 15.78 32.02 8.04
C GLU F 168 15.91 33.31 7.24
N TYR F 169 14.81 33.81 6.67
CA TYR F 169 14.77 35.02 5.82
C TYR F 169 13.82 36.02 6.46
N TRP F 170 14.19 37.30 6.41
CA TRP F 170 13.37 38.44 6.89
C TRP F 170 12.81 39.22 5.71
N PRO F 171 11.61 38.85 5.19
CA PRO F 171 11.06 39.50 4.01
C PRO F 171 10.95 41.03 4.19
N GLY F 172 11.30 41.78 3.15
CA GLY F 172 11.17 43.24 3.10
C GLY F 172 12.31 43.95 3.82
N SER F 173 13.22 43.24 4.46
CA SER F 173 14.28 43.84 5.32
C SER F 173 15.37 44.50 4.46
N HIS F 174 15.44 44.18 3.18
CA HIS F 174 16.54 44.67 2.27
C HIS F 174 16.53 46.19 2.08
N VAL F 175 15.39 46.85 2.29
CA VAL F 175 15.28 48.33 2.12
C VAL F 175 15.56 49.06 3.44
N LEU F 176 15.72 48.36 4.57
CA LEU F 176 15.88 48.99 5.90
C LEU F 176 17.34 49.40 6.08
N ASN F 177 17.57 50.66 6.40
CA ASN F 177 18.93 51.20 6.64
C ASN F 177 18.83 52.38 7.59
N PRO F 178 18.31 52.22 8.82
CA PRO F 178 18.29 53.30 9.79
C PRO F 178 19.71 53.47 10.33
N ASP F 179 19.98 54.58 11.02
CA ASP F 179 21.26 54.82 11.71
C ASP F 179 21.45 53.77 12.82
N GLU F 180 22.69 53.29 12.97
CA GLU F 180 23.14 52.37 14.06
CA GLU F 180 23.12 52.39 14.08
C GLU F 180 22.49 50.99 13.97
N CYS F 181 22.15 50.57 12.77
CA CYS F 181 21.41 49.30 12.54
C CYS F 181 22.38 48.12 12.36
N TYR F 182 23.60 48.36 11.84
CA TYR F 182 24.53 47.27 11.41
C TYR F 182 25.87 47.47 12.11
N ASP F 183 26.47 46.41 12.66
CA ASP F 183 27.87 46.45 13.15
C ASP F 183 28.82 46.22 11.96
N GLU F 184 30.14 46.24 12.20
CA GLU F 184 31.16 46.11 11.13
C GLU F 184 31.11 44.71 10.49
N ARG F 185 30.47 43.72 11.14
CA ARG F 185 30.35 42.34 10.57
C ARG F 185 29.05 42.20 9.76
N GLY F 186 28.27 43.27 9.62
CA GLY F 186 26.98 43.21 8.91
C GLY F 186 25.87 42.59 9.75
N CYS F 187 26.08 42.45 11.06
CA CYS F 187 25.02 41.89 11.95
C CYS F 187 24.03 42.99 12.31
N VAL F 188 22.76 42.64 12.39
CA VAL F 188 21.66 43.58 12.71
C VAL F 188 21.59 43.75 14.23
N LEU F 189 21.60 45.01 14.66
CA LEU F 189 21.48 45.39 16.08
C LEU F 189 20.19 44.80 16.65
N PRO F 190 20.27 44.16 17.85
CA PRO F 190 19.12 43.50 18.45
C PRO F 190 17.87 44.37 18.54
N ALA F 191 18.00 45.64 18.92
CA ALA F 191 16.86 46.56 19.06
C ALA F 191 16.15 46.71 17.69
N GLU F 192 16.90 46.74 16.60
CA GLU F 192 16.31 46.90 15.22
C GLU F 192 15.63 45.60 14.81
N LEU F 193 16.23 44.45 15.13
CA LEU F 193 15.59 43.13 14.89
C LEU F 193 14.21 43.09 15.56
N GLU F 194 14.13 43.43 16.84
CA GLU F 194 12.89 43.20 17.63
C GLU F 194 11.84 44.19 17.12
N ARG F 195 12.24 45.41 16.76
CA ARG F 195 11.30 46.38 16.13
C ARG F 195 10.74 45.80 14.82
N ARG F 196 11.60 45.21 14.01
CA ARG F 196 11.19 44.66 12.69
C ARG F 196 10.30 43.45 12.91
N ARG F 197 10.64 42.59 13.88
CA ARG F 197 9.93 41.32 14.16
C ARG F 197 8.44 41.62 14.43
N ALA F 198 8.14 42.69 15.15
CA ALA F 198 6.74 43.08 15.48
C ALA F 198 5.95 43.41 14.19
N VAL F 199 6.59 43.97 13.18
CA VAL F 199 5.94 44.50 11.94
C VAL F 199 5.92 43.41 10.86
N ALA F 200 6.99 42.62 10.73
CA ALA F 200 7.20 41.65 9.62
C ALA F 200 8.17 40.58 10.10
N PRO F 201 7.66 39.54 10.80
CA PRO F 201 8.53 38.53 11.39
C PRO F 201 9.22 37.69 10.33
N PRO F 202 10.34 37.03 10.69
CA PRO F 202 11.03 36.15 9.74
C PRO F 202 10.20 34.92 9.35
N VAL F 203 10.58 34.27 8.26
CA VAL F 203 9.98 33.02 7.74
C VAL F 203 11.09 32.01 7.50
N ARG F 204 10.72 30.75 7.52
CA ARG F 204 11.62 29.62 7.28
C ARG F 204 10.75 28.54 6.66
N PHE F 205 11.21 27.90 5.60
CA PHE F 205 10.39 26.97 4.83
C PHE F 205 11.27 25.94 4.14
N PRO F 206 10.72 24.75 3.87
CA PRO F 206 11.43 23.76 3.06
C PRO F 206 11.66 24.32 1.65
N ILE F 207 12.81 23.97 1.07
CA ILE F 207 13.14 24.29 -0.34
C ILE F 207 13.65 23.00 -0.96
N PRO F 208 12.93 22.46 -1.98
CA PRO F 208 13.38 21.24 -2.64
C PRO F 208 14.65 21.49 -3.47
N VAL F 209 15.53 20.49 -3.49
CA VAL F 209 16.74 20.52 -4.37
C VAL F 209 16.21 20.70 -5.80
N GLY F 210 16.91 21.49 -6.61
CA GLY F 210 16.51 21.87 -7.97
C GLY F 210 15.94 23.28 -7.97
N SER F 211 15.69 23.84 -6.79
CA SER F 211 15.26 25.25 -6.63
C SER F 211 16.46 26.16 -6.71
N VAL F 212 16.21 27.43 -6.98
CA VAL F 212 17.18 28.55 -6.88
C VAL F 212 16.50 29.65 -6.09
N VAL F 213 17.17 30.18 -5.07
CA VAL F 213 16.72 31.38 -4.33
C VAL F 213 17.53 32.59 -4.87
N ILE F 214 16.82 33.64 -5.26
CA ILE F 214 17.47 34.95 -5.57
C ILE F 214 17.05 35.91 -4.47
N ARG F 215 18.02 36.59 -3.87
CA ARG F 215 17.68 37.56 -2.82
C ARG F 215 18.61 38.76 -2.89
N ASP F 216 18.08 39.91 -2.55
CA ASP F 216 18.85 41.15 -2.42
C ASP F 216 19.96 40.83 -1.42
N GLY F 217 21.19 41.21 -1.76
CA GLY F 217 22.38 40.97 -0.92
C GLY F 217 22.22 41.58 0.46
N ARG F 218 21.31 42.55 0.59
CA ARG F 218 21.09 43.33 1.81
C ARG F 218 20.00 42.72 2.69
N LEU F 219 19.36 41.63 2.23
CA LEU F 219 18.27 40.97 3.01
C LEU F 219 18.80 40.44 4.33
N TRP F 220 18.11 40.74 5.43
CA TRP F 220 18.42 40.11 6.73
C TRP F 220 18.11 38.62 6.64
N HIS F 221 19.02 37.78 7.13
CA HIS F 221 18.83 36.31 7.14
C HIS F 221 19.75 35.74 8.22
N ARG F 222 19.62 34.45 8.52
CA ARG F 222 20.64 33.75 9.35
C ARG F 222 20.60 32.26 9.02
N GLY F 223 21.78 31.65 9.00
CA GLY F 223 21.89 30.20 9.16
C GLY F 223 21.39 29.78 10.51
N VAL F 224 20.72 28.63 10.55
CA VAL F 224 20.16 28.07 11.82
C VAL F 224 20.69 26.65 11.97
N PRO F 225 20.51 26.05 13.16
CA PRO F 225 21.06 24.73 13.41
C PRO F 225 20.55 23.67 12.42
N ASN F 226 21.47 22.83 11.99
CA ASN F 226 21.20 21.57 11.28
C ASN F 226 21.04 20.49 12.38
N LEU F 227 19.82 20.01 12.59
CA LEU F 227 19.46 19.04 13.65
C LEU F 227 19.37 17.64 13.04
N SER F 228 19.76 17.50 11.75
CA SER F 228 19.78 16.19 11.07
C SER F 228 21.15 15.58 11.32
N ALA F 229 21.39 14.36 10.87
CA ALA F 229 22.68 13.66 11.08
C ALA F 229 23.57 13.84 9.85
N ALA F 230 23.20 14.70 8.90
CA ALA F 230 23.91 14.83 7.60
C ALA F 230 24.21 16.29 7.27
N PRO F 231 25.42 16.57 6.74
CA PRO F 231 25.76 17.92 6.30
C PRO F 231 24.82 18.44 5.20
N ARG F 232 24.46 19.72 5.26
CA ARG F 232 23.46 20.36 4.37
C ARG F 232 24.22 21.32 3.45
N PRO F 233 24.54 20.90 2.20
CA PRO F 233 25.31 21.75 1.30
C PRO F 233 24.49 22.77 0.49
N LEU F 234 24.96 24.01 0.47
CA LEU F 234 24.40 25.11 -0.36
C LEU F 234 25.52 25.61 -1.29
N LEU F 235 25.23 25.76 -2.57
CA LEU F 235 26.14 26.43 -3.54
C LEU F 235 25.67 27.88 -3.65
N ALA F 236 26.61 28.82 -3.62
CA ALA F 236 26.33 30.28 -3.49
C ALA F 236 27.01 31.04 -4.62
N MET F 237 26.25 31.88 -5.29
CA MET F 237 26.77 32.87 -6.25
C MET F 237 26.22 34.23 -5.87
N THR F 238 26.88 35.29 -6.29
CA THR F 238 26.39 36.68 -6.08
C THR F 238 26.68 37.49 -7.33
N HIS F 239 25.63 38.09 -7.88
CA HIS F 239 25.65 39.04 -9.01
C HIS F 239 25.72 40.45 -8.44
N TYR F 240 26.62 41.25 -8.99
CA TYR F 240 26.85 42.64 -8.55
C TYR F 240 26.78 43.57 -9.75
N THR F 241 26.35 44.81 -9.55
CA THR F 241 26.57 45.89 -10.56
C THR F 241 28.06 45.87 -10.91
N GLU F 242 28.40 46.26 -12.12
CA GLU F 242 29.76 46.15 -12.68
C GLU F 242 30.72 47.00 -11.82
N TRP F 243 30.25 48.10 -11.25
CA TRP F 243 31.09 49.08 -10.53
C TRP F 243 31.38 48.65 -9.06
N PHE F 244 30.82 47.57 -8.56
CA PHE F 244 31.10 47.12 -7.14
C PHE F 244 32.39 46.29 -7.10
N ASP F 245 33.35 46.73 -6.31
CA ASP F 245 34.69 46.09 -6.24
C ASP F 245 34.60 44.72 -5.58
N MET F 246 35.05 43.69 -6.28
CA MET F 246 35.10 42.28 -5.84
C MET F 246 36.33 41.65 -6.48
N PRO F 247 37.02 40.74 -5.76
CA PRO F 247 38.08 39.96 -6.38
C PRO F 247 37.47 39.04 -7.41
N PRO F 248 38.20 38.66 -8.47
CA PRO F 248 37.65 37.74 -9.45
C PRO F 248 37.59 36.30 -8.89
N ILE F 249 36.67 35.51 -9.43
CA ILE F 249 36.60 34.03 -9.25
C ILE F 249 37.75 33.43 -10.07
N GLN F 250 38.57 32.58 -9.45
CA GLN F 250 39.60 31.80 -10.16
C GLN F 250 38.90 30.63 -10.88
N LEU F 251 39.04 30.56 -12.20
CA LEU F 251 38.49 29.47 -13.03
C LEU F 251 39.60 28.92 -13.91
N PRO F 252 39.56 27.62 -14.25
CA PRO F 252 40.54 27.03 -15.16
C PRO F 252 40.32 27.62 -16.56
N ASP F 253 41.39 27.93 -17.28
CA ASP F 253 41.30 28.54 -18.63
C ASP F 253 40.64 27.53 -19.60
N THR F 254 40.48 26.26 -19.20
CA THR F 254 39.70 25.26 -19.98
C THR F 254 38.23 25.69 -20.15
N VAL F 255 37.66 26.57 -19.29
CA VAL F 255 36.24 27.02 -19.42
C VAL F 255 36.18 28.45 -19.96
N LYS F 256 37.32 29.07 -20.23
CA LYS F 256 37.37 30.43 -20.79
C LYS F 256 36.56 30.47 -22.09
N SER F 257 36.69 29.44 -22.93
CA SER F 257 36.02 29.38 -24.26
C SER F 257 34.53 29.74 -24.09
N TRP F 258 33.83 29.22 -23.07
CA TRP F 258 32.36 29.39 -22.88
C TRP F 258 32.01 30.42 -21.80
N VAL F 259 32.90 30.69 -20.84
CA VAL F 259 32.61 31.70 -19.78
C VAL F 259 32.86 33.11 -20.32
N ASP F 260 34.06 33.36 -20.85
CA ASP F 260 34.45 34.70 -21.36
C ASP F 260 33.71 34.91 -22.68
N GLY F 261 33.17 36.10 -22.92
CA GLY F 261 32.45 36.42 -24.18
C GLY F 261 30.96 36.06 -24.15
N SER F 262 30.46 35.40 -23.10
CA SER F 262 29.00 35.32 -22.80
C SER F 262 28.46 36.73 -22.50
N ASP F 263 27.21 37.01 -22.87
CA ASP F 263 26.42 38.20 -22.42
C ASP F 263 26.02 38.04 -20.94
N ARG F 264 26.27 36.88 -20.35
CA ARG F 264 26.06 36.60 -18.89
C ARG F 264 27.42 36.74 -18.23
N HIS F 265 27.71 37.93 -17.70
CA HIS F 265 29.10 38.29 -17.34
C HIS F 265 29.50 37.58 -16.05
N THR F 266 30.78 37.21 -15.99
CA THR F 266 31.46 36.68 -14.80
C THR F 266 32.72 37.52 -14.57
N HIS F 267 32.95 37.96 -13.33
CA HIS F 267 34.27 38.53 -12.93
C HIS F 267 35.20 37.35 -12.62
N ALA F 268 35.93 36.91 -13.63
CA ALA F 268 36.77 35.68 -13.59
C ALA F 268 38.22 36.02 -13.91
N HIS F 269 39.13 35.30 -13.28
CA HIS F 269 40.57 35.25 -13.63
C HIS F 269 40.82 33.82 -14.11
N PHE F 270 41.19 33.65 -15.38
CA PHE F 270 41.39 32.32 -15.98
C PHE F 270 42.83 31.88 -15.74
N VAL F 271 42.94 30.69 -15.16
CA VAL F 271 44.19 30.08 -14.61
C VAL F 271 44.43 28.80 -15.40
N ALA F 272 45.69 28.41 -15.61
CA ALA F 272 46.05 27.15 -16.31
C ALA F 272 45.76 25.94 -15.41
N GLY F 273 44.50 25.52 -15.31
CA GLY F 273 44.11 24.33 -14.51
C GLY F 273 44.43 24.49 -13.05
N ASP F 274 44.69 23.39 -12.33
CA ASP F 274 45.25 23.35 -10.95
C ASP F 274 44.63 24.47 -10.08
N VAL F 275 43.30 24.58 -10.03
CA VAL F 275 42.67 25.56 -9.10
C VAL F 275 42.32 24.81 -7.81
N ASP F 276 42.98 25.17 -6.70
CA ASP F 276 42.87 24.43 -5.41
C ASP F 276 42.36 25.42 -4.36
N HIS F 277 41.25 25.12 -3.68
CA HIS F 277 40.64 26.02 -2.65
C HIS F 277 41.28 25.75 -1.29
#